data_5SDD
#
_entry.id   5SDD
#
_cell.length_a   101.524
_cell.length_b   117.283
_cell.length_c   147.875
_cell.angle_alpha   90.000
_cell.angle_beta   90.000
_cell.angle_gamma   90.000
#
_symmetry.space_group_name_H-M   'P 21 21 21'
#
loop_
_entity.id
_entity.type
_entity.pdbx_description
1 polymer 'Asp/Glu-specific dipeptidyl-peptidase'
2 non-polymer 2-[(4-methyl-1H-imidazol-5-yl)methyl]-1,2,3,4-tetrahydroisoquinoline
3 non-polymer 'CHLORIDE ION'
4 water water
#
_entity_poly.entity_id   1
_entity_poly.type   'polypeptide(L)'
_entity_poly.pdbx_seq_one_letter_code
;MDEGMWLMQQLGRKYAQMKERGLKMKEYDLYNPNGTSLKDAVVLFDGGCTGEVVSDRGLVLTNHHCGYDMIQAHSTLEHN
YLENGFWAMREADELPNKDISVVFIDKIEDVTDYVKKELKAIKDPNSMDYLSPKYLQKLADKKAGKNFSAKNPGLSVEIK
AFYGGNLYLMFTKKTYTDVRLVGAPPSSIGKFGADTDNWIWPRHTGDFSIFRIYADKNGNPAPYSEDNVPLKPKRFFNIS
LGGVQENDYAMIMGFPGTTHRYFTASEVDEWKSIDNDIRIRMRDIRQGVMLREMLADPQIKIMYSAKYAASQNAYKRAIG
ANWAIKTRGLRQNKQAMQDRLIAWGAKQGTPRYEEAVHEIDATVAKRADLRRRYWMIEEGIIRGIEFARSPIPTEDETKA
LQGNDASARKEAIDKIRTRYSKFANKDYSAEVDKKVAVAMLTEYLKEIPYENLPLHLRLVKDRFAGDVQAYVDDIFARSV
FGSEAQFDAFAAVPSVEKLAEDPMVLFASSVFDEYRKLYNELRPYDDPILRAQRTYIAGLLEMDGDQDQFPDANLTLRFT
YGQVKGYSPRDNVYYGHQTTLDGVMEKEDPDNWEFVVDPKLKAVYERKDFGRYADRSGRMPVAFCATTHTTGGNSGSPVM
NANGELIGLNFDRNWEGVGGDIQYLADYQRSIIVDIRYVLLVIDKVGGCQRLLDEMNIVPAHHHHHH
;
_entity_poly.pdbx_strand_id   A,B
#
loop_
_chem_comp.id
_chem_comp.type
_chem_comp.name
_chem_comp.formula
2L1 non-polymer 2-[(4-methyl-1H-imidazol-5-yl)methyl]-1,2,3,4-tetrahydroisoquinoline 'C14 H17 N3'
CL non-polymer 'CHLORIDE ION' 'Cl -1'
#
# COMPACT_ATOMS: atom_id res chain seq x y z
N ASP A 2 18.69 -14.38 19.16
CA ASP A 2 18.87 -13.49 20.30
C ASP A 2 17.81 -13.87 21.34
N GLU A 3 16.58 -13.28 21.31
CA GLU A 3 15.50 -13.68 22.21
C GLU A 3 14.99 -14.92 21.53
N GLY A 4 15.06 -16.06 22.20
CA GLY A 4 14.92 -17.33 21.49
C GLY A 4 13.86 -18.37 21.65
N MET A 5 14.18 -19.56 21.11
CA MET A 5 13.31 -20.74 21.15
C MET A 5 14.00 -21.74 22.04
N TRP A 6 13.72 -21.62 23.32
CA TRP A 6 14.40 -22.38 24.34
C TRP A 6 13.93 -23.81 24.52
N LEU A 7 14.87 -24.70 24.77
CA LEU A 7 14.57 -26.08 25.14
C LEU A 7 13.83 -26.06 26.48
N MET A 8 12.96 -27.07 26.74
CA MET A 8 12.28 -27.13 28.03
C MET A 8 13.27 -27.25 29.19
N GLN A 9 14.41 -27.94 28.97
CA GLN A 9 15.53 -28.11 29.93
C GLN A 9 16.11 -26.75 30.34
N GLN A 10 16.09 -25.77 29.43
CA GLN A 10 16.64 -24.46 29.70
C GLN A 10 15.76 -23.60 30.61
N LEU A 11 14.52 -24.03 30.95
CA LEU A 11 13.64 -23.23 31.82
C LEU A 11 14.27 -22.92 33.19
N GLY A 12 15.00 -23.86 33.78
CA GLY A 12 15.68 -23.65 35.05
C GLY A 12 16.64 -22.46 35.04
N ARG A 13 17.52 -22.41 34.06
CA ARG A 13 18.51 -21.34 33.96
C ARG A 13 17.93 -20.02 33.38
N LYS A 14 16.71 -20.06 32.81
CA LYS A 14 16.07 -18.84 32.28
C LYS A 14 15.05 -18.20 33.24
N TYR A 15 14.53 -19.00 34.18
CA TYR A 15 13.48 -18.66 35.13
C TYR A 15 13.66 -17.32 35.82
N ALA A 16 14.87 -17.01 36.33
CA ALA A 16 15.10 -15.73 37.03
C ALA A 16 14.93 -14.56 36.09
N GLN A 17 15.41 -14.68 34.83
CA GLN A 17 15.21 -13.61 33.83
C GLN A 17 13.73 -13.46 33.50
N MET A 18 13.00 -14.59 33.41
CA MET A 18 11.58 -14.55 33.10
C MET A 18 10.78 -13.92 34.22
N LYS A 19 11.14 -14.23 35.47
CA LYS A 19 10.48 -13.68 36.65
C LYS A 19 10.71 -12.18 36.75
N GLU A 20 11.92 -11.71 36.43
CA GLU A 20 12.20 -10.28 36.45
C GLU A 20 11.40 -9.55 35.35
N ARG A 21 11.15 -10.23 34.20
CA ARG A 21 10.35 -9.70 33.10
C ARG A 21 8.83 -9.75 33.35
N GLY A 22 8.38 -10.37 34.45
CA GLY A 22 6.97 -10.39 34.77
C GLY A 22 6.36 -11.75 35.08
N LEU A 23 7.04 -12.85 34.76
CA LEU A 23 6.50 -14.20 35.03
C LEU A 23 6.13 -14.39 36.52
N LYS A 24 4.90 -14.82 36.80
CA LYS A 24 4.44 -15.02 38.18
C LYS A 24 4.29 -16.48 38.58
N MET A 25 4.17 -17.40 37.61
CA MET A 25 3.94 -18.80 37.97
C MET A 25 5.21 -19.51 38.45
N LYS A 26 5.02 -20.56 39.28
CA LYS A 26 6.15 -21.35 39.78
C LYS A 26 6.76 -22.11 38.59
N GLU A 27 8.09 -22.30 38.62
CA GLU A 27 8.84 -22.95 37.55
C GLU A 27 8.26 -24.29 37.13
N TYR A 28 8.02 -25.17 38.11
CA TYR A 28 7.52 -26.52 37.86
C TYR A 28 6.03 -26.59 37.47
N ASP A 29 5.29 -25.50 37.66
CA ASP A 29 3.91 -25.44 37.18
C ASP A 29 3.93 -25.25 35.63
N LEU A 30 4.98 -24.61 35.09
CA LEU A 30 5.14 -24.41 33.66
C LEU A 30 5.79 -25.65 33.00
N TYR A 31 6.86 -26.16 33.60
CA TYR A 31 7.51 -27.38 33.13
C TYR A 31 8.21 -28.12 34.26
N ASN A 32 7.91 -29.38 34.40
CA ASN A 32 8.50 -30.24 35.40
C ASN A 32 8.83 -31.55 34.71
N PRO A 33 10.11 -31.91 34.61
CA PRO A 33 10.46 -33.19 33.98
C PRO A 33 9.99 -34.44 34.73
N ASN A 34 9.63 -34.30 36.00
CA ASN A 34 9.18 -35.42 36.84
C ASN A 34 7.73 -35.30 37.34
N GLY A 35 6.88 -34.64 36.57
CA GLY A 35 5.49 -34.46 36.97
C GLY A 35 4.71 -33.49 36.12
N THR A 36 3.38 -33.52 36.26
CA THR A 36 2.43 -32.71 35.50
C THR A 36 2.74 -31.19 35.54
N SER A 37 2.69 -30.57 34.37
CA SER A 37 2.94 -29.14 34.19
C SER A 37 2.15 -28.62 32.98
N LEU A 38 2.16 -27.28 32.75
CA LEU A 38 1.48 -26.64 31.64
C LEU A 38 1.92 -27.19 30.28
N LYS A 39 3.19 -27.67 30.19
CA LYS A 39 3.74 -28.33 29.01
C LYS A 39 2.83 -29.50 28.55
N ASP A 40 2.14 -30.16 29.50
CA ASP A 40 1.28 -31.28 29.17
C ASP A 40 0.00 -30.90 28.47
N ALA A 41 -0.38 -29.62 28.48
CA ALA A 41 -1.57 -29.17 27.76
C ALA A 41 -1.21 -28.74 26.29
N VAL A 42 0.07 -28.90 25.86
CA VAL A 42 0.50 -28.48 24.54
C VAL A 42 0.58 -29.69 23.60
N VAL A 43 0.05 -29.54 22.37
CA VAL A 43 0.12 -30.64 21.39
C VAL A 43 0.71 -30.19 20.07
N LEU A 44 1.31 -31.14 19.35
CA LEU A 44 1.73 -30.93 17.98
C LEU A 44 0.47 -31.38 17.23
N PHE A 45 -0.21 -30.44 16.59
CA PHE A 45 -1.45 -30.63 15.87
C PHE A 45 -1.20 -30.98 14.42
N ASP A 46 -1.69 -32.15 14.00
CA ASP A 46 -1.61 -32.61 12.61
C ASP A 46 -0.20 -32.51 11.98
N GLY A 47 0.82 -32.90 12.76
CA GLY A 47 2.20 -32.94 12.31
C GLY A 47 2.93 -31.66 11.93
N GLY A 48 2.25 -30.52 11.96
CA GLY A 48 2.87 -29.25 11.60
C GLY A 48 2.57 -28.12 12.57
N CYS A 49 1.33 -27.98 12.93
CA CYS A 49 0.85 -26.90 13.77
C CYS A 49 1.02 -27.23 15.25
N THR A 50 0.76 -26.24 16.09
CA THR A 50 0.69 -26.41 17.53
C THR A 50 -0.81 -26.28 17.89
N GLY A 51 -1.18 -26.90 18.99
CA GLY A 51 -2.51 -26.80 19.57
C GLY A 51 -2.43 -26.79 21.07
N GLU A 52 -3.58 -26.62 21.73
CA GLU A 52 -3.62 -26.63 23.20
C GLU A 52 -4.92 -27.16 23.73
N VAL A 53 -4.84 -27.94 24.81
CA VAL A 53 -6.01 -28.50 25.49
C VAL A 53 -6.57 -27.42 26.41
N VAL A 54 -7.87 -27.12 26.29
CA VAL A 54 -8.51 -26.05 27.04
C VAL A 54 -9.70 -26.52 27.89
N SER A 55 -9.89 -27.83 28.09
CA SER A 55 -10.96 -28.36 28.96
C SER A 55 -10.62 -29.74 29.52
N ASP A 56 -11.32 -30.18 30.59
CA ASP A 56 -11.14 -31.54 31.13
C ASP A 56 -11.82 -32.62 30.26
N ARG A 57 -12.42 -32.22 29.13
CA ARG A 57 -13.01 -33.14 28.17
C ARG A 57 -12.23 -33.13 26.83
N GLY A 58 -10.94 -32.76 26.88
CA GLY A 58 -10.06 -32.82 25.72
C GLY A 58 -10.33 -31.86 24.58
N LEU A 59 -10.96 -30.71 24.88
CA LEU A 59 -11.21 -29.71 23.85
C LEU A 59 -9.86 -29.09 23.47
N VAL A 60 -9.64 -28.87 22.18
CA VAL A 60 -8.38 -28.36 21.64
C VAL A 60 -8.60 -27.11 20.78
N LEU A 61 -7.79 -26.08 21.00
CA LEU A 61 -7.81 -24.90 20.15
C LEU A 61 -6.53 -24.92 19.30
N THR A 62 -6.65 -24.53 18.06
CA THR A 62 -5.56 -24.33 17.10
C THR A 62 -6.01 -23.23 16.10
N ASN A 63 -5.23 -22.94 15.06
CA ASN A 63 -5.62 -21.95 14.07
C ASN A 63 -6.66 -22.49 13.10
N HIS A 64 -7.35 -21.55 12.43
CA HIS A 64 -8.30 -21.87 11.39
C HIS A 64 -7.52 -22.42 10.20
N HIS A 65 -6.35 -21.83 9.86
CA HIS A 65 -5.54 -22.34 8.75
C HIS A 65 -4.97 -23.72 9.05
N CYS A 66 -4.88 -24.13 10.33
CA CYS A 66 -4.43 -25.46 10.76
C CYS A 66 -5.55 -26.50 10.61
N GLY A 67 -6.77 -26.11 10.89
CA GLY A 67 -7.94 -26.98 10.73
C GLY A 67 -8.65 -26.85 9.40
N TYR A 68 -8.15 -25.97 8.51
CA TYR A 68 -8.72 -25.68 7.19
C TYR A 68 -9.06 -26.97 6.39
N ASP A 69 -8.10 -27.89 6.20
CA ASP A 69 -8.33 -29.13 5.45
C ASP A 69 -9.46 -29.97 6.02
N MET A 70 -9.59 -30.05 7.37
CA MET A 70 -10.65 -30.83 8.00
C MET A 70 -12.00 -30.16 7.80
N ILE A 71 -12.05 -28.83 7.92
CA ILE A 71 -13.29 -28.07 7.72
C ILE A 71 -13.76 -28.21 6.27
N GLN A 72 -12.80 -28.18 5.31
CA GLN A 72 -13.02 -28.33 3.87
C GLN A 72 -13.50 -29.75 3.52
N ALA A 73 -12.89 -30.80 4.12
CA ALA A 73 -13.27 -32.19 3.87
C ALA A 73 -14.71 -32.51 4.33
N HIS A 74 -15.21 -31.79 5.33
CA HIS A 74 -16.59 -31.98 5.82
C HIS A 74 -17.58 -31.02 5.15
N SER A 75 -17.11 -30.11 4.29
CA SER A 75 -17.99 -29.15 3.62
C SER A 75 -18.53 -29.70 2.30
N THR A 76 -19.83 -29.48 2.08
CA THR A 76 -20.56 -29.85 0.87
C THR A 76 -21.36 -28.60 0.38
N LEU A 77 -22.08 -28.71 -0.75
CA LEU A 77 -22.93 -27.61 -1.22
C LEU A 77 -24.09 -27.41 -0.21
N GLU A 78 -24.57 -28.49 0.42
CA GLU A 78 -25.67 -28.45 1.40
C GLU A 78 -25.25 -27.87 2.75
N HIS A 79 -24.05 -28.22 3.23
CA HIS A 79 -23.53 -27.67 4.48
C HIS A 79 -22.11 -27.16 4.26
N ASN A 80 -21.97 -25.93 3.74
CA ASN A 80 -20.64 -25.37 3.50
C ASN A 80 -20.04 -24.82 4.79
N TYR A 81 -19.31 -25.67 5.53
CA TYR A 81 -18.69 -25.27 6.77
C TYR A 81 -17.54 -24.29 6.57
N LEU A 82 -16.82 -24.40 5.45
CA LEU A 82 -15.72 -23.49 5.16
C LEU A 82 -16.21 -22.03 5.08
N GLU A 83 -17.34 -21.83 4.40
CA GLU A 83 -17.93 -20.51 4.21
C GLU A 83 -18.76 -20.02 5.41
N ASN A 84 -19.55 -20.90 6.02
CA ASN A 84 -20.48 -20.49 7.07
C ASN A 84 -20.06 -20.75 8.50
N GLY A 85 -19.01 -21.53 8.68
CA GLY A 85 -18.58 -21.97 9.99
C GLY A 85 -19.24 -23.29 10.37
N PHE A 86 -18.78 -23.90 11.45
CA PHE A 86 -19.34 -25.18 11.92
C PHE A 86 -19.42 -25.11 13.44
N TRP A 87 -20.54 -25.52 14.01
CA TRP A 87 -20.72 -25.48 15.47
C TRP A 87 -21.51 -26.69 15.94
N ALA A 88 -20.81 -27.77 16.33
CA ALA A 88 -21.46 -28.99 16.81
C ALA A 88 -22.17 -28.67 18.12
N MET A 89 -23.51 -28.86 18.19
CA MET A 89 -24.26 -28.51 19.40
C MET A 89 -24.25 -29.61 20.48
N ARG A 90 -23.67 -30.76 20.17
CA ARG A 90 -23.50 -31.86 21.12
C ARG A 90 -22.26 -32.62 20.72
N GLU A 91 -21.60 -33.27 21.68
CA GLU A 91 -20.40 -34.07 21.44
C GLU A 91 -20.59 -35.11 20.33
N ALA A 92 -21.78 -35.72 20.27
CA ALA A 92 -22.12 -36.73 19.26
C ALA A 92 -22.13 -36.14 17.83
N ASP A 93 -22.30 -34.82 17.69
CA ASP A 93 -22.29 -34.13 16.40
C ASP A 93 -20.89 -33.73 15.93
N GLU A 94 -19.85 -33.93 16.77
CA GLU A 94 -18.47 -33.58 16.38
C GLU A 94 -17.98 -34.54 15.31
N LEU A 95 -17.40 -34.00 14.24
CA LEU A 95 -17.03 -34.78 13.07
C LEU A 95 -15.64 -35.43 13.10
N PRO A 96 -15.57 -36.77 12.98
CA PRO A 96 -14.26 -37.42 12.94
C PRO A 96 -13.46 -37.00 11.71
N ASN A 97 -12.14 -37.05 11.81
CA ASN A 97 -11.28 -36.69 10.69
C ASN A 97 -10.33 -37.80 10.39
N LYS A 98 -10.26 -38.21 9.12
CA LYS A 98 -9.33 -39.24 8.69
C LYS A 98 -7.95 -38.61 8.55
N ASP A 99 -6.91 -39.37 8.94
CA ASP A 99 -5.49 -38.99 8.86
C ASP A 99 -5.10 -37.80 9.73
N ILE A 100 -5.74 -37.62 10.88
CA ILE A 100 -5.40 -36.55 11.80
C ILE A 100 -4.64 -37.13 12.99
N SER A 101 -3.85 -36.29 13.67
CA SER A 101 -3.16 -36.70 14.88
C SER A 101 -2.89 -35.51 15.80
N VAL A 102 -2.70 -35.82 17.07
CA VAL A 102 -2.32 -34.87 18.10
C VAL A 102 -1.20 -35.58 18.85
N VAL A 103 -0.09 -34.89 19.07
CA VAL A 103 1.03 -35.49 19.78
C VAL A 103 1.33 -34.73 21.07
N PHE A 104 1.32 -35.44 22.20
CA PHE A 104 1.68 -34.89 23.48
C PHE A 104 3.15 -35.20 23.73
N ILE A 105 3.89 -34.26 24.34
CA ILE A 105 5.27 -34.51 24.70
C ILE A 105 5.31 -34.98 26.17
N ASP A 106 5.12 -36.27 26.36
CA ASP A 106 5.04 -36.91 27.67
C ASP A 106 6.29 -36.71 28.52
N LYS A 107 7.46 -37.03 27.97
CA LYS A 107 8.73 -36.89 28.67
C LYS A 107 9.79 -36.36 27.72
N ILE A 108 10.77 -35.66 28.26
CA ILE A 108 11.92 -35.17 27.51
C ILE A 108 13.11 -35.48 28.38
N GLU A 109 14.13 -36.10 27.80
CA GLU A 109 15.32 -36.45 28.56
C GLU A 109 16.59 -36.16 27.77
N ASP A 110 17.58 -35.53 28.42
CA ASP A 110 18.87 -35.27 27.81
C ASP A 110 19.62 -36.60 27.69
N VAL A 111 19.91 -37.02 26.44
CA VAL A 111 20.64 -38.27 26.19
C VAL A 111 21.98 -38.03 25.49
N THR A 112 22.56 -36.82 25.66
CA THR A 112 23.82 -36.43 25.00
C THR A 112 24.98 -37.40 25.28
N ASP A 113 25.26 -37.70 26.57
CA ASP A 113 26.35 -38.59 26.94
C ASP A 113 26.17 -40.00 26.39
N TYR A 114 24.93 -40.52 26.41
CA TYR A 114 24.57 -41.81 25.85
C TYR A 114 24.83 -41.84 24.34
N VAL A 115 24.34 -40.83 23.59
CA VAL A 115 24.55 -40.79 22.13
C VAL A 115 26.04 -40.63 21.79
N LYS A 116 26.74 -39.72 22.48
CA LYS A 116 28.16 -39.49 22.25
C LYS A 116 29.01 -40.74 22.58
N LYS A 117 28.59 -41.55 23.57
CA LYS A 117 29.30 -42.79 23.88
C LYS A 117 29.08 -43.78 22.74
N GLU A 118 27.82 -43.94 22.28
CA GLU A 118 27.48 -44.85 21.18
C GLU A 118 28.21 -44.47 19.88
N LEU A 119 28.33 -43.13 19.62
CA LEU A 119 28.99 -42.60 18.43
C LEU A 119 30.49 -42.91 18.38
N LYS A 120 31.14 -43.08 19.55
CA LYS A 120 32.56 -43.45 19.64
C LYS A 120 32.88 -44.76 18.92
N ALA A 121 31.87 -45.62 18.67
CA ALA A 121 32.08 -46.86 17.94
C ALA A 121 32.29 -46.64 16.41
N ILE A 122 32.72 -45.39 16.05
CA ILE A 122 33.13 -44.75 14.79
C ILE A 122 33.96 -45.63 13.87
N LYS A 123 33.38 -46.11 12.78
CA LYS A 123 34.16 -46.85 11.78
C LYS A 123 34.73 -45.88 10.68
N ASP A 124 34.37 -44.57 10.75
CA ASP A 124 34.71 -43.50 9.81
C ASP A 124 34.42 -42.14 10.51
N PRO A 125 35.44 -41.27 10.67
CA PRO A 125 35.20 -39.98 11.35
C PRO A 125 34.30 -39.01 10.59
N ASN A 126 34.16 -39.23 9.28
CA ASN A 126 33.30 -38.42 8.41
C ASN A 126 31.86 -38.95 8.31
N SER A 127 31.51 -40.00 9.10
CA SER A 127 30.18 -40.58 9.14
C SER A 127 29.13 -39.54 9.52
N MET A 128 28.02 -39.54 8.80
CA MET A 128 26.90 -38.64 9.11
C MET A 128 25.84 -39.31 10.00
N ASP A 129 26.17 -40.44 10.64
CA ASP A 129 25.25 -41.16 11.51
C ASP A 129 24.76 -40.31 12.67
N TYR A 130 25.60 -39.40 13.17
CA TYR A 130 25.27 -38.53 14.27
C TYR A 130 24.04 -37.63 13.99
N LEU A 131 23.63 -37.48 12.72
CA LEU A 131 22.44 -36.73 12.32
C LEU A 131 21.36 -37.61 11.65
N SER A 132 21.64 -38.89 11.48
CA SER A 132 20.75 -39.82 10.79
C SER A 132 19.55 -40.19 11.64
N PRO A 133 18.33 -39.94 11.12
CA PRO A 133 17.12 -40.34 11.86
C PRO A 133 17.04 -41.85 12.05
N LYS A 134 17.55 -42.62 11.08
CA LYS A 134 17.60 -44.08 11.18
C LYS A 134 18.54 -44.51 12.32
N TYR A 135 19.76 -43.94 12.36
CA TYR A 135 20.72 -44.29 13.40
C TYR A 135 20.23 -43.88 14.79
N LEU A 136 19.72 -42.66 14.92
CA LEU A 136 19.22 -42.14 16.19
C LEU A 136 18.00 -42.93 16.68
N GLN A 137 17.16 -43.44 15.75
CA GLN A 137 16.01 -44.28 16.12
C GLN A 137 16.48 -45.62 16.70
N LYS A 138 17.57 -46.18 16.15
CA LYS A 138 18.18 -47.40 16.67
C LYS A 138 18.64 -47.17 18.12
N LEU A 139 19.17 -45.96 18.43
CA LEU A 139 19.61 -45.64 19.78
C LEU A 139 18.46 -45.40 20.73
N ALA A 140 17.39 -44.79 20.23
CA ALA A 140 16.18 -44.52 21.02
C ALA A 140 15.53 -45.87 21.39
N ASP A 141 15.42 -46.80 20.42
CA ASP A 141 14.87 -48.14 20.62
C ASP A 141 15.71 -48.96 21.61
N LYS A 142 17.04 -48.84 21.55
CA LYS A 142 17.93 -49.53 22.44
C LYS A 142 17.73 -49.06 23.88
N LYS A 143 17.59 -47.74 24.06
CA LYS A 143 17.40 -47.17 25.39
C LYS A 143 15.97 -47.43 25.95
N ALA A 144 14.93 -47.29 25.11
CA ALA A 144 13.54 -47.50 25.52
C ALA A 144 13.29 -48.96 25.89
N GLY A 145 13.87 -49.88 25.12
CA GLY A 145 13.73 -51.30 25.37
C GLY A 145 13.13 -52.12 24.23
N LYS A 146 13.15 -53.45 24.40
CA LYS A 146 12.60 -54.39 23.43
C LYS A 146 11.06 -54.31 23.41
N ASN A 147 10.48 -53.99 22.23
CA ASN A 147 9.04 -53.85 21.98
C ASN A 147 8.34 -52.81 22.91
N PHE A 148 8.95 -51.63 23.09
CA PHE A 148 8.40 -50.56 23.93
C PHE A 148 6.98 -50.16 23.46
N SER A 149 6.79 -50.10 22.13
CA SER A 149 5.54 -49.72 21.48
C SER A 149 4.39 -50.64 21.82
N ALA A 150 4.66 -51.95 21.89
CA ALA A 150 3.63 -52.93 22.20
C ALA A 150 3.35 -52.97 23.70
N LYS A 151 4.37 -52.75 24.54
CA LYS A 151 4.23 -52.72 25.99
C LYS A 151 3.62 -51.40 26.51
N ASN A 152 3.62 -50.33 25.68
CA ASN A 152 3.05 -49.03 26.05
C ASN A 152 2.20 -48.49 24.91
N PRO A 153 0.98 -49.03 24.69
CA PRO A 153 0.16 -48.56 23.55
C PRO A 153 -0.20 -47.08 23.60
N GLY A 154 0.27 -46.37 22.61
CA GLY A 154 0.07 -44.94 22.52
C GLY A 154 1.36 -44.16 22.63
N LEU A 155 2.38 -44.73 23.30
CA LEU A 155 3.67 -44.07 23.48
C LEU A 155 4.70 -44.48 22.40
N SER A 156 5.56 -43.53 22.00
CA SER A 156 6.66 -43.77 21.07
C SER A 156 7.87 -42.91 21.47
N VAL A 157 9.05 -43.32 21.03
CA VAL A 157 10.28 -42.66 21.43
C VAL A 157 11.07 -42.12 20.22
N GLU A 158 11.69 -40.95 20.38
CA GLU A 158 12.45 -40.34 19.30
C GLU A 158 13.64 -39.55 19.84
N ILE A 159 14.82 -39.71 19.24
CA ILE A 159 16.00 -38.94 19.61
C ILE A 159 16.26 -37.94 18.50
N LYS A 160 16.52 -36.69 18.86
CA LYS A 160 16.85 -35.66 17.90
C LYS A 160 18.19 -35.01 18.30
N ALA A 161 18.94 -34.56 17.29
CA ALA A 161 20.18 -33.83 17.44
C ALA A 161 19.85 -32.33 17.54
N PHE A 162 20.61 -31.61 18.37
CA PHE A 162 20.47 -30.17 18.59
C PHE A 162 21.86 -29.56 18.56
N TYR A 163 21.94 -28.25 18.26
CA TYR A 163 23.22 -27.53 18.24
C TYR A 163 24.22 -28.19 17.28
N GLY A 164 23.74 -28.64 16.13
CA GLY A 164 24.57 -29.27 15.11
C GLY A 164 25.20 -30.60 15.50
N GLY A 165 24.58 -31.31 16.44
CA GLY A 165 25.09 -32.59 16.89
C GLY A 165 25.86 -32.52 18.20
N ASN A 166 25.71 -31.41 18.94
CA ASN A 166 26.38 -31.27 20.25
C ASN A 166 25.48 -31.58 21.44
N LEU A 167 24.19 -31.75 21.21
CA LEU A 167 23.24 -32.07 22.28
C LEU A 167 22.17 -32.99 21.72
N TYR A 168 21.74 -34.00 22.49
CA TYR A 168 20.69 -34.92 22.03
C TYR A 168 19.60 -35.03 23.05
N LEU A 169 18.35 -35.06 22.59
CA LEU A 169 17.22 -35.22 23.50
C LEU A 169 16.36 -36.36 23.03
N MET A 170 15.85 -37.15 24.00
CA MET A 170 14.91 -38.20 23.70
C MET A 170 13.51 -37.76 24.14
N PHE A 171 12.57 -37.85 23.23
CA PHE A 171 11.21 -37.45 23.49
C PHE A 171 10.36 -38.69 23.58
N THR A 172 9.53 -38.76 24.63
CA THR A 172 8.55 -39.82 24.75
C THR A 172 7.25 -39.13 24.37
N LYS A 173 6.65 -39.57 23.28
CA LYS A 173 5.47 -38.96 22.71
C LYS A 173 4.24 -39.83 22.86
N LYS A 174 3.09 -39.21 23.10
CA LYS A 174 1.83 -39.94 23.19
C LYS A 174 0.95 -39.41 22.07
N THR A 175 0.61 -40.25 21.09
CA THR A 175 -0.13 -39.81 19.92
C THR A 175 -1.59 -40.27 19.92
N TYR A 176 -2.54 -39.35 19.68
CA TYR A 176 -3.98 -39.65 19.57
C TYR A 176 -4.42 -39.41 18.13
N THR A 177 -5.18 -40.34 17.52
CA THR A 177 -5.59 -40.19 16.11
C THR A 177 -7.09 -40.02 15.90
N ASP A 178 -7.88 -40.01 16.97
CA ASP A 178 -9.30 -39.72 16.86
C ASP A 178 -9.45 -38.27 17.36
N VAL A 179 -9.37 -37.29 16.45
CA VAL A 179 -9.46 -35.87 16.82
C VAL A 179 -10.56 -35.29 15.95
N ARG A 180 -11.65 -34.95 16.59
CA ARG A 180 -12.87 -34.53 15.89
C ARG A 180 -13.05 -33.04 15.80
N LEU A 181 -13.64 -32.57 14.69
CA LEU A 181 -13.93 -31.17 14.47
C LEU A 181 -15.11 -30.78 15.34
N VAL A 182 -14.93 -29.72 16.15
CA VAL A 182 -15.96 -29.27 17.08
C VAL A 182 -16.54 -27.93 16.66
N GLY A 183 -15.66 -27.00 16.29
CA GLY A 183 -16.11 -25.66 15.92
C GLY A 183 -15.15 -24.91 15.05
N ALA A 184 -15.68 -24.02 14.23
CA ALA A 184 -14.85 -23.19 13.36
C ALA A 184 -15.68 -21.98 12.97
N PRO A 185 -15.05 -20.79 12.98
CA PRO A 185 -15.78 -19.61 12.51
C PRO A 185 -15.90 -19.67 10.98
N PRO A 186 -16.75 -18.81 10.36
CA PRO A 186 -16.76 -18.74 8.90
C PRO A 186 -15.39 -18.30 8.38
N SER A 187 -15.07 -18.64 7.13
CA SER A 187 -13.79 -18.24 6.55
C SER A 187 -13.60 -16.72 6.52
N SER A 188 -14.71 -15.95 6.50
CA SER A 188 -14.65 -14.49 6.51
C SER A 188 -14.01 -13.97 7.83
N ILE A 189 -14.06 -14.76 8.92
CA ILE A 189 -13.42 -14.44 10.18
C ILE A 189 -12.07 -15.17 10.28
N GLY A 190 -12.06 -16.49 10.06
CA GLY A 190 -10.88 -17.34 10.18
C GLY A 190 -9.73 -16.98 9.26
N LYS A 191 -10.04 -16.43 8.09
CA LYS A 191 -9.04 -15.95 7.15
C LYS A 191 -9.45 -14.59 6.60
N PHE A 192 -9.90 -13.69 7.49
CA PHE A 192 -10.31 -12.33 7.10
C PHE A 192 -9.36 -11.61 6.14
N GLY A 193 -8.09 -11.47 6.48
CA GLY A 193 -7.18 -10.78 5.56
C GLY A 193 -6.96 -11.51 4.25
N ALA A 194 -7.13 -12.85 4.28
CA ALA A 194 -6.91 -13.81 3.21
C ALA A 194 -5.44 -13.67 2.71
N ASP A 195 -5.08 -13.57 1.40
CA ASP A 195 -3.69 -13.41 1.02
C ASP A 195 -3.20 -11.97 1.18
N THR A 196 -4.08 -10.97 1.06
CA THR A 196 -3.69 -9.55 1.17
C THR A 196 -3.01 -9.21 2.51
N ASP A 197 -3.54 -9.73 3.62
CA ASP A 197 -2.98 -9.47 4.94
C ASP A 197 -2.01 -10.54 5.44
N ASN A 198 -1.60 -11.50 4.60
CA ASN A 198 -0.62 -12.52 5.03
C ASN A 198 0.71 -11.83 5.40
N TRP A 199 1.32 -12.23 6.53
CA TRP A 199 2.56 -11.58 7.02
C TRP A 199 2.34 -10.12 7.39
N ILE A 200 1.08 -9.64 7.53
CA ILE A 200 0.82 -8.24 7.85
C ILE A 200 0.40 -8.01 9.28
N TRP A 201 0.99 -7.01 9.89
CA TRP A 201 0.57 -6.38 11.13
C TRP A 201 0.41 -4.90 10.78
N PRO A 202 -0.70 -4.21 11.14
CA PRO A 202 -1.87 -4.68 11.92
C PRO A 202 -2.65 -5.80 11.26
N ARG A 203 -3.21 -6.69 12.07
CA ARG A 203 -3.92 -7.85 11.57
C ARG A 203 -5.28 -7.94 12.28
N HIS A 204 -6.34 -8.35 11.56
CA HIS A 204 -7.71 -8.40 12.09
C HIS A 204 -8.41 -9.76 11.84
N THR A 205 -7.62 -10.81 11.83
CA THR A 205 -8.08 -12.15 11.51
C THR A 205 -8.34 -12.99 12.76
N GLY A 206 -9.54 -13.58 12.86
CA GLY A 206 -9.91 -14.48 13.94
C GLY A 206 -9.49 -15.91 13.61
N ASP A 207 -8.18 -16.11 13.49
CA ASP A 207 -7.58 -17.37 13.08
C ASP A 207 -7.58 -18.45 14.15
N PHE A 208 -8.74 -19.12 14.31
CA PHE A 208 -8.91 -20.22 15.24
C PHE A 208 -9.90 -21.30 14.70
N SER A 209 -9.76 -22.51 15.20
CA SER A 209 -10.65 -23.65 15.00
C SER A 209 -10.58 -24.53 16.26
N ILE A 210 -11.61 -25.36 16.47
CA ILE A 210 -11.77 -26.13 17.68
C ILE A 210 -11.95 -27.60 17.37
N PHE A 211 -11.20 -28.44 18.06
CA PHE A 211 -11.23 -29.87 17.90
C PHE A 211 -11.40 -30.54 19.28
N ARG A 212 -11.53 -31.87 19.30
CA ARG A 212 -11.62 -32.59 20.56
C ARG A 212 -10.91 -33.90 20.38
N ILE A 213 -10.05 -34.24 21.34
CA ILE A 213 -9.33 -35.49 21.33
C ILE A 213 -10.24 -36.55 21.94
N TYR A 214 -10.41 -37.66 21.22
CA TYR A 214 -11.16 -38.82 21.70
C TYR A 214 -10.17 -39.96 21.91
N ALA A 215 -10.51 -40.87 22.82
CA ALA A 215 -9.64 -41.98 23.20
C ALA A 215 -10.52 -43.22 23.66
N ASP A 216 -9.91 -44.34 24.08
CA ASP A 216 -10.69 -45.47 24.60
C ASP A 216 -11.16 -45.12 26.05
N LYS A 217 -11.88 -46.04 26.71
CA LYS A 217 -12.42 -45.87 28.07
C LYS A 217 -11.37 -45.47 29.11
N ASN A 218 -10.11 -45.86 28.92
CA ASN A 218 -9.06 -45.52 29.88
C ASN A 218 -8.22 -44.31 29.50
N GLY A 219 -8.67 -43.52 28.53
CA GLY A 219 -7.91 -42.37 28.07
C GLY A 219 -6.69 -42.70 27.24
N ASN A 220 -6.57 -43.96 26.79
CA ASN A 220 -5.45 -44.41 25.97
C ASN A 220 -5.77 -44.15 24.51
N PRO A 221 -4.75 -43.81 23.69
CA PRO A 221 -4.99 -43.56 22.27
C PRO A 221 -5.68 -44.71 21.55
N ALA A 222 -6.56 -44.36 20.62
CA ALA A 222 -7.27 -45.36 19.84
C ALA A 222 -7.70 -44.75 18.53
N PRO A 223 -7.59 -45.50 17.42
CA PRO A 223 -8.10 -44.96 16.14
C PRO A 223 -9.60 -44.71 16.22
N TYR A 224 -10.16 -43.95 15.27
CA TYR A 224 -11.60 -43.66 15.28
C TYR A 224 -12.49 -44.91 15.48
N SER A 225 -13.40 -44.81 16.44
CA SER A 225 -14.38 -45.80 16.79
C SER A 225 -15.58 -45.07 17.36
N GLU A 226 -16.80 -45.47 16.97
CA GLU A 226 -18.02 -44.87 17.52
C GLU A 226 -18.10 -45.06 19.05
N ASP A 227 -17.35 -46.04 19.62
CA ASP A 227 -17.28 -46.30 21.06
C ASP A 227 -16.28 -45.38 21.79
N ASN A 228 -15.51 -44.54 21.08
CA ASN A 228 -14.53 -43.65 21.70
C ASN A 228 -15.19 -42.53 22.49
N VAL A 229 -14.54 -42.14 23.57
CA VAL A 229 -15.01 -41.18 24.55
C VAL A 229 -14.00 -40.00 24.65
N PRO A 230 -14.46 -38.76 24.92
CA PRO A 230 -13.52 -37.64 25.04
C PRO A 230 -12.39 -37.92 26.05
N LEU A 231 -11.18 -37.47 25.72
CA LEU A 231 -10.04 -37.69 26.58
C LEU A 231 -10.13 -36.78 27.79
N LYS A 232 -9.88 -37.32 29.00
CA LYS A 232 -9.77 -36.46 30.18
C LYS A 232 -8.27 -36.23 30.28
N PRO A 233 -7.79 -35.02 30.02
CA PRO A 233 -6.33 -34.80 30.00
C PRO A 233 -5.68 -34.66 31.37
N LYS A 234 -4.36 -34.81 31.40
CA LYS A 234 -3.49 -34.59 32.56
C LYS A 234 -3.56 -33.11 32.99
N ARG A 235 -3.68 -32.20 32.01
CA ARG A 235 -3.63 -30.76 32.22
C ARG A 235 -4.32 -30.02 31.07
N PHE A 236 -4.93 -28.88 31.37
CA PHE A 236 -5.52 -28.01 30.38
C PHE A 236 -5.31 -26.54 30.77
N PHE A 237 -5.40 -25.65 29.79
CA PHE A 237 -5.20 -24.23 30.04
C PHE A 237 -6.47 -23.58 30.59
N ASN A 238 -6.31 -22.69 31.56
CA ASN A 238 -7.42 -21.85 31.99
C ASN A 238 -7.44 -20.68 30.99
N ILE A 239 -8.63 -20.20 30.67
CA ILE A 239 -8.79 -19.06 29.76
C ILE A 239 -8.80 -17.79 30.57
N SER A 240 -8.03 -16.76 30.16
CA SER A 240 -8.08 -15.48 30.86
C SER A 240 -8.98 -14.52 30.12
N LEU A 241 -9.84 -13.81 30.87
CA LEU A 241 -10.60 -12.72 30.27
C LEU A 241 -10.06 -11.31 30.70
N GLY A 242 -8.92 -11.30 31.40
CA GLY A 242 -8.24 -10.08 31.86
C GLY A 242 -7.60 -9.27 30.76
N GLY A 243 -7.34 -9.90 29.62
CA GLY A 243 -6.78 -9.24 28.46
C GLY A 243 -5.31 -8.91 28.54
N VAL A 244 -4.87 -8.01 27.67
CA VAL A 244 -3.48 -7.58 27.59
C VAL A 244 -3.39 -6.07 27.56
N GLN A 245 -2.27 -5.55 28.01
CA GLN A 245 -1.89 -4.14 28.01
C GLN A 245 -0.51 -4.05 27.41
N GLU A 246 -0.13 -2.87 26.90
CA GLU A 246 1.22 -2.64 26.37
C GLU A 246 2.25 -2.95 27.48
N ASN A 247 3.31 -3.69 27.11
CA ASN A 247 4.42 -4.10 27.97
C ASN A 247 4.12 -5.33 28.84
N ASP A 248 2.91 -5.91 28.76
CA ASP A 248 2.60 -7.12 29.54
C ASP A 248 3.50 -8.26 29.14
N TYR A 249 3.88 -9.07 30.10
CA TYR A 249 4.65 -10.26 29.87
C TYR A 249 3.78 -11.25 29.10
N ALA A 250 4.37 -11.91 28.10
CA ALA A 250 3.70 -12.96 27.36
C ALA A 250 4.71 -14.08 27.03
N MET A 251 4.23 -15.32 26.99
CA MET A 251 5.07 -16.45 26.65
C MET A 251 4.32 -17.44 25.82
N ILE A 252 5.07 -18.20 25.02
CA ILE A 252 4.50 -19.19 24.13
C ILE A 252 5.27 -20.51 24.26
N MET A 253 4.56 -21.60 24.06
CA MET A 253 5.13 -22.93 23.89
C MET A 253 4.63 -23.45 22.55
N GLY A 254 5.49 -24.16 21.83
CA GLY A 254 5.10 -24.72 20.53
C GLY A 254 6.20 -25.44 19.82
N PHE A 255 6.00 -25.69 18.52
CA PHE A 255 6.95 -26.50 17.75
C PHE A 255 7.55 -25.76 16.56
N PRO A 256 8.44 -24.77 16.79
CA PRO A 256 9.05 -24.05 15.66
C PRO A 256 9.85 -25.02 14.80
N GLY A 257 9.66 -24.91 13.51
CA GLY A 257 10.23 -25.83 12.54
C GLY A 257 11.70 -25.69 12.27
N THR A 258 12.13 -24.58 11.67
CA THR A 258 13.53 -24.41 11.29
C THR A 258 14.01 -22.98 11.48
N THR A 259 15.26 -22.83 11.87
CA THR A 259 15.93 -21.52 11.92
C THR A 259 17.36 -21.77 11.40
N HIS A 260 18.11 -20.71 11.18
CA HIS A 260 19.50 -20.78 10.73
C HIS A 260 20.29 -19.72 11.47
N ARG A 261 20.23 -19.78 12.81
CA ARG A 261 20.86 -18.83 13.72
C ARG A 261 22.40 -18.94 13.72
N TYR A 262 22.96 -20.05 13.24
CA TYR A 262 24.40 -20.23 13.21
C TYR A 262 25.00 -20.18 11.81
N PHE A 263 24.29 -19.54 10.86
CA PHE A 263 24.78 -19.31 9.51
C PHE A 263 26.07 -18.50 9.59
N THR A 264 27.04 -18.80 8.72
CA THR A 264 28.22 -17.95 8.63
C THR A 264 27.78 -16.71 7.79
N ALA A 265 28.63 -15.67 7.74
CA ALA A 265 28.35 -14.51 6.91
C ALA A 265 28.31 -14.94 5.43
N SER A 266 29.17 -15.91 5.01
CA SER A 266 29.15 -16.43 3.63
C SER A 266 27.82 -17.13 3.27
N GLU A 267 27.19 -17.80 4.25
CA GLU A 267 25.89 -18.45 4.05
C GLU A 267 24.79 -17.40 3.96
N VAL A 268 24.90 -16.28 4.73
CA VAL A 268 23.93 -15.18 4.60
C VAL A 268 24.06 -14.57 3.18
N ASP A 269 25.29 -14.36 2.68
CA ASP A 269 25.51 -13.78 1.33
C ASP A 269 24.93 -14.69 0.25
N GLU A 270 25.15 -16.00 0.41
CA GLU A 270 24.63 -17.00 -0.50
C GLU A 270 23.10 -17.01 -0.49
N TRP A 271 22.47 -16.97 0.69
CA TRP A 271 21.01 -16.94 0.84
C TRP A 271 20.43 -15.70 0.12
N LYS A 272 21.08 -14.54 0.28
CA LYS A 272 20.64 -13.31 -0.37
C LYS A 272 20.85 -13.36 -1.90
N SER A 273 22.10 -13.55 -2.34
CA SER A 273 22.56 -13.38 -3.73
C SER A 273 22.17 -14.50 -4.66
N ILE A 274 21.90 -15.69 -4.13
CA ILE A 274 21.49 -16.80 -4.98
C ILE A 274 20.01 -17.13 -4.71
N ASP A 275 19.70 -17.79 -3.58
CA ASP A 275 18.38 -18.25 -3.22
C ASP A 275 17.33 -17.16 -3.33
N ASN A 276 17.50 -16.05 -2.61
CA ASN A 276 16.48 -15.01 -2.58
C ASN A 276 16.41 -14.19 -3.88
N ASP A 277 17.53 -13.69 -4.37
CA ASP A 277 17.53 -12.86 -5.60
C ASP A 277 16.98 -13.62 -6.81
N ILE A 278 17.28 -14.94 -6.91
CA ILE A 278 16.76 -15.73 -8.04
C ILE A 278 15.25 -15.96 -7.90
N ARG A 279 14.80 -16.38 -6.70
CA ARG A 279 13.37 -16.58 -6.42
C ARG A 279 12.59 -15.28 -6.66
N ILE A 280 13.14 -14.13 -6.22
CA ILE A 280 12.49 -12.83 -6.42
C ILE A 280 12.39 -12.53 -7.89
N ARG A 281 13.52 -12.58 -8.61
CA ARG A 281 13.56 -12.25 -10.04
C ARG A 281 12.64 -13.15 -10.88
N MET A 282 12.76 -14.49 -10.72
CA MET A 282 11.96 -15.44 -11.49
C MET A 282 10.49 -15.38 -11.17
N ARG A 283 10.12 -15.25 -9.88
CA ARG A 283 8.71 -15.17 -9.53
C ARG A 283 8.09 -13.87 -9.97
N ASP A 284 8.84 -12.76 -9.97
CA ASP A 284 8.31 -11.49 -10.47
C ASP A 284 7.96 -11.61 -11.97
N ILE A 285 8.81 -12.30 -12.75
CA ILE A 285 8.52 -12.51 -14.17
C ILE A 285 7.25 -13.38 -14.35
N ARG A 286 7.20 -14.50 -13.65
CA ARG A 286 6.09 -15.45 -13.73
C ARG A 286 4.75 -14.82 -13.31
N GLN A 287 4.73 -14.18 -12.15
CA GLN A 287 3.57 -13.50 -11.58
C GLN A 287 3.11 -12.33 -12.45
N GLY A 288 4.05 -11.59 -13.04
CA GLY A 288 3.71 -10.48 -13.93
C GLY A 288 2.92 -10.95 -15.14
N VAL A 289 3.36 -12.06 -15.76
CA VAL A 289 2.64 -12.59 -16.92
C VAL A 289 1.27 -13.11 -16.49
N MET A 290 1.23 -13.91 -15.40
CA MET A 290 -0.01 -14.46 -14.87
C MET A 290 -1.04 -13.37 -14.54
N LEU A 291 -0.62 -12.31 -13.86
CA LEU A 291 -1.48 -11.18 -13.50
C LEU A 291 -2.07 -10.49 -14.72
N ARG A 292 -1.25 -10.19 -15.76
CA ARG A 292 -1.76 -9.59 -16.98
C ARG A 292 -2.82 -10.47 -17.65
N GLU A 293 -2.64 -11.80 -17.63
CA GLU A 293 -3.61 -12.70 -18.25
C GLU A 293 -4.88 -12.86 -17.42
N MET A 294 -4.74 -12.85 -16.09
CA MET A 294 -5.89 -12.98 -15.19
C MET A 294 -6.74 -11.70 -15.27
N LEU A 295 -6.10 -10.52 -15.33
CA LEU A 295 -6.81 -9.24 -15.44
C LEU A 295 -7.54 -9.10 -16.78
N ALA A 296 -7.03 -9.70 -17.84
CA ALA A 296 -7.62 -9.59 -19.16
C ALA A 296 -8.77 -10.57 -19.42
N ASP A 297 -8.84 -11.69 -18.68
CA ASP A 297 -9.85 -12.71 -18.91
C ASP A 297 -10.35 -13.24 -17.58
N PRO A 298 -11.65 -13.03 -17.28
CA PRO A 298 -12.22 -13.52 -16.01
C PRO A 298 -12.09 -15.02 -15.80
N GLN A 299 -12.11 -15.79 -16.87
CA GLN A 299 -11.97 -17.22 -16.79
C GLN A 299 -10.50 -17.58 -16.44
N ILE A 300 -9.52 -16.82 -16.97
CA ILE A 300 -8.10 -17.05 -16.62
C ILE A 300 -7.86 -16.72 -15.15
N LYS A 301 -8.53 -15.69 -14.63
CA LYS A 301 -8.43 -15.32 -13.21
C LYS A 301 -8.91 -16.49 -12.33
N ILE A 302 -10.02 -17.13 -12.68
CA ILE A 302 -10.54 -18.28 -11.94
C ILE A 302 -9.55 -19.43 -11.97
N MET A 303 -9.05 -19.77 -13.16
CA MET A 303 -8.13 -20.87 -13.33
C MET A 303 -6.76 -20.68 -12.67
N TYR A 304 -6.25 -19.45 -12.62
CA TYR A 304 -4.88 -19.20 -12.16
C TYR A 304 -4.76 -18.53 -10.80
N SER A 305 -5.89 -18.20 -10.14
CA SER A 305 -5.85 -17.53 -8.83
C SER A 305 -5.08 -18.26 -7.76
N ALA A 306 -5.31 -19.56 -7.59
CA ALA A 306 -4.60 -20.33 -6.58
C ALA A 306 -3.10 -20.47 -6.92
N LYS A 307 -2.76 -20.73 -8.21
CA LYS A 307 -1.36 -20.84 -8.65
C LYS A 307 -0.60 -19.53 -8.42
N TYR A 308 -1.26 -18.42 -8.67
CA TYR A 308 -0.69 -17.10 -8.49
C TYR A 308 -0.45 -16.85 -7.00
N ALA A 309 -1.45 -17.14 -6.14
CA ALA A 309 -1.34 -16.95 -4.69
C ALA A 309 -0.24 -17.84 -4.10
N ALA A 310 -0.13 -19.11 -4.56
CA ALA A 310 0.89 -20.02 -4.07
C ALA A 310 2.30 -19.50 -4.41
N SER A 311 2.50 -18.95 -5.61
CA SER A 311 3.80 -18.43 -6.01
C SER A 311 4.19 -17.21 -5.16
N GLN A 312 3.20 -16.37 -4.85
CA GLN A 312 3.36 -15.16 -4.05
C GLN A 312 3.84 -15.40 -2.61
N ASN A 313 3.46 -16.53 -1.97
CA ASN A 313 3.85 -16.80 -0.59
C ASN A 313 5.39 -16.75 -0.36
N ALA A 314 6.15 -17.59 -1.06
CA ALA A 314 7.60 -17.60 -0.88
C ALA A 314 8.28 -16.39 -1.52
N TYR A 315 7.66 -15.77 -2.53
CA TYR A 315 8.12 -14.54 -3.14
C TYR A 315 8.13 -13.44 -2.08
N LYS A 316 7.00 -13.26 -1.36
CA LYS A 316 6.90 -12.24 -0.31
C LYS A 316 7.89 -12.51 0.82
N ARG A 317 8.09 -13.78 1.16
CA ARG A 317 9.01 -14.17 2.22
C ARG A 317 10.43 -13.77 1.84
N ALA A 318 10.83 -14.04 0.59
CA ALA A 318 12.16 -13.70 0.10
C ALA A 318 12.37 -12.19 0.11
N ILE A 319 11.34 -11.39 -0.26
CA ILE A 319 11.44 -9.92 -0.22
C ILE A 319 11.65 -9.48 1.25
N GLY A 320 10.86 -10.05 2.16
CA GLY A 320 11.00 -9.75 3.59
C GLY A 320 12.37 -10.12 4.13
N ALA A 321 12.88 -11.29 3.72
CA ALA A 321 14.20 -11.78 4.15
C ALA A 321 15.31 -10.86 3.63
N ASN A 322 15.24 -10.49 2.35
CA ASN A 322 16.25 -9.59 1.75
C ASN A 322 16.18 -8.19 2.36
N TRP A 323 14.99 -7.73 2.80
CA TRP A 323 14.89 -6.41 3.45
C TRP A 323 15.72 -6.45 4.77
N ALA A 324 15.62 -7.57 5.53
CA ALA A 324 16.38 -7.69 6.79
C ALA A 324 17.88 -7.75 6.52
N ILE A 325 18.31 -8.50 5.48
CA ILE A 325 19.73 -8.60 5.16
C ILE A 325 20.29 -7.23 4.79
N LYS A 326 19.54 -6.45 4.03
CA LYS A 326 19.96 -5.12 3.60
C LYS A 326 19.96 -4.08 4.73
N THR A 327 18.94 -4.11 5.59
CA THR A 327 18.74 -3.04 6.56
C THR A 327 19.09 -3.36 8.00
N ARG A 328 19.14 -4.65 8.38
CA ARG A 328 19.36 -5.02 9.78
C ARG A 328 20.75 -5.58 10.11
N GLY A 329 21.66 -5.51 9.16
CA GLY A 329 23.05 -5.93 9.34
C GLY A 329 23.20 -7.40 9.65
N LEU A 330 22.38 -8.28 9.02
CA LEU A 330 22.45 -9.71 9.33
C LEU A 330 23.80 -10.31 8.97
N ARG A 331 24.35 -9.97 7.79
CA ARG A 331 25.65 -10.50 7.37
C ARG A 331 26.75 -10.09 8.34
N GLN A 332 26.79 -8.81 8.69
CA GLN A 332 27.75 -8.21 9.58
C GLN A 332 27.70 -8.83 10.97
N ASN A 333 26.50 -9.12 11.48
CA ASN A 333 26.37 -9.72 12.79
C ASN A 333 26.87 -11.17 12.81
N LYS A 334 26.66 -11.93 11.73
CA LYS A 334 27.22 -13.29 11.66
C LYS A 334 28.75 -13.22 11.58
N GLN A 335 29.27 -12.21 10.84
CA GLN A 335 30.69 -12.00 10.68
C GLN A 335 31.33 -11.70 12.02
N ALA A 336 30.70 -10.84 12.84
CA ALA A 336 31.19 -10.50 14.19
C ALA A 336 31.16 -11.72 15.11
N MET A 337 30.13 -12.56 15.00
CA MET A 337 30.00 -13.77 15.81
C MET A 337 31.15 -14.73 15.50
N GLN A 338 31.41 -14.98 14.21
CA GLN A 338 32.48 -15.90 13.83
C GLN A 338 33.87 -15.33 14.13
N ASP A 339 34.07 -13.99 14.00
CA ASP A 339 35.36 -13.35 14.30
C ASP A 339 35.68 -13.42 15.79
N ARG A 340 34.66 -13.27 16.64
CA ARG A 340 34.78 -13.36 18.09
C ARG A 340 35.19 -14.79 18.49
N LEU A 341 34.61 -15.82 17.83
CA LEU A 341 34.97 -17.21 18.13
C LEU A 341 36.42 -17.49 17.67
N ILE A 342 36.80 -16.97 16.51
CA ILE A 342 38.14 -17.14 15.96
C ILE A 342 39.21 -16.53 16.89
N ALA A 343 38.94 -15.32 17.43
CA ALA A 343 39.85 -14.64 18.36
C ALA A 343 39.97 -15.43 19.66
N TRP A 344 38.85 -15.96 20.16
CA TRP A 344 38.82 -16.75 21.38
C TRP A 344 39.54 -18.08 21.19
N GLY A 345 39.37 -18.69 20.02
CA GLY A 345 40.03 -19.95 19.67
C GLY A 345 41.53 -19.78 19.59
N ALA A 346 41.99 -18.63 19.06
CA ALA A 346 43.41 -18.31 18.94
C ALA A 346 44.04 -18.12 20.33
N LYS A 347 43.28 -17.54 21.28
CA LYS A 347 43.75 -17.32 22.65
C LYS A 347 43.77 -18.64 23.45
N GLN A 348 42.83 -19.59 23.15
CA GLN A 348 42.80 -20.91 23.80
C GLN A 348 43.83 -21.90 23.23
N GLY A 349 44.47 -21.56 22.11
CA GLY A 349 45.41 -22.45 21.43
C GLY A 349 44.72 -23.55 20.62
N THR A 350 43.43 -23.36 20.27
CA THR A 350 42.67 -24.35 19.50
C THR A 350 42.26 -23.79 18.13
N PRO A 351 43.00 -24.12 17.07
CA PRO A 351 42.65 -23.60 15.74
C PRO A 351 41.46 -24.26 15.05
N ARG A 352 40.87 -25.33 15.63
CA ARG A 352 39.78 -26.04 14.96
C ARG A 352 38.52 -25.20 14.65
N TYR A 353 38.25 -24.12 15.42
CA TYR A 353 37.07 -23.29 15.20
C TYR A 353 37.22 -22.45 13.95
N GLU A 354 38.39 -21.82 13.80
CA GLU A 354 38.72 -21.03 12.63
C GLU A 354 38.80 -21.93 11.38
N GLU A 355 39.34 -23.15 11.55
CA GLU A 355 39.43 -24.12 10.46
C GLU A 355 38.03 -24.52 10.00
N ALA A 356 37.09 -24.70 10.95
CA ALA A 356 35.71 -25.04 10.65
C ALA A 356 34.97 -23.91 9.89
N VAL A 357 35.17 -22.64 10.28
CA VAL A 357 34.57 -21.51 9.58
C VAL A 357 35.17 -21.41 8.18
N HIS A 358 36.50 -21.64 8.04
CA HIS A 358 37.17 -21.66 6.74
C HIS A 358 36.56 -22.73 5.83
N GLU A 359 36.30 -23.96 6.35
CA GLU A 359 35.71 -25.03 5.54
C GLU A 359 34.32 -24.65 5.05
N ILE A 360 33.51 -23.99 5.90
CA ILE A 360 32.18 -23.55 5.47
C ILE A 360 32.30 -22.50 4.36
N ASP A 361 33.15 -21.47 4.56
CA ASP A 361 33.34 -20.43 3.52
C ASP A 361 33.83 -21.04 2.19
N ALA A 362 34.82 -21.94 2.26
CA ALA A 362 35.38 -22.55 1.05
C ALA A 362 34.33 -23.41 0.35
N THR A 363 33.51 -24.14 1.12
CA THR A 363 32.47 -24.98 0.53
C THR A 363 31.42 -24.10 -0.14
N VAL A 364 31.00 -23.03 0.54
CA VAL A 364 30.02 -22.09 -0.03
C VAL A 364 30.54 -21.48 -1.33
N ALA A 365 31.80 -21.02 -1.34
CA ALA A 365 32.41 -20.40 -2.52
C ALA A 365 32.51 -21.41 -3.66
N LYS A 366 32.90 -22.66 -3.35
CA LYS A 366 33.06 -23.71 -4.35
C LYS A 366 31.75 -24.05 -5.07
N ARG A 367 30.63 -24.18 -4.33
CA ARG A 367 29.36 -24.56 -4.91
C ARG A 367 28.56 -23.43 -5.55
N ALA A 368 29.05 -22.17 -5.50
CA ALA A 368 28.31 -21.00 -5.99
C ALA A 368 27.71 -21.11 -7.41
N ASP A 369 28.51 -21.52 -8.40
CA ASP A 369 28.03 -21.61 -9.80
C ASP A 369 26.95 -22.69 -9.94
N LEU A 370 27.17 -23.85 -9.33
CA LEU A 370 26.23 -24.97 -9.35
C LEU A 370 24.89 -24.58 -8.67
N ARG A 371 24.96 -23.94 -7.48
CA ARG A 371 23.78 -23.51 -6.75
C ARG A 371 22.99 -22.46 -7.52
N ARG A 372 23.68 -21.52 -8.16
CA ARG A 372 23.05 -20.52 -9.03
C ARG A 372 22.30 -21.23 -10.18
N ARG A 373 22.95 -22.21 -10.82
CA ARG A 373 22.31 -22.99 -11.89
C ARG A 373 21.09 -23.79 -11.38
N TYR A 374 21.17 -24.34 -10.17
CA TYR A 374 20.08 -25.11 -9.59
C TYR A 374 18.85 -24.24 -9.29
N TRP A 375 19.05 -23.09 -8.64
CA TRP A 375 17.97 -22.19 -8.34
C TRP A 375 17.38 -21.59 -9.63
N MET A 376 18.22 -21.31 -10.61
CA MET A 376 17.75 -20.77 -11.89
C MET A 376 16.81 -21.75 -12.59
N ILE A 377 17.16 -23.05 -12.62
CA ILE A 377 16.30 -24.04 -13.26
C ILE A 377 15.07 -24.36 -12.42
N GLU A 378 15.21 -24.43 -11.09
CA GLU A 378 14.08 -24.74 -10.22
C GLU A 378 13.04 -23.62 -10.23
N GLU A 379 13.47 -22.37 -10.07
CA GLU A 379 12.55 -21.23 -10.09
C GLU A 379 12.08 -20.91 -11.50
N GLY A 380 13.01 -20.94 -12.43
CA GLY A 380 12.73 -20.58 -13.81
C GLY A 380 11.92 -21.56 -14.62
N ILE A 381 12.14 -22.86 -14.42
CA ILE A 381 11.49 -23.88 -15.25
C ILE A 381 10.68 -24.90 -14.46
N ILE A 382 11.32 -25.60 -13.48
CA ILE A 382 10.65 -26.66 -12.70
C ILE A 382 9.36 -26.13 -12.05
N ARG A 383 9.43 -24.96 -11.41
CA ARG A 383 8.26 -24.31 -10.82
C ARG A 383 7.65 -23.30 -11.81
N GLY A 384 8.48 -22.64 -12.59
CA GLY A 384 8.07 -21.55 -13.46
C GLY A 384 7.21 -21.88 -14.65
N ILE A 385 7.44 -23.04 -15.28
CA ILE A 385 6.73 -23.42 -16.50
C ILE A 385 5.90 -24.69 -16.31
N GLU A 386 4.58 -24.58 -16.42
CA GLU A 386 3.70 -25.73 -16.23
C GLU A 386 3.99 -26.94 -17.14
N PHE A 387 4.37 -26.71 -18.43
CA PHE A 387 4.64 -27.86 -19.31
C PHE A 387 5.96 -28.57 -18.99
N ALA A 388 6.74 -28.08 -17.99
CA ALA A 388 7.90 -28.84 -17.52
C ALA A 388 7.39 -30.11 -16.81
N ARG A 389 6.20 -30.03 -16.16
CA ARG A 389 5.61 -31.19 -15.49
C ARG A 389 4.56 -31.90 -16.36
N SER A 390 4.75 -31.87 -17.68
CA SER A 390 3.88 -32.57 -18.60
C SER A 390 4.30 -34.08 -18.57
N PRO A 391 3.46 -35.00 -19.10
CA PRO A 391 3.81 -36.43 -18.99
C PRO A 391 5.07 -36.89 -19.72
N ILE A 392 5.85 -37.72 -19.02
CA ILE A 392 7.04 -38.35 -19.58
C ILE A 392 6.77 -39.87 -19.51
N PRO A 393 6.72 -40.53 -20.67
CA PRO A 393 6.45 -41.98 -20.68
C PRO A 393 7.47 -42.79 -19.87
N THR A 394 6.98 -43.63 -18.97
CA THR A 394 7.86 -44.47 -18.12
C THR A 394 8.61 -45.56 -18.94
N GLU A 395 9.60 -46.25 -18.32
CA GLU A 395 10.33 -47.32 -18.98
C GLU A 395 9.38 -48.49 -19.32
N ASP A 396 8.51 -48.88 -18.36
CA ASP A 396 7.52 -49.94 -18.53
C ASP A 396 6.36 -49.51 -19.46
N GLU A 397 6.07 -48.19 -19.54
CA GLU A 397 5.02 -47.67 -20.43
C GLU A 397 5.50 -47.74 -21.87
N THR A 398 6.77 -47.36 -22.12
CA THR A 398 7.39 -47.44 -23.44
C THR A 398 7.54 -48.92 -23.86
N LYS A 399 7.85 -49.81 -22.90
CA LYS A 399 7.98 -51.24 -23.16
C LYS A 399 6.62 -51.82 -23.58
N ALA A 400 5.54 -51.38 -22.93
CA ALA A 400 4.18 -51.85 -23.23
C ALA A 400 3.73 -51.43 -24.63
N LEU A 401 4.17 -50.26 -25.11
CA LEU A 401 3.80 -49.79 -26.43
C LEU A 401 4.58 -50.50 -27.56
N GLN A 402 5.80 -50.97 -27.26
CA GLN A 402 6.64 -51.65 -28.24
C GLN A 402 6.45 -53.18 -28.19
N ASP A 405 3.31 -55.70 -28.42
CA ASP A 405 2.68 -56.87 -29.02
C ASP A 405 1.89 -57.66 -27.95
N ALA A 406 1.07 -56.92 -27.17
CA ALA A 406 0.23 -57.48 -26.10
C ALA A 406 -0.99 -56.57 -25.85
N SER A 407 -2.02 -57.05 -25.12
CA SER A 407 -3.18 -56.21 -24.81
C SER A 407 -2.91 -55.12 -23.75
N ALA A 408 -1.65 -54.98 -23.31
CA ALA A 408 -1.21 -53.98 -22.32
C ALA A 408 -0.85 -52.61 -22.94
N ARG A 409 -1.12 -52.43 -24.26
CA ARG A 409 -0.90 -51.18 -24.98
C ARG A 409 -1.97 -50.19 -24.54
N LYS A 410 -3.24 -50.64 -24.47
CA LYS A 410 -4.36 -49.84 -24.03
C LYS A 410 -4.20 -49.41 -22.56
N GLU A 411 -3.53 -50.26 -21.75
CA GLU A 411 -3.24 -49.99 -20.34
C GLU A 411 -2.21 -48.86 -20.23
N ALA A 412 -1.19 -48.88 -21.12
CA ALA A 412 -0.14 -47.86 -21.16
C ALA A 412 -0.72 -46.51 -21.62
N ILE A 413 -1.63 -46.54 -22.59
CA ILE A 413 -2.30 -45.33 -23.09
C ILE A 413 -3.26 -44.77 -22.04
N ASP A 414 -3.92 -45.63 -21.25
CA ASP A 414 -4.84 -45.17 -20.22
C ASP A 414 -4.08 -44.46 -19.07
N LYS A 415 -2.87 -44.94 -18.77
CA LYS A 415 -2.05 -44.34 -17.72
C LYS A 415 -1.47 -43.00 -18.20
N ILE A 416 -1.03 -42.95 -19.49
CA ILE A 416 -0.52 -41.71 -20.07
C ILE A 416 -1.63 -40.67 -20.18
N ARG A 417 -2.85 -41.12 -20.55
CA ARG A 417 -4.03 -40.25 -20.64
C ARG A 417 -4.40 -39.67 -19.27
N THR A 418 -4.30 -40.50 -18.20
CA THR A 418 -4.63 -40.03 -16.86
C THR A 418 -3.68 -38.89 -16.44
N ARG A 419 -2.39 -39.02 -16.77
CA ARG A 419 -1.38 -38.01 -16.47
C ARG A 419 -1.55 -36.78 -17.35
N TYR A 420 -1.97 -36.99 -18.63
CA TYR A 420 -2.20 -35.86 -19.52
C TYR A 420 -3.41 -35.03 -19.00
N SER A 421 -4.49 -35.71 -18.59
CA SER A 421 -5.68 -35.02 -18.06
C SER A 421 -5.40 -34.29 -16.74
N LYS A 422 -4.40 -34.75 -15.97
CA LYS A 422 -4.00 -34.11 -14.72
C LYS A 422 -3.18 -32.84 -15.03
N PHE A 423 -2.32 -32.90 -16.06
CA PHE A 423 -1.52 -31.75 -16.50
C PHE A 423 -2.44 -30.71 -17.15
N ALA A 424 -3.18 -31.12 -18.18
CA ALA A 424 -4.09 -30.24 -18.90
C ALA A 424 -5.49 -30.29 -18.24
N ASN A 425 -5.58 -29.91 -16.95
CA ASN A 425 -6.85 -29.95 -16.25
C ASN A 425 -7.73 -28.71 -16.50
N LYS A 426 -8.85 -28.55 -15.75
CA LYS A 426 -9.76 -27.42 -15.89
C LYS A 426 -9.11 -26.06 -15.58
N ASP A 427 -7.99 -26.05 -14.85
CA ASP A 427 -7.27 -24.83 -14.51
C ASP A 427 -6.05 -24.55 -15.39
N TYR A 428 -5.77 -25.41 -16.37
CA TYR A 428 -4.61 -25.23 -17.23
C TYR A 428 -4.96 -24.52 -18.54
N SER A 429 -4.21 -23.46 -18.85
CA SER A 429 -4.36 -22.77 -20.14
C SER A 429 -3.02 -22.89 -20.87
N ALA A 430 -3.02 -23.55 -22.05
CA ALA A 430 -1.82 -23.68 -22.86
C ALA A 430 -1.35 -22.30 -23.37
N GLU A 431 -2.28 -21.37 -23.66
CA GLU A 431 -1.92 -20.03 -24.09
C GLU A 431 -1.22 -19.25 -22.97
N VAL A 432 -1.75 -19.36 -21.74
CA VAL A 432 -1.14 -18.70 -20.59
C VAL A 432 0.24 -19.31 -20.33
N ASP A 433 0.33 -20.65 -20.38
CA ASP A 433 1.59 -21.34 -20.19
C ASP A 433 2.65 -20.99 -21.24
N LYS A 434 2.26 -20.86 -22.51
CA LYS A 434 3.19 -20.45 -23.57
C LYS A 434 3.72 -19.03 -23.29
N LYS A 435 2.85 -18.12 -22.86
CA LYS A 435 3.27 -16.74 -22.54
C LYS A 435 4.22 -16.73 -21.34
N VAL A 436 3.90 -17.51 -20.30
CA VAL A 436 4.78 -17.60 -19.12
C VAL A 436 6.13 -18.20 -19.53
N ALA A 437 6.11 -19.30 -20.29
CA ALA A 437 7.33 -19.96 -20.74
C ALA A 437 8.20 -19.06 -21.56
N VAL A 438 7.63 -18.27 -22.47
CA VAL A 438 8.43 -17.37 -23.30
C VAL A 438 9.20 -16.34 -22.42
N ALA A 439 8.54 -15.74 -21.43
CA ALA A 439 9.21 -14.78 -20.55
C ALA A 439 10.24 -15.46 -19.62
N MET A 440 9.87 -16.61 -19.03
CA MET A 440 10.76 -17.35 -18.14
C MET A 440 12.02 -17.88 -18.88
N LEU A 441 11.82 -18.47 -20.07
CA LEU A 441 12.95 -18.99 -20.84
C LEU A 441 13.84 -17.89 -21.33
N THR A 442 13.28 -16.73 -21.71
CA THR A 442 14.09 -15.57 -22.16
C THR A 442 15.07 -15.15 -21.05
N GLU A 443 14.60 -15.12 -19.80
CA GLU A 443 15.46 -14.78 -18.67
C GLU A 443 16.46 -15.89 -18.37
N TYR A 444 16.01 -17.15 -18.42
CA TYR A 444 16.85 -18.31 -18.16
C TYR A 444 17.99 -18.40 -19.17
N LEU A 445 17.68 -18.19 -20.45
CA LEU A 445 18.66 -18.24 -21.54
C LEU A 445 19.69 -17.11 -21.46
N LYS A 446 19.29 -15.95 -20.93
CA LYS A 446 20.19 -14.83 -20.68
C LYS A 446 21.16 -15.16 -19.51
N GLU A 447 20.72 -15.95 -18.53
CA GLU A 447 21.53 -16.25 -17.35
C GLU A 447 22.38 -17.49 -17.42
N ILE A 448 21.93 -18.50 -18.16
CA ILE A 448 22.63 -19.78 -18.24
C ILE A 448 23.26 -19.93 -19.62
N PRO A 449 24.60 -20.02 -19.70
CA PRO A 449 25.24 -20.14 -21.01
C PRO A 449 24.91 -21.45 -21.72
N TYR A 450 25.03 -21.44 -23.06
CA TYR A 450 24.77 -22.58 -23.93
C TYR A 450 25.29 -23.93 -23.39
N GLU A 451 26.56 -23.99 -22.94
CA GLU A 451 27.18 -25.21 -22.43
C GLU A 451 26.57 -25.74 -21.12
N ASN A 452 25.84 -24.91 -20.40
CA ASN A 452 25.18 -25.32 -19.15
C ASN A 452 23.66 -25.54 -19.31
N LEU A 453 23.11 -25.32 -20.52
CA LEU A 453 21.69 -25.46 -20.77
C LEU A 453 21.26 -26.90 -20.75
N PRO A 454 20.01 -27.19 -20.32
CA PRO A 454 19.46 -28.53 -20.54
C PRO A 454 19.44 -28.79 -22.06
N LEU A 455 19.81 -30.02 -22.47
CA LEU A 455 19.98 -30.43 -23.85
C LEU A 455 18.95 -29.85 -24.84
N HIS A 456 17.65 -29.99 -24.58
CA HIS A 456 16.62 -29.49 -25.47
C HIS A 456 16.61 -27.99 -25.68
N LEU A 457 17.02 -27.22 -24.65
CA LEU A 457 17.05 -25.76 -24.75
C LEU A 457 18.15 -25.24 -25.68
N ARG A 458 19.13 -26.08 -26.02
CA ARG A 458 20.15 -25.74 -27.01
C ARG A 458 19.51 -25.51 -28.39
N LEU A 459 18.33 -26.12 -28.65
CA LEU A 459 17.56 -25.93 -29.90
C LEU A 459 17.13 -24.49 -30.12
N VAL A 460 17.02 -23.67 -29.05
CA VAL A 460 16.63 -22.26 -29.22
C VAL A 460 17.64 -21.55 -30.13
N LYS A 461 18.93 -21.70 -29.84
CA LYS A 461 19.98 -21.09 -30.64
C LYS A 461 20.27 -21.89 -31.94
N ASP A 462 20.37 -23.22 -31.83
CA ASP A 462 20.73 -24.09 -32.96
C ASP A 462 19.68 -24.27 -34.05
N ARG A 463 18.41 -24.42 -33.69
CA ARG A 463 17.33 -24.69 -34.64
C ARG A 463 16.40 -23.50 -34.88
N PHE A 464 16.12 -22.70 -33.84
CA PHE A 464 15.14 -21.62 -33.98
C PHE A 464 15.75 -20.21 -34.07
N ALA A 465 17.08 -20.12 -34.32
CA ALA A 465 17.80 -18.85 -34.45
C ALA A 465 17.56 -17.86 -33.29
N GLY A 466 17.53 -18.38 -32.08
CA GLY A 466 17.32 -17.57 -30.88
C GLY A 466 15.91 -17.10 -30.60
N ASP A 467 14.94 -17.52 -31.43
CA ASP A 467 13.52 -17.13 -31.27
C ASP A 467 12.85 -18.07 -30.25
N VAL A 468 12.69 -17.58 -29.01
CA VAL A 468 12.09 -18.33 -27.92
C VAL A 468 10.62 -18.59 -28.19
N GLN A 469 9.92 -17.59 -28.71
CA GLN A 469 8.51 -17.71 -29.05
C GLN A 469 8.27 -18.86 -30.06
N ALA A 470 9.13 -18.96 -31.11
CA ALA A 470 9.01 -20.01 -32.11
C ALA A 470 9.32 -21.39 -31.55
N TYR A 471 10.28 -21.48 -30.64
CA TYR A 471 10.65 -22.74 -30.02
C TYR A 471 9.46 -23.24 -29.16
N VAL A 472 8.85 -22.33 -28.38
CA VAL A 472 7.71 -22.67 -27.54
C VAL A 472 6.48 -23.01 -28.39
N ASP A 473 6.21 -22.23 -29.45
CA ASP A 473 5.10 -22.52 -30.38
C ASP A 473 5.25 -23.88 -31.00
N ASP A 474 6.47 -24.24 -31.43
CA ASP A 474 6.74 -25.54 -32.05
C ASP A 474 6.49 -26.71 -31.07
N ILE A 475 6.81 -26.53 -29.77
CA ILE A 475 6.57 -27.56 -28.75
C ILE A 475 5.07 -27.89 -28.70
N PHE A 476 4.22 -26.88 -28.65
CA PHE A 476 2.78 -27.10 -28.58
C PHE A 476 2.17 -27.54 -29.92
N ALA A 477 2.66 -27.01 -31.04
CA ALA A 477 2.12 -27.35 -32.35
C ALA A 477 2.37 -28.80 -32.72
N ARG A 478 3.54 -29.34 -32.36
CA ARG A 478 3.93 -30.70 -32.73
C ARG A 478 3.78 -31.74 -31.64
N SER A 479 3.57 -31.33 -30.38
CA SER A 479 3.47 -32.30 -29.29
C SER A 479 2.14 -33.00 -29.19
N VAL A 480 2.24 -34.26 -28.80
CA VAL A 480 1.14 -35.13 -28.43
C VAL A 480 0.37 -34.52 -27.22
N PHE A 481 1.03 -33.75 -26.36
CA PHE A 481 0.36 -33.10 -25.22
C PHE A 481 0.06 -31.61 -25.44
N GLY A 482 0.16 -31.13 -26.68
CA GLY A 482 -0.10 -29.74 -27.04
C GLY A 482 -1.57 -29.38 -27.07
N SER A 483 -2.44 -30.37 -27.18
CA SER A 483 -3.91 -30.17 -27.17
C SER A 483 -4.62 -31.53 -27.02
N GLU A 484 -5.91 -31.51 -26.67
CA GLU A 484 -6.67 -32.73 -26.53
C GLU A 484 -6.76 -33.50 -27.84
N ALA A 485 -6.99 -32.79 -28.96
CA ALA A 485 -7.09 -33.39 -30.29
C ALA A 485 -5.77 -34.03 -30.73
N GLN A 486 -4.63 -33.42 -30.34
CA GLN A 486 -3.32 -33.98 -30.68
C GLN A 486 -3.02 -35.23 -29.84
N PHE A 487 -3.49 -35.26 -28.58
CA PHE A 487 -3.31 -36.44 -27.74
C PHE A 487 -4.17 -37.58 -28.25
N ASP A 488 -5.45 -37.30 -28.59
CA ASP A 488 -6.35 -38.33 -29.10
C ASP A 488 -5.86 -38.95 -30.41
N ALA A 489 -5.24 -38.14 -31.29
CA ALA A 489 -4.68 -38.67 -32.53
C ALA A 489 -3.51 -39.62 -32.22
N PHE A 490 -2.73 -39.31 -31.19
CA PHE A 490 -1.64 -40.16 -30.74
C PHE A 490 -2.22 -41.46 -30.15
N ALA A 491 -3.18 -41.36 -29.23
CA ALA A 491 -3.82 -42.48 -28.54
C ALA A 491 -4.48 -43.47 -29.50
N ALA A 492 -4.94 -43.02 -30.67
CA ALA A 492 -5.54 -43.90 -31.66
C ALA A 492 -4.45 -44.72 -32.38
N VAL A 493 -3.31 -44.10 -32.70
CA VAL A 493 -2.21 -44.78 -33.40
C VAL A 493 -0.89 -44.53 -32.64
N PRO A 494 -0.73 -45.10 -31.42
CA PRO A 494 0.47 -44.82 -30.64
C PRO A 494 1.71 -45.56 -31.06
N SER A 495 2.82 -44.83 -31.10
CA SER A 495 4.11 -45.42 -31.39
C SER A 495 5.18 -44.86 -30.46
N VAL A 496 6.17 -45.70 -30.13
CA VAL A 496 7.29 -45.28 -29.29
C VAL A 496 8.14 -44.21 -29.99
N GLU A 497 8.25 -44.29 -31.33
CA GLU A 497 8.99 -43.39 -32.18
C GLU A 497 8.44 -41.97 -32.05
N LYS A 498 7.10 -41.85 -31.96
CA LYS A 498 6.42 -40.56 -31.81
C LYS A 498 6.76 -39.94 -30.46
N LEU A 499 6.69 -40.74 -29.39
CA LEU A 499 6.98 -40.28 -28.03
C LEU A 499 8.44 -39.89 -27.84
N ALA A 500 9.36 -40.70 -28.40
CA ALA A 500 10.81 -40.46 -28.30
C ALA A 500 11.26 -39.16 -29.00
N GLU A 501 10.49 -38.67 -29.96
CA GLU A 501 10.80 -37.42 -30.66
C GLU A 501 9.87 -36.26 -30.28
N ASP A 502 8.92 -36.47 -29.35
CA ASP A 502 7.98 -35.43 -28.95
C ASP A 502 8.71 -34.24 -28.33
N PRO A 503 8.51 -33.03 -28.89
CA PRO A 503 9.22 -31.85 -28.37
C PRO A 503 8.89 -31.50 -26.92
N MET A 504 7.65 -31.74 -26.46
CA MET A 504 7.30 -31.50 -25.08
C MET A 504 7.92 -32.56 -24.17
N VAL A 505 7.92 -33.84 -24.59
CA VAL A 505 8.54 -34.92 -23.80
C VAL A 505 10.04 -34.67 -23.66
N LEU A 506 10.70 -34.29 -24.75
CA LEU A 506 12.14 -34.01 -24.76
C LEU A 506 12.47 -32.80 -23.87
N PHE A 507 11.62 -31.74 -23.92
CA PHE A 507 11.82 -30.56 -23.07
C PHE A 507 11.73 -30.98 -21.60
N ALA A 508 10.62 -31.65 -21.21
CA ALA A 508 10.37 -32.08 -19.85
C ALA A 508 11.48 -32.99 -19.35
N SER A 509 11.92 -33.94 -20.19
CA SER A 509 12.97 -34.88 -19.84
C SER A 509 14.28 -34.17 -19.62
N SER A 510 14.71 -33.33 -20.58
CA SER A 510 16.01 -32.69 -20.45
C SER A 510 16.07 -31.65 -19.31
N VAL A 511 14.96 -30.94 -19.02
CA VAL A 511 14.99 -29.99 -17.90
C VAL A 511 15.03 -30.76 -16.57
N PHE A 512 14.31 -31.89 -16.48
CA PHE A 512 14.36 -32.70 -15.27
C PHE A 512 15.72 -33.43 -15.13
N ASP A 513 16.37 -33.77 -16.25
CA ASP A 513 17.68 -34.41 -16.23
C ASP A 513 18.69 -33.43 -15.66
N GLU A 514 18.65 -32.16 -16.10
CA GLU A 514 19.57 -31.14 -15.65
C GLU A 514 19.35 -30.79 -14.18
N TYR A 515 18.09 -30.73 -13.77
CA TYR A 515 17.68 -30.46 -12.40
C TYR A 515 18.24 -31.56 -11.46
N ARG A 516 18.16 -32.84 -11.88
CA ARG A 516 18.66 -33.95 -11.09
C ARG A 516 20.18 -34.01 -11.07
N LYS A 517 20.83 -33.74 -12.20
CA LYS A 517 22.28 -33.70 -12.32
C LYS A 517 22.87 -32.62 -11.39
N LEU A 518 22.19 -31.47 -11.31
CA LEU A 518 22.63 -30.35 -10.47
C LEU A 518 22.48 -30.70 -9.01
N TYR A 519 21.34 -31.32 -8.65
CA TYR A 519 21.03 -31.78 -7.31
C TYR A 519 22.11 -32.79 -6.85
N ASN A 520 22.48 -33.72 -7.74
CA ASN A 520 23.48 -34.74 -7.47
C ASN A 520 24.87 -34.16 -7.27
N GLU A 521 25.24 -33.16 -8.06
CA GLU A 521 26.54 -32.52 -7.91
C GLU A 521 26.57 -31.63 -6.66
N LEU A 522 25.43 -31.08 -6.22
CA LEU A 522 25.39 -30.19 -5.06
C LEU A 522 25.34 -30.92 -3.71
N ARG A 523 24.68 -32.10 -3.68
CA ARG A 523 24.54 -32.91 -2.47
C ARG A 523 25.86 -33.15 -1.71
N PRO A 524 27.00 -33.49 -2.36
CA PRO A 524 28.25 -33.70 -1.60
C PRO A 524 28.73 -32.51 -0.76
N TYR A 525 28.31 -31.28 -1.13
CA TYR A 525 28.73 -30.09 -0.40
C TYR A 525 28.03 -29.90 0.94
N ASP A 526 26.89 -30.58 1.17
CA ASP A 526 26.16 -30.43 2.42
C ASP A 526 26.91 -30.98 3.65
N ASP A 527 27.52 -32.17 3.51
CA ASP A 527 28.20 -32.86 4.63
C ASP A 527 29.41 -32.12 5.19
N PRO A 528 30.36 -31.58 4.39
CA PRO A 528 31.47 -30.82 5.01
C PRO A 528 30.98 -29.62 5.80
N ILE A 529 29.89 -28.96 5.35
CA ILE A 529 29.31 -27.84 6.08
C ILE A 529 28.70 -28.32 7.39
N LEU A 530 27.92 -29.40 7.34
CA LEU A 530 27.31 -29.97 8.55
C LEU A 530 28.39 -30.37 9.59
N ARG A 531 29.44 -31.07 9.15
CA ARG A 531 30.51 -31.48 10.07
C ARG A 531 31.24 -30.27 10.65
N ALA A 532 31.51 -29.23 9.81
CA ALA A 532 32.18 -28.03 10.31
C ALA A 532 31.25 -27.26 11.28
N GLN A 533 29.93 -27.30 11.07
CA GLN A 533 28.95 -26.66 11.95
C GLN A 533 28.92 -27.29 13.31
N ARG A 534 29.14 -28.61 13.38
CA ARG A 534 29.22 -29.30 14.68
C ARG A 534 30.38 -28.70 15.50
N THR A 535 31.54 -28.47 14.88
CA THR A 535 32.71 -27.87 15.53
C THR A 535 32.46 -26.38 15.84
N TYR A 536 31.90 -25.64 14.89
CA TYR A 536 31.57 -24.22 15.04
C TYR A 536 30.64 -23.96 16.24
N ILE A 537 29.48 -24.64 16.30
CA ILE A 537 28.53 -24.46 17.38
C ILE A 537 29.09 -24.96 18.70
N ALA A 538 29.91 -26.03 18.69
CA ALA A 538 30.58 -26.50 19.93
C ALA A 538 31.43 -25.38 20.54
N GLY A 539 32.15 -24.66 19.68
CA GLY A 539 32.98 -23.55 20.12
C GLY A 539 32.18 -22.38 20.63
N LEU A 540 31.08 -22.02 19.95
CA LEU A 540 30.20 -20.93 20.36
C LEU A 540 29.61 -21.25 21.75
N LEU A 541 29.21 -22.51 21.96
CA LEU A 541 28.67 -22.97 23.25
C LEU A 541 29.72 -22.96 24.35
N GLU A 542 30.95 -23.42 24.03
CA GLU A 542 32.04 -23.43 24.98
C GLU A 542 32.44 -21.98 25.34
N MET A 543 32.44 -21.08 24.36
CA MET A 543 32.80 -19.69 24.55
C MET A 543 31.77 -18.86 25.32
N ASP A 544 30.52 -18.82 24.85
CA ASP A 544 29.51 -17.96 25.45
C ASP A 544 28.45 -18.67 26.30
N GLY A 545 28.55 -19.98 26.45
CA GLY A 545 27.64 -20.75 27.28
C GLY A 545 26.31 -21.10 26.63
N ASP A 546 25.66 -22.13 27.20
CA ASP A 546 24.34 -22.60 26.76
C ASP A 546 23.25 -21.83 27.54
N GLN A 547 23.46 -20.50 27.70
CA GLN A 547 22.59 -19.62 28.44
C GLN A 547 21.91 -18.56 27.56
N ASP A 548 22.67 -17.85 26.73
CA ASP A 548 22.08 -16.82 25.87
C ASP A 548 22.08 -17.16 24.39
N GLN A 549 22.30 -18.44 24.01
CA GLN A 549 22.20 -18.87 22.61
C GLN A 549 21.51 -20.22 22.52
N PHE A 550 20.32 -20.20 21.92
CA PHE A 550 19.42 -21.35 21.81
C PHE A 550 19.74 -22.20 20.60
N PRO A 551 19.33 -23.48 20.62
CA PRO A 551 19.58 -24.32 19.44
C PRO A 551 18.60 -24.01 18.34
N ASP A 552 19.02 -24.21 17.07
CA ASP A 552 18.12 -23.95 15.94
C ASP A 552 16.82 -24.76 16.10
N ALA A 553 15.70 -24.18 15.67
CA ALA A 553 14.42 -24.87 15.69
C ALA A 553 14.53 -26.18 14.84
N ASN A 554 13.88 -27.27 15.28
CA ASN A 554 13.93 -28.55 14.56
C ASN A 554 12.64 -29.36 14.77
N LEU A 555 11.49 -28.66 14.81
CA LEU A 555 10.15 -29.20 15.03
C LEU A 555 10.01 -29.89 16.40
N THR A 556 10.70 -29.36 17.40
CA THR A 556 10.59 -29.86 18.76
C THR A 556 10.04 -28.78 19.67
N LEU A 557 9.49 -29.22 20.83
CA LEU A 557 8.85 -28.33 21.78
C LEU A 557 9.83 -27.28 22.34
N ARG A 558 9.46 -26.01 22.22
CA ARG A 558 10.25 -24.89 22.71
C ARG A 558 9.35 -23.85 23.38
N PHE A 559 9.95 -23.07 24.28
CA PHE A 559 9.26 -21.94 24.85
C PHE A 559 9.99 -20.64 24.47
N THR A 560 9.23 -19.57 24.39
CA THR A 560 9.76 -18.24 24.10
C THR A 560 8.94 -17.27 24.97
N TYR A 561 9.55 -16.16 25.35
CA TYR A 561 8.88 -15.17 26.17
C TYR A 561 9.25 -13.78 25.66
N GLY A 562 8.40 -12.82 25.96
CA GLY A 562 8.61 -11.43 25.59
C GLY A 562 7.51 -10.56 26.15
N GLN A 563 7.21 -9.47 25.46
CA GLN A 563 6.16 -8.56 25.89
C GLN A 563 5.20 -8.22 24.77
N VAL A 564 3.97 -7.84 25.13
CA VAL A 564 2.96 -7.36 24.21
C VAL A 564 3.44 -5.93 23.84
N LYS A 565 3.87 -5.74 22.58
CA LYS A 565 4.46 -4.47 22.18
C LYS A 565 4.35 -4.28 20.69
N GLY A 566 4.02 -3.07 20.26
CA GLY A 566 4.02 -2.73 18.85
C GLY A 566 5.42 -2.35 18.37
N TYR A 567 5.52 -1.62 17.27
CA TYR A 567 6.83 -1.21 16.73
C TYR A 567 6.65 -0.15 15.65
N SER A 568 7.74 0.51 15.28
CA SER A 568 7.72 1.52 14.21
C SER A 568 8.27 0.89 12.93
N PRO A 569 7.42 0.62 11.92
CA PRO A 569 7.94 -0.02 10.70
C PRO A 569 8.85 0.88 9.83
N ARG A 570 8.62 2.21 9.90
CA ARG A 570 9.33 3.17 9.09
C ARG A 570 9.16 4.55 9.72
N ASP A 571 9.91 5.55 9.22
CA ASP A 571 9.89 6.91 9.73
C ASP A 571 8.47 7.48 9.92
N ASN A 572 8.17 7.93 11.14
CA ASN A 572 6.90 8.58 11.50
C ASN A 572 5.67 7.66 11.51
N VAL A 573 5.87 6.34 11.52
CA VAL A 573 4.74 5.40 11.50
C VAL A 573 4.87 4.47 12.70
N TYR A 574 3.79 4.33 13.47
CA TYR A 574 3.80 3.43 14.60
C TYR A 574 2.63 2.50 14.51
N TYR A 575 2.88 1.22 14.73
CA TYR A 575 1.82 0.22 14.78
C TYR A 575 1.75 -0.15 16.26
N GLY A 576 0.57 -0.01 16.84
CA GLY A 576 0.38 -0.38 18.24
C GLY A 576 0.37 -1.88 18.50
N HIS A 577 0.20 -2.24 19.76
CA HIS A 577 0.23 -3.64 20.17
C HIS A 577 -1.09 -4.37 19.99
N GLN A 578 -2.21 -3.67 19.77
CA GLN A 578 -3.52 -4.31 19.75
C GLN A 578 -4.43 -3.81 18.61
N THR A 579 -5.13 -4.74 17.92
CA THR A 579 -6.13 -4.35 16.94
C THR A 579 -7.52 -4.60 17.56
N THR A 580 -8.54 -3.93 17.03
CA THR A 580 -9.91 -4.03 17.55
C THR A 580 -10.90 -4.42 16.42
N LEU A 581 -12.16 -4.76 16.79
CA LEU A 581 -13.24 -5.08 15.87
C LEU A 581 -13.57 -3.90 14.95
N ASP A 582 -13.33 -2.67 15.41
CA ASP A 582 -13.47 -1.45 14.63
C ASP A 582 -12.55 -1.51 13.36
N GLY A 583 -11.38 -2.15 13.48
CA GLY A 583 -10.45 -2.34 12.38
C GLY A 583 -10.92 -3.31 11.32
N VAL A 584 -11.72 -4.31 11.73
CA VAL A 584 -12.36 -5.25 10.80
C VAL A 584 -13.41 -4.47 9.98
N MET A 585 -14.21 -3.63 10.65
CA MET A 585 -15.27 -2.85 10.00
C MET A 585 -14.71 -1.83 9.03
N GLU A 586 -13.54 -1.24 9.34
CA GLU A 586 -12.86 -0.30 8.45
C GLU A 586 -12.43 -0.98 7.16
N LYS A 587 -12.03 -2.26 7.24
CA LYS A 587 -11.55 -3.04 6.09
C LYS A 587 -12.67 -3.69 5.28
N GLU A 588 -13.92 -3.66 5.74
CA GLU A 588 -15.01 -4.29 5.02
C GLU A 588 -15.16 -3.80 3.58
N ASP A 589 -15.24 -4.75 2.63
CA ASP A 589 -15.45 -4.50 1.21
C ASP A 589 -16.35 -5.62 0.75
N PRO A 590 -17.67 -5.38 0.64
CA PRO A 590 -18.59 -6.46 0.25
C PRO A 590 -18.29 -7.12 -1.08
N ASP A 591 -17.72 -6.38 -2.06
CA ASP A 591 -17.43 -6.96 -3.36
C ASP A 591 -16.00 -7.51 -3.51
N ASN A 592 -15.29 -7.70 -2.39
CA ASN A 592 -13.94 -8.27 -2.37
C ASN A 592 -14.03 -9.42 -1.36
N TRP A 593 -14.06 -10.67 -1.86
CA TRP A 593 -14.20 -11.91 -1.09
C TRP A 593 -13.26 -12.02 0.11
N GLU A 594 -12.07 -11.41 0.00
CA GLU A 594 -11.08 -11.44 1.08
C GLU A 594 -11.56 -10.62 2.28
N PHE A 595 -12.26 -9.52 2.04
CA PHE A 595 -12.64 -8.60 3.09
C PHE A 595 -14.15 -8.51 3.34
N VAL A 596 -14.88 -9.61 3.10
CA VAL A 596 -16.31 -9.64 3.43
C VAL A 596 -16.43 -9.84 4.95
N VAL A 597 -17.43 -9.20 5.55
CA VAL A 597 -17.65 -9.30 6.99
C VAL A 597 -18.93 -10.08 7.27
N ASP A 598 -18.84 -11.07 8.16
CA ASP A 598 -19.96 -11.90 8.56
C ASP A 598 -21.08 -11.05 9.15
N PRO A 599 -22.32 -11.24 8.66
CA PRO A 599 -23.44 -10.41 9.14
C PRO A 599 -23.66 -10.49 10.64
N LYS A 600 -23.49 -11.65 11.26
CA LYS A 600 -23.67 -11.80 12.71
C LYS A 600 -22.59 -11.00 13.45
N LEU A 601 -21.34 -11.00 12.94
CA LEU A 601 -20.24 -10.25 13.53
C LEU A 601 -20.47 -8.74 13.38
N LYS A 602 -20.94 -8.30 12.21
CA LYS A 602 -21.24 -6.89 11.99
C LYS A 602 -22.36 -6.41 12.95
N ALA A 603 -23.36 -7.27 13.21
CA ALA A 603 -24.45 -6.93 14.12
C ALA A 603 -23.94 -6.86 15.56
N VAL A 604 -23.02 -7.76 15.98
CA VAL A 604 -22.40 -7.74 17.30
C VAL A 604 -21.68 -6.39 17.50
N TYR A 605 -20.93 -5.95 16.47
CA TYR A 605 -20.22 -4.68 16.50
C TYR A 605 -21.20 -3.49 16.63
N GLU A 606 -22.26 -3.47 15.80
CA GLU A 606 -23.22 -2.36 15.83
C GLU A 606 -23.98 -2.28 17.16
N ARG A 607 -24.37 -3.43 17.72
CA ARG A 607 -25.06 -3.49 19.02
C ARG A 607 -24.12 -3.40 20.23
N LYS A 608 -22.77 -3.44 20.01
CA LYS A 608 -21.75 -3.46 21.07
C LYS A 608 -22.03 -4.63 22.03
N ASP A 609 -22.48 -5.77 21.49
CA ASP A 609 -22.82 -6.96 22.26
C ASP A 609 -21.55 -7.73 22.54
N PHE A 610 -20.65 -7.12 23.33
CA PHE A 610 -19.33 -7.68 23.63
C PHE A 610 -19.24 -8.40 24.96
N GLY A 611 -20.24 -8.25 25.83
CA GLY A 611 -20.24 -8.89 27.14
C GLY A 611 -18.99 -8.65 27.97
N ARG A 612 -18.46 -9.72 28.55
CA ARG A 612 -17.24 -9.66 29.37
C ARG A 612 -15.94 -9.76 28.55
N TYR A 613 -16.04 -9.78 27.21
CA TYR A 613 -14.93 -9.94 26.28
C TYR A 613 -14.31 -8.62 25.84
N ALA A 614 -15.03 -7.49 26.00
CA ALA A 614 -14.48 -6.20 25.59
C ALA A 614 -13.41 -5.72 26.58
N ASP A 615 -12.52 -4.82 26.14
CA ASP A 615 -11.53 -4.26 27.02
C ASP A 615 -12.17 -3.19 27.95
N ARG A 616 -11.43 -2.71 28.96
CA ARG A 616 -11.92 -1.73 29.93
C ARG A 616 -12.60 -0.49 29.29
N SER A 617 -12.09 -0.03 28.13
CA SER A 617 -12.68 1.13 27.45
C SER A 617 -13.94 0.82 26.60
N GLY A 618 -14.41 -0.42 26.65
CA GLY A 618 -15.58 -0.84 25.88
C GLY A 618 -15.28 -1.22 24.43
N ARG A 619 -13.99 -1.25 24.05
CA ARG A 619 -13.58 -1.60 22.69
C ARG A 619 -13.43 -3.11 22.60
N MET A 620 -13.71 -3.71 21.44
CA MET A 620 -13.60 -5.15 21.32
C MET A 620 -12.26 -5.56 20.72
N PRO A 621 -11.37 -6.23 21.47
CA PRO A 621 -10.06 -6.61 20.92
C PRO A 621 -10.17 -7.74 19.90
N VAL A 622 -9.23 -7.77 18.95
CA VAL A 622 -9.22 -8.81 17.93
C VAL A 622 -7.90 -9.57 18.00
N ALA A 623 -6.79 -8.85 17.89
CA ALA A 623 -5.48 -9.45 17.85
C ALA A 623 -4.48 -8.59 18.58
N PHE A 624 -3.36 -9.19 18.97
CA PHE A 624 -2.26 -8.44 19.57
C PHE A 624 -0.93 -8.98 19.06
N CYS A 625 0.15 -8.23 19.26
CA CYS A 625 1.46 -8.68 18.81
C CYS A 625 2.45 -8.65 19.97
N ALA A 626 3.44 -9.53 19.92
CA ALA A 626 4.39 -9.65 21.00
C ALA A 626 5.81 -9.85 20.49
N THR A 627 6.80 -9.56 21.34
CA THR A 627 8.21 -9.70 21.01
C THR A 627 8.74 -11.14 21.22
N THR A 628 7.83 -12.12 21.32
CA THR A 628 8.20 -13.53 21.39
C THR A 628 8.85 -13.91 20.03
N HIS A 629 9.71 -14.93 20.09
CA HIS A 629 10.44 -15.38 18.93
C HIS A 629 9.80 -16.66 18.38
N THR A 630 9.05 -16.52 17.30
CA THR A 630 8.35 -17.64 16.68
C THR A 630 8.71 -17.76 15.20
N THR A 631 8.35 -18.92 14.62
CA THR A 631 8.53 -19.19 13.20
C THR A 631 7.46 -20.21 12.75
N GLY A 632 7.43 -20.58 11.47
CA GLY A 632 6.54 -21.66 10.97
C GLY A 632 6.66 -22.92 11.82
N GLY A 633 5.52 -23.44 12.24
CA GLY A 633 5.43 -24.53 13.19
C GLY A 633 4.76 -24.04 14.47
N ASN A 634 4.88 -22.70 14.76
CA ASN A 634 4.26 -22.06 15.90
C ASN A 634 2.80 -21.65 15.64
N SER A 635 2.24 -21.92 14.45
CA SER A 635 0.81 -21.68 14.17
C SER A 635 -0.04 -22.45 15.19
N GLY A 636 -0.92 -21.76 15.85
CA GLY A 636 -1.84 -22.32 16.84
C GLY A 636 -1.29 -22.36 18.26
N SER A 637 -0.03 -21.92 18.47
CA SER A 637 0.61 -22.00 19.80
C SER A 637 -0.14 -21.23 20.86
N PRO A 638 -0.25 -21.81 22.06
CA PRO A 638 -0.87 -21.06 23.16
C PRO A 638 0.01 -19.89 23.57
N VAL A 639 -0.62 -18.72 23.78
CA VAL A 639 0.06 -17.56 24.30
C VAL A 639 -0.45 -17.40 25.75
N MET A 640 0.48 -17.36 26.68
CA MET A 640 0.19 -17.27 28.09
C MET A 640 0.56 -15.94 28.68
N ASN A 641 -0.22 -15.56 29.70
CA ASN A 641 -0.11 -14.52 30.70
C ASN A 641 1.10 -14.78 31.59
N ALA A 642 1.39 -13.82 32.51
CA ALA A 642 2.35 -13.99 33.59
C ALA A 642 1.91 -15.15 34.55
N ASN A 643 0.61 -15.43 34.62
CA ASN A 643 0.07 -16.53 35.42
C ASN A 643 -0.12 -17.86 34.64
N GLY A 644 0.29 -17.90 33.39
CA GLY A 644 0.14 -19.10 32.56
C GLY A 644 -1.24 -19.31 31.99
N GLU A 645 -2.12 -18.30 32.11
CA GLU A 645 -3.46 -18.40 31.58
C GLU A 645 -3.43 -18.08 30.10
N LEU A 646 -4.32 -18.70 29.33
CA LEU A 646 -4.39 -18.47 27.89
C LEU A 646 -4.95 -17.10 27.58
N ILE A 647 -4.16 -16.27 26.89
CA ILE A 647 -4.56 -14.93 26.44
C ILE A 647 -4.70 -14.82 24.91
N GLY A 648 -4.27 -15.84 24.18
CA GLY A 648 -4.37 -15.84 22.73
C GLY A 648 -3.73 -17.04 22.06
N LEU A 649 -3.81 -17.05 20.73
CA LEU A 649 -3.18 -18.10 19.93
C LEU A 649 -2.31 -17.42 18.92
N ASN A 650 -1.06 -17.83 18.81
CA ASN A 650 -0.19 -17.32 17.76
C ASN A 650 -0.72 -17.85 16.40
N PHE A 651 -0.66 -17.02 15.34
CA PHE A 651 -1.11 -17.46 14.02
C PHE A 651 -0.25 -16.96 12.88
N ASP A 652 0.55 -15.93 13.13
CA ASP A 652 1.42 -15.40 12.09
C ASP A 652 2.63 -14.69 12.68
N ARG A 653 3.41 -14.05 11.83
CA ARG A 653 4.57 -13.23 12.15
C ARG A 653 4.62 -12.17 11.04
N ASN A 654 5.02 -10.92 11.36
CA ASN A 654 5.07 -9.87 10.35
C ASN A 654 6.22 -10.11 9.35
N TRP A 655 6.08 -9.60 8.11
CA TRP A 655 7.13 -9.78 7.11
C TRP A 655 8.45 -9.20 7.53
N GLU A 656 8.44 -8.11 8.31
CA GLU A 656 9.67 -7.51 8.78
C GLU A 656 10.46 -8.47 9.69
N GLY A 657 9.80 -9.49 10.26
CA GLY A 657 10.41 -10.49 11.12
C GLY A 657 10.80 -11.80 10.43
N VAL A 658 10.64 -11.93 9.06
CA VAL A 658 11.05 -13.18 8.44
C VAL A 658 12.60 -13.38 8.57
N GLY A 659 13.38 -12.29 8.60
CA GLY A 659 14.82 -12.39 8.83
C GLY A 659 15.16 -12.96 10.21
N GLY A 660 14.18 -12.98 11.11
CA GLY A 660 14.27 -13.53 12.45
C GLY A 660 14.68 -14.99 12.50
N ASP A 661 14.48 -15.76 11.40
CA ASP A 661 14.97 -17.15 11.36
C ASP A 661 16.51 -17.21 11.34
N ILE A 662 17.19 -16.13 10.97
CA ILE A 662 18.64 -16.07 10.96
C ILE A 662 19.09 -15.19 12.14
N GLN A 663 18.38 -14.09 12.40
CA GLN A 663 18.73 -13.20 13.50
C GLN A 663 17.45 -12.57 14.03
N TYR A 664 17.11 -12.79 15.31
CA TYR A 664 15.93 -12.17 15.93
C TYR A 664 16.03 -10.61 15.82
N LEU A 665 14.94 -9.94 15.44
CA LEU A 665 14.95 -8.49 15.23
C LEU A 665 14.10 -7.79 16.27
N ALA A 666 14.69 -7.40 17.40
CA ALA A 666 13.96 -6.83 18.53
C ALA A 666 13.05 -5.65 18.22
N ASP A 667 13.44 -4.75 17.29
CA ASP A 667 12.63 -3.59 16.97
C ASP A 667 11.64 -3.78 15.84
N TYR A 668 11.59 -4.98 15.21
CA TYR A 668 10.68 -5.18 14.08
C TYR A 668 9.89 -6.48 14.16
N GLN A 669 10.53 -7.58 14.58
CA GLN A 669 9.89 -8.88 14.60
C GLN A 669 8.81 -9.03 15.66
N ARG A 670 7.63 -9.43 15.23
CA ARG A 670 6.52 -9.65 16.16
C ARG A 670 5.71 -10.90 15.79
N SER A 671 5.31 -11.67 16.82
CA SER A 671 4.38 -12.77 16.70
C SER A 671 3.00 -12.10 16.62
N ILE A 672 2.14 -12.58 15.69
CA ILE A 672 0.80 -12.03 15.45
C ILE A 672 -0.15 -13.01 16.07
N ILE A 673 -0.91 -12.56 17.06
CA ILE A 673 -1.72 -13.43 17.92
C ILE A 673 -3.18 -13.07 17.94
N VAL A 674 -4.10 -14.04 17.83
CA VAL A 674 -5.53 -13.76 17.93
C VAL A 674 -5.86 -13.68 19.42
N ASP A 675 -6.50 -12.60 19.84
CA ASP A 675 -6.84 -12.40 21.25
C ASP A 675 -7.88 -13.45 21.65
N ILE A 676 -7.69 -14.13 22.80
CA ILE A 676 -8.62 -15.17 23.27
C ILE A 676 -10.02 -14.60 23.57
N ARG A 677 -10.11 -13.29 23.88
CA ARG A 677 -11.39 -12.62 24.12
C ARG A 677 -12.20 -12.58 22.83
N TYR A 678 -11.53 -12.39 21.67
CA TYR A 678 -12.15 -12.40 20.36
C TYR A 678 -12.57 -13.84 19.99
N VAL A 679 -11.74 -14.86 20.34
CA VAL A 679 -12.09 -16.28 20.12
C VAL A 679 -13.40 -16.62 20.85
N LEU A 680 -13.48 -16.27 22.15
CA LEU A 680 -14.65 -16.55 22.99
C LEU A 680 -15.87 -15.76 22.54
N LEU A 681 -15.67 -14.53 22.04
CA LEU A 681 -16.75 -13.72 21.50
C LEU A 681 -17.30 -14.38 20.25
N VAL A 682 -16.44 -14.92 19.36
CA VAL A 682 -16.92 -15.57 18.14
C VAL A 682 -17.67 -16.86 18.47
N ILE A 683 -17.11 -17.72 19.34
CA ILE A 683 -17.79 -18.96 19.80
C ILE A 683 -19.19 -18.64 20.35
N ASP A 684 -19.26 -17.61 21.21
CA ASP A 684 -20.48 -17.16 21.89
C ASP A 684 -21.49 -16.45 20.99
N LYS A 685 -21.15 -15.30 20.45
CA LYS A 685 -22.07 -14.45 19.69
C LYS A 685 -22.20 -14.80 18.20
N VAL A 686 -21.26 -15.55 17.61
CA VAL A 686 -21.39 -15.93 16.20
C VAL A 686 -21.78 -17.40 16.08
N GLY A 687 -21.14 -18.27 16.85
CA GLY A 687 -21.45 -19.68 16.82
C GLY A 687 -22.60 -20.11 17.71
N GLY A 688 -22.83 -19.35 18.78
CA GLY A 688 -23.87 -19.64 19.78
C GLY A 688 -23.62 -20.96 20.48
N CYS A 689 -22.35 -21.39 20.56
CA CYS A 689 -21.96 -22.67 21.13
C CYS A 689 -21.57 -22.58 22.58
N GLN A 690 -22.56 -22.31 23.45
CA GLN A 690 -22.43 -22.12 24.88
C GLN A 690 -21.77 -23.29 25.61
N ARG A 691 -22.02 -24.53 25.17
CA ARG A 691 -21.44 -25.70 25.83
C ARG A 691 -19.89 -25.68 25.80
N LEU A 692 -19.29 -25.04 24.79
CA LEU A 692 -17.83 -24.95 24.71
C LEU A 692 -17.30 -23.98 25.74
N LEU A 693 -18.01 -22.87 25.94
CA LEU A 693 -17.67 -21.86 26.93
C LEU A 693 -17.80 -22.48 28.33
N ASP A 694 -18.91 -23.22 28.57
CA ASP A 694 -19.19 -23.88 29.84
C ASP A 694 -18.15 -24.95 30.23
N GLU A 695 -17.62 -25.70 29.25
CA GLU A 695 -16.61 -26.71 29.58
C GLU A 695 -15.20 -26.15 29.80
N MET A 696 -14.96 -24.91 29.36
CA MET A 696 -13.68 -24.24 29.60
C MET A 696 -13.65 -23.67 31.02
N ASN A 697 -12.45 -23.47 31.59
CA ASN A 697 -12.33 -22.83 32.89
C ASN A 697 -11.92 -21.38 32.65
N ILE A 698 -12.90 -20.48 32.64
CA ILE A 698 -12.68 -19.06 32.39
C ILE A 698 -12.43 -18.28 33.66
N VAL A 699 -11.29 -17.60 33.75
CA VAL A 699 -10.93 -16.83 34.93
C VAL A 699 -11.25 -15.34 34.71
N PRO A 700 -11.94 -14.70 35.68
CA PRO A 700 -12.31 -13.28 35.53
C PRO A 700 -11.18 -12.30 35.21
N GLU B 3 -10.19 24.58 12.66
CA GLU B 3 -11.45 24.36 11.95
C GLU B 3 -11.75 25.34 10.81
N GLY B 4 -11.43 26.62 10.91
CA GLY B 4 -11.83 27.57 9.85
C GLY B 4 -10.84 28.31 8.96
N MET B 5 -11.36 28.95 7.90
CA MET B 5 -10.55 29.77 7.01
C MET B 5 -11.12 31.17 7.18
N TRP B 6 -10.63 31.83 8.20
CA TRP B 6 -11.14 33.09 8.71
C TRP B 6 -10.73 34.34 7.97
N LEU B 7 -11.68 35.28 7.83
CA LEU B 7 -11.40 36.60 7.25
C LEU B 7 -10.43 37.34 8.18
N MET B 8 -9.62 38.26 7.65
CA MET B 8 -8.71 39.04 8.48
C MET B 8 -9.49 39.87 9.53
N GLN B 9 -10.70 40.35 9.17
CA GLN B 9 -11.64 41.10 10.04
C GLN B 9 -12.06 40.25 11.25
N GLN B 10 -12.15 38.92 11.07
CA GLN B 10 -12.54 38.04 12.14
C GLN B 10 -11.39 37.77 13.14
N LEU B 11 -10.17 38.33 12.94
CA LEU B 11 -9.07 38.14 13.89
C LEU B 11 -9.43 38.71 15.28
N GLY B 12 -10.07 39.89 15.34
CA GLY B 12 -10.48 40.51 16.60
C GLY B 12 -11.33 39.59 17.46
N ARG B 13 -12.32 38.95 16.81
CA ARG B 13 -13.24 38.00 17.45
C ARG B 13 -12.61 36.62 17.76
N LYS B 14 -11.54 36.25 17.07
CA LYS B 14 -10.88 34.95 17.27
C LYS B 14 -9.67 35.00 18.19
N TYR B 15 -9.11 36.20 18.40
CA TYR B 15 -7.89 36.46 19.15
C TYR B 15 -7.83 35.80 20.52
N ALA B 16 -8.90 35.90 21.33
CA ALA B 16 -8.93 35.28 22.66
C ALA B 16 -8.84 33.76 22.56
N GLN B 17 -9.54 33.14 21.58
CA GLN B 17 -9.44 31.69 21.36
C GLN B 17 -8.02 31.31 20.91
N MET B 18 -7.41 32.14 20.06
CA MET B 18 -6.07 31.87 19.56
C MET B 18 -5.03 31.99 20.67
N LYS B 19 -5.19 32.99 21.54
CA LYS B 19 -4.29 33.22 22.66
C LYS B 19 -4.38 32.06 23.66
N GLU B 20 -5.59 31.54 23.92
CA GLU B 20 -5.74 30.38 24.80
C GLU B 20 -5.08 29.13 24.19
N ARG B 21 -5.10 29.01 22.84
CA ARG B 21 -4.45 27.91 22.14
C ARG B 21 -2.91 28.03 22.04
N GLY B 22 -2.35 29.16 22.46
CA GLY B 22 -0.89 29.34 22.45
C GLY B 22 -0.34 30.56 21.76
N LEU B 23 -1.17 31.31 20.99
CA LEU B 23 -0.68 32.51 20.29
C LEU B 23 -0.05 33.52 21.27
N LYS B 24 1.18 33.98 21.00
CA LYS B 24 1.88 34.92 21.87
C LYS B 24 1.98 36.33 21.31
N MET B 25 1.84 36.50 19.99
CA MET B 25 2.03 37.83 19.42
C MET B 25 0.79 38.74 19.64
N LYS B 26 1.03 40.05 19.66
CA LYS B 26 -0.04 41.04 19.81
C LYS B 26 -0.93 40.97 18.53
N GLU B 27 -2.24 41.20 18.69
CA GLU B 27 -3.20 41.13 17.61
C GLU B 27 -2.81 41.95 16.40
N TYR B 28 -2.47 43.25 16.61
CA TYR B 28 -2.11 44.15 15.52
C TYR B 28 -0.74 43.89 14.92
N ASP B 29 0.12 43.08 15.56
CA ASP B 29 1.40 42.69 14.95
C ASP B 29 1.14 41.62 13.85
N LEU B 30 0.05 40.84 13.98
CA LEU B 30 -0.36 39.83 13.02
C LEU B 30 -1.21 40.47 11.91
N TYR B 31 -2.27 41.18 12.30
CA TYR B 31 -3.11 41.88 11.33
C TYR B 31 -3.51 43.20 11.89
N ASN B 32 -3.11 44.27 11.22
CA ASN B 32 -3.45 45.61 11.62
C ASN B 32 -4.20 46.24 10.44
N PRO B 33 -5.48 46.55 10.63
CA PRO B 33 -6.25 47.18 9.54
C PRO B 33 -5.79 48.60 9.13
N ASN B 34 -4.97 49.28 9.97
CA ASN B 34 -4.48 50.61 9.61
C ASN B 34 -3.04 50.79 10.08
N GLY B 35 -2.21 49.87 9.66
CA GLY B 35 -0.80 49.88 9.98
C GLY B 35 -0.06 48.72 9.33
N THR B 36 1.23 48.58 9.64
CA THR B 36 2.04 47.51 9.10
C THR B 36 1.91 46.31 10.04
N SER B 37 1.78 45.12 9.46
CA SER B 37 1.62 43.90 10.24
C SER B 37 2.18 42.70 9.46
N LEU B 38 2.21 41.51 10.08
CA LEU B 38 2.71 40.31 9.40
C LEU B 38 1.97 40.00 8.12
N LYS B 39 0.69 40.35 8.03
CA LYS B 39 -0.15 40.21 6.83
C LYS B 39 0.54 40.82 5.60
N ASP B 40 1.35 41.89 5.84
CA ASP B 40 2.06 42.61 4.79
C ASP B 40 3.24 41.84 4.21
N ALA B 41 3.64 40.70 4.81
CA ALA B 41 4.70 39.86 4.23
C ALA B 41 4.09 38.67 3.41
N VAL B 42 2.75 38.60 3.25
CA VAL B 42 2.10 37.50 2.54
C VAL B 42 1.74 37.93 1.11
N VAL B 43 2.02 37.08 0.12
CA VAL B 43 1.66 37.39 -1.26
C VAL B 43 0.84 36.30 -1.93
N LEU B 44 0.02 36.67 -2.91
CA LEU B 44 -0.63 35.72 -3.79
C LEU B 44 0.40 35.59 -4.91
N PHE B 45 1.01 34.43 -5.01
CA PHE B 45 2.08 34.09 -5.95
C PHE B 45 1.51 33.54 -7.23
N ASP B 46 1.79 34.21 -8.35
CA ASP B 46 1.40 33.78 -9.70
C ASP B 46 -0.09 33.41 -9.84
N GLY B 47 -0.96 34.22 -9.24
CA GLY B 47 -2.40 34.05 -9.34
C GLY B 47 -3.06 32.81 -8.72
N GLY B 48 -2.29 31.88 -8.18
CA GLY B 48 -2.86 30.68 -7.59
C GLY B 48 -2.28 30.30 -6.25
N CYS B 49 -0.97 30.35 -6.14
CA CYS B 49 -0.26 29.95 -4.95
C CYS B 49 -0.16 31.09 -3.93
N THR B 50 0.34 30.77 -2.75
CA THR B 50 0.69 31.74 -1.75
C THR B 50 2.24 31.76 -1.69
N GLY B 51 2.76 32.88 -1.27
CA GLY B 51 4.18 33.06 -1.05
C GLY B 51 4.41 33.95 0.16
N GLU B 52 5.68 34.15 0.54
CA GLU B 52 5.99 35.02 1.66
C GLU B 52 7.32 35.67 1.51
N VAL B 53 7.39 36.95 1.92
CA VAL B 53 8.63 37.73 1.89
C VAL B 53 9.46 37.36 3.12
N VAL B 54 10.71 37.01 2.93
CA VAL B 54 11.59 36.53 4.00
C VAL B 54 12.90 37.33 4.15
N SER B 55 13.01 38.50 3.50
CA SER B 55 14.19 39.37 3.67
C SER B 55 13.86 40.84 3.37
N ASP B 56 14.71 41.78 3.82
CA ASP B 56 14.52 43.20 3.53
C ASP B 56 14.89 43.55 2.07
N ARG B 57 15.30 42.55 1.26
CA ARG B 57 15.60 42.69 -0.16
C ARG B 57 14.59 41.93 -1.05
N GLY B 58 13.37 41.72 -0.54
CA GLY B 58 12.27 41.13 -1.28
C GLY B 58 12.38 39.68 -1.67
N LEU B 59 13.16 38.88 -0.92
CA LEU B 59 13.29 37.46 -1.19
C LEU B 59 11.95 36.80 -0.84
N VAL B 60 11.48 35.88 -1.69
CA VAL B 60 10.19 35.23 -1.54
C VAL B 60 10.34 33.70 -1.55
N LEU B 61 9.69 33.04 -0.59
CA LEU B 61 9.63 31.59 -0.59
C LEU B 61 8.20 31.17 -0.98
N THR B 62 8.11 30.12 -1.75
CA THR B 62 6.87 29.46 -2.17
C THR B 62 7.22 27.97 -2.41
N ASN B 63 6.27 27.16 -2.91
CA ASN B 63 6.54 25.77 -3.19
C ASN B 63 7.31 25.59 -4.48
N HIS B 64 7.93 24.42 -4.62
CA HIS B 64 8.63 24.01 -5.83
C HIS B 64 7.57 23.80 -6.90
N HIS B 65 6.42 23.17 -6.57
CA HIS B 65 5.36 22.97 -7.57
C HIS B 65 4.73 24.29 -8.02
N CYS B 66 4.88 25.38 -7.23
CA CYS B 66 4.40 26.73 -7.57
C CYS B 66 5.36 27.44 -8.53
N GLY B 67 6.66 27.21 -8.36
CA GLY B 67 7.66 27.79 -9.24
C GLY B 67 8.08 26.87 -10.37
N TYR B 68 7.48 25.66 -10.45
CA TYR B 68 7.80 24.63 -11.45
C TYR B 68 7.85 25.17 -12.90
N ASP B 69 6.81 25.86 -13.36
CA ASP B 69 6.76 26.42 -14.71
C ASP B 69 7.90 27.39 -15.00
N MET B 70 8.30 28.22 -14.02
CA MET B 70 9.40 29.18 -14.21
C MET B 70 10.72 28.45 -14.26
N ILE B 71 10.92 27.41 -13.40
CA ILE B 71 12.15 26.62 -13.39
C ILE B 71 12.29 25.88 -14.73
N GLN B 72 11.17 25.34 -15.25
CA GLN B 72 11.09 24.62 -16.51
C GLN B 72 11.35 25.55 -17.72
N ALA B 73 10.79 26.77 -17.70
CA ALA B 73 10.99 27.75 -18.80
C ALA B 73 12.46 28.21 -18.92
N HIS B 74 13.21 28.19 -17.82
CA HIS B 74 14.63 28.54 -17.84
C HIS B 74 15.55 27.32 -18.03
N SER B 75 14.99 26.10 -18.09
CA SER B 75 15.79 24.89 -18.25
C SER B 75 16.01 24.57 -19.72
N THR B 76 17.25 24.18 -20.04
CA THR B 76 17.69 23.75 -21.37
C THR B 76 18.44 22.40 -21.22
N LEU B 77 18.90 21.78 -22.33
CA LEU B 77 19.70 20.56 -22.23
C LEU B 77 21.05 20.88 -21.56
N GLU B 78 21.60 22.09 -21.79
CA GLU B 78 22.88 22.54 -21.22
C GLU B 78 22.78 22.88 -19.72
N HIS B 79 21.69 23.53 -19.29
CA HIS B 79 21.49 23.84 -17.88
C HIS B 79 20.08 23.39 -17.46
N ASN B 80 19.92 22.10 -17.16
CA ASN B 80 18.60 21.58 -16.78
C ASN B 80 18.32 21.89 -15.31
N TYR B 81 17.76 23.09 -15.03
CA TYR B 81 17.45 23.52 -13.67
C TYR B 81 16.38 22.66 -13.02
N LEU B 82 15.44 22.13 -13.81
CA LEU B 82 14.39 21.28 -13.28
C LEU B 82 14.98 20.02 -12.61
N GLU B 83 15.96 19.35 -13.26
CA GLU B 83 16.57 18.18 -12.66
C GLU B 83 17.72 18.53 -11.70
N ASN B 84 18.55 19.53 -12.00
CA ASN B 84 19.72 19.85 -11.19
C ASN B 84 19.54 20.87 -10.10
N GLY B 85 18.43 21.59 -10.10
CA GLY B 85 18.25 22.71 -9.22
C GLY B 85 18.89 23.96 -9.81
N PHE B 86 18.61 25.14 -9.23
CA PHE B 86 19.16 26.41 -9.71
C PHE B 86 19.57 27.25 -8.50
N TRP B 87 20.75 27.85 -8.52
CA TRP B 87 21.21 28.66 -7.41
C TRP B 87 21.97 29.87 -7.91
N ALA B 88 21.27 31.01 -8.06
CA ALA B 88 21.90 32.25 -8.53
C ALA B 88 22.88 32.71 -7.45
N MET B 89 24.18 32.84 -7.81
CA MET B 89 25.19 33.23 -6.81
C MET B 89 25.31 34.75 -6.60
N ARG B 90 24.60 35.54 -7.38
CA ARG B 90 24.53 36.98 -7.24
C ARG B 90 23.17 37.43 -7.71
N GLU B 91 22.67 38.56 -7.19
CA GLU B 91 21.38 39.12 -7.59
C GLU B 91 21.25 39.31 -9.10
N ALA B 92 22.35 39.72 -9.76
CA ALA B 92 22.39 39.92 -11.21
C ALA B 92 22.14 38.62 -11.99
N ASP B 93 22.40 37.45 -11.38
CA ASP B 93 22.17 36.14 -11.99
C ASP B 93 20.74 35.62 -11.83
N GLU B 94 19.89 36.30 -11.06
CA GLU B 94 18.50 35.89 -10.87
C GLU B 94 17.72 36.06 -12.16
N LEU B 95 16.98 35.02 -12.55
CA LEU B 95 16.31 35.01 -13.86
C LEU B 95 14.92 35.63 -13.90
N PRO B 96 14.71 36.64 -14.77
CA PRO B 96 13.37 37.21 -14.90
C PRO B 96 12.38 36.21 -15.45
N ASN B 97 11.10 36.39 -15.13
CA ASN B 97 10.07 35.49 -15.61
C ASN B 97 8.98 36.26 -16.28
N LYS B 98 8.64 35.89 -17.52
CA LYS B 98 7.55 36.51 -18.25
C LYS B 98 6.22 35.98 -17.69
N ASP B 99 5.21 36.84 -17.59
CA ASP B 99 3.86 36.54 -17.14
C ASP B 99 3.76 36.12 -15.67
N ILE B 100 4.65 36.61 -14.81
CA ILE B 100 4.58 36.31 -13.38
C ILE B 100 4.04 37.53 -12.63
N SER B 101 3.47 37.29 -11.46
CA SER B 101 3.02 38.37 -10.59
C SER B 101 3.03 37.95 -9.12
N VAL B 102 3.16 38.92 -8.23
CA VAL B 102 2.97 38.75 -6.80
C VAL B 102 2.01 39.87 -6.38
N VAL B 103 1.00 39.50 -5.60
CA VAL B 103 0.02 40.46 -5.14
C VAL B 103 0.05 40.60 -3.61
N PHE B 104 0.23 41.84 -3.13
CA PHE B 104 0.18 42.15 -1.71
C PHE B 104 -1.23 42.63 -1.38
N ILE B 105 -1.75 42.27 -0.22
CA ILE B 105 -3.06 42.75 0.21
C ILE B 105 -2.86 43.98 1.11
N ASP B 106 -2.75 45.14 0.49
CA ASP B 106 -2.47 46.41 1.16
C ASP B 106 -3.52 46.81 2.20
N LYS B 107 -4.79 46.79 1.83
CA LYS B 107 -5.89 47.14 2.72
C LYS B 107 -7.07 46.21 2.46
N ILE B 108 -7.89 46.01 3.48
CA ILE B 108 -9.10 45.22 3.39
C ILE B 108 -10.17 46.01 4.12
N GLU B 109 -11.34 46.22 3.49
CA GLU B 109 -12.43 46.99 4.10
C GLU B 109 -13.77 46.28 3.94
N ASP B 110 -14.60 46.32 4.99
CA ASP B 110 -15.95 45.78 4.90
C ASP B 110 -16.82 46.81 4.16
N VAL B 111 -17.35 46.43 2.98
CA VAL B 111 -18.22 47.32 2.19
C VAL B 111 -19.65 46.77 2.03
N THR B 112 -20.09 45.93 2.97
CA THR B 112 -21.40 45.27 2.91
C THR B 112 -22.58 46.25 2.77
N ASP B 113 -22.66 47.26 3.66
CA ASP B 113 -23.75 48.25 3.61
C ASP B 113 -23.76 49.06 2.32
N TYR B 114 -22.58 49.44 1.83
CA TYR B 114 -22.41 50.15 0.57
C TYR B 114 -22.93 49.29 -0.61
N VAL B 115 -22.50 48.02 -0.70
CA VAL B 115 -22.95 47.14 -1.78
C VAL B 115 -24.46 46.85 -1.70
N LYS B 116 -24.97 46.57 -0.50
CA LYS B 116 -26.39 46.31 -0.28
C LYS B 116 -27.25 47.55 -0.60
N LYS B 117 -26.74 48.77 -0.37
CA LYS B 117 -27.47 49.98 -0.73
C LYS B 117 -27.51 50.11 -2.25
N GLU B 118 -26.37 49.92 -2.92
CA GLU B 118 -26.27 49.99 -4.38
C GLU B 118 -27.19 48.96 -5.05
N LEU B 119 -27.26 47.74 -4.48
CA LEU B 119 -28.07 46.62 -4.98
C LEU B 119 -29.58 46.92 -4.94
N LYS B 120 -30.04 47.78 -4.00
CA LYS B 120 -31.44 48.19 -3.90
C LYS B 120 -31.96 48.85 -5.18
N ALA B 121 -31.06 49.37 -6.04
CA ALA B 121 -31.46 49.98 -7.30
C ALA B 121 -31.67 48.96 -8.43
N ILE B 122 -31.48 47.65 -8.18
CA ILE B 122 -31.61 46.63 -9.23
C ILE B 122 -33.02 46.51 -9.81
N LYS B 123 -34.02 46.30 -8.95
CA LYS B 123 -35.44 46.14 -9.32
C LYS B 123 -35.76 44.67 -9.51
N ASP B 124 -35.18 44.00 -10.56
CA ASP B 124 -35.38 42.56 -10.76
C ASP B 124 -34.89 41.78 -9.53
N PRO B 125 -35.80 41.16 -8.79
CA PRO B 125 -35.38 40.43 -7.58
C PRO B 125 -34.45 39.26 -7.82
N ASN B 126 -34.53 38.65 -9.01
CA ASN B 126 -33.73 37.48 -9.32
C ASN B 126 -32.40 37.81 -10.06
N SER B 127 -32.04 39.09 -10.11
CA SER B 127 -30.79 39.55 -10.70
C SER B 127 -29.57 38.87 -10.04
N MET B 128 -28.59 38.50 -10.85
CA MET B 128 -27.36 37.90 -10.33
C MET B 128 -26.20 38.92 -10.23
N ASP B 129 -26.50 40.23 -10.33
CA ASP B 129 -25.50 41.28 -10.23
C ASP B 129 -24.75 41.25 -8.91
N TYR B 130 -25.41 40.83 -7.83
CA TYR B 130 -24.83 40.76 -6.50
C TYR B 130 -23.59 39.81 -6.44
N LEU B 131 -23.41 38.93 -7.44
CA LEU B 131 -22.25 38.04 -7.56
C LEU B 131 -21.40 38.31 -8.80
N SER B 132 -21.79 39.27 -9.64
CA SER B 132 -21.10 39.59 -10.88
C SER B 132 -19.80 40.33 -10.66
N PRO B 133 -18.68 39.78 -11.13
CA PRO B 133 -17.40 40.49 -11.01
C PRO B 133 -17.41 41.82 -11.76
N LYS B 134 -18.11 41.90 -12.88
CA LYS B 134 -18.24 43.13 -13.66
C LYS B 134 -19.01 44.18 -12.85
N TYR B 135 -20.16 43.81 -12.25
CA TYR B 135 -20.95 44.75 -11.46
C TYR B 135 -20.20 45.21 -10.21
N LEU B 136 -19.58 44.26 -9.48
CA LEU B 136 -18.84 44.56 -8.25
C LEU B 136 -17.61 45.44 -8.56
N GLN B 137 -17.00 45.29 -9.75
CA GLN B 137 -15.86 46.12 -10.17
C GLN B 137 -16.31 47.56 -10.39
N LYS B 138 -17.51 47.75 -10.94
CA LYS B 138 -18.10 49.07 -11.12
C LYS B 138 -18.28 49.75 -9.74
N LEU B 139 -18.67 48.97 -8.71
CA LEU B 139 -18.85 49.52 -7.38
C LEU B 139 -17.52 49.80 -6.69
N ALA B 140 -16.51 48.93 -6.93
CA ALA B 140 -15.17 49.07 -6.39
C ALA B 140 -14.57 50.37 -6.94
N ASP B 141 -14.68 50.59 -8.27
CA ASP B 141 -14.20 51.79 -8.98
C ASP B 141 -14.88 53.05 -8.49
N LYS B 142 -16.20 52.98 -8.23
CA LYS B 142 -16.97 54.13 -7.77
C LYS B 142 -16.50 54.55 -6.38
N LYS B 143 -16.24 53.59 -5.50
CA LYS B 143 -15.79 53.89 -4.15
C LYS B 143 -14.33 54.38 -4.10
N ALA B 144 -13.43 53.77 -4.89
CA ALA B 144 -12.03 54.15 -4.90
C ALA B 144 -11.76 55.48 -5.60
N GLY B 145 -12.57 55.82 -6.60
CA GLY B 145 -12.42 57.08 -7.33
C GLY B 145 -12.11 56.88 -8.80
N LYS B 146 -12.33 57.93 -9.63
CA LYS B 146 -12.09 57.84 -11.08
C LYS B 146 -10.66 57.43 -11.42
N ASN B 147 -9.66 58.23 -11.04
CA ASN B 147 -8.28 57.91 -11.36
C ASN B 147 -7.50 57.30 -10.18
N PHE B 148 -8.10 56.31 -9.48
CA PHE B 148 -7.43 55.69 -8.34
C PHE B 148 -6.05 55.12 -8.68
N SER B 149 -5.97 54.27 -9.72
CA SER B 149 -4.70 53.63 -10.07
C SER B 149 -3.66 54.61 -10.62
N ALA B 150 -4.11 55.72 -11.22
CA ALA B 150 -3.20 56.76 -11.70
C ALA B 150 -2.66 57.56 -10.49
N LYS B 151 -3.53 57.84 -9.50
CA LYS B 151 -3.14 58.58 -8.29
C LYS B 151 -2.36 57.73 -7.27
N ASN B 152 -2.49 56.40 -7.35
CA ASN B 152 -1.83 55.45 -6.45
C ASN B 152 -1.17 54.34 -7.28
N PRO B 153 -0.04 54.63 -7.97
CA PRO B 153 0.54 53.62 -8.87
C PRO B 153 0.90 52.28 -8.23
N GLY B 154 0.59 51.19 -8.95
CA GLY B 154 0.78 49.83 -8.47
C GLY B 154 -0.41 49.27 -7.69
N LEU B 155 -1.30 50.17 -7.22
CA LEU B 155 -2.49 49.80 -6.46
C LEU B 155 -3.74 49.61 -7.32
N SER B 156 -4.57 48.61 -6.97
CA SER B 156 -5.87 48.36 -7.62
C SER B 156 -6.91 47.90 -6.59
N VAL B 157 -8.20 48.03 -6.91
CA VAL B 157 -9.26 47.66 -5.98
C VAL B 157 -10.12 46.52 -6.53
N GLU B 158 -10.67 45.74 -5.62
CA GLU B 158 -11.55 44.66 -6.00
C GLU B 158 -12.55 44.38 -4.89
N ILE B 159 -13.81 44.19 -5.23
CA ILE B 159 -14.85 43.83 -4.26
C ILE B 159 -15.22 42.38 -4.52
N LYS B 160 -15.32 41.58 -3.46
CA LYS B 160 -15.75 40.20 -3.56
C LYS B 160 -16.93 39.94 -2.60
N ALA B 161 -17.81 39.03 -2.99
CA ALA B 161 -18.94 38.56 -2.20
C ALA B 161 -18.49 37.42 -1.29
N PHE B 162 -19.04 37.35 -0.08
CA PHE B 162 -18.74 36.29 0.92
C PHE B 162 -20.07 35.84 1.52
N TYR B 163 -20.10 34.61 2.09
CA TYR B 163 -21.30 34.06 2.73
C TYR B 163 -22.51 34.07 1.77
N GLY B 164 -22.27 33.72 0.51
CA GLY B 164 -23.29 33.69 -0.52
C GLY B 164 -23.94 35.02 -0.88
N GLY B 165 -23.22 36.11 -0.67
CA GLY B 165 -23.74 37.44 -0.96
C GLY B 165 -24.26 38.18 0.26
N ASN B 166 -23.92 37.72 1.47
CA ASN B 166 -24.33 38.39 2.70
C ASN B 166 -23.27 39.33 3.28
N LEU B 167 -22.04 39.28 2.75
CA LEU B 167 -20.95 40.11 3.23
C LEU B 167 -20.08 40.49 2.02
N TYR B 168 -19.60 41.74 1.96
CA TYR B 168 -18.72 42.18 0.87
C TYR B 168 -17.48 42.82 1.41
N LEU B 169 -16.34 42.53 0.79
CA LEU B 169 -15.08 43.14 1.18
C LEU B 169 -14.42 43.77 -0.01
N MET B 170 -13.80 44.94 0.20
CA MET B 170 -13.03 45.59 -0.82
C MET B 170 -11.55 45.44 -0.46
N PHE B 171 -10.77 44.93 -1.40
CA PHE B 171 -9.35 44.71 -1.23
C PHE B 171 -8.60 45.74 -2.03
N THR B 172 -7.60 46.38 -1.41
CA THR B 172 -6.71 47.27 -2.11
C THR B 172 -5.44 46.44 -2.28
N LYS B 173 -5.09 46.13 -3.52
CA LYS B 173 -4.00 45.24 -3.86
C LYS B 173 -2.83 45.97 -4.48
N LYS B 174 -1.61 45.53 -4.19
CA LYS B 174 -0.42 46.12 -4.81
C LYS B 174 0.23 44.98 -5.60
N THR B 175 0.28 45.10 -6.94
CA THR B 175 0.80 44.02 -7.77
C THR B 175 2.18 44.30 -8.36
N TYR B 176 3.14 43.35 -8.23
CA TYR B 176 4.51 43.46 -8.78
C TYR B 176 4.66 42.40 -9.87
N THR B 177 5.21 42.76 -11.04
CA THR B 177 5.34 41.78 -12.13
C THR B 177 6.77 41.45 -12.51
N ASP B 178 7.77 42.02 -11.84
CA ASP B 178 9.15 41.64 -12.06
C ASP B 178 9.52 40.73 -10.87
N VAL B 179 9.34 39.43 -10.99
CA VAL B 179 9.62 38.48 -9.91
C VAL B 179 10.55 37.43 -10.50
N ARG B 180 11.79 37.46 -10.03
CA ARG B 180 12.86 36.66 -10.61
C ARG B 180 13.15 35.38 -9.84
N LEU B 181 13.54 34.33 -10.57
CA LEU B 181 13.91 33.04 -10.01
C LEU B 181 15.25 33.17 -9.35
N VAL B 182 15.34 32.80 -8.07
CA VAL B 182 16.56 32.92 -7.30
C VAL B 182 17.17 31.55 -6.97
N GLY B 183 16.33 30.63 -6.54
CA GLY B 183 16.80 29.31 -6.15
C GLY B 183 15.74 28.24 -6.19
N ALA B 184 16.17 27.01 -6.43
CA ALA B 184 15.27 25.87 -6.44
C ALA B 184 16.10 24.63 -6.23
N PRO B 185 15.61 23.70 -5.41
CA PRO B 185 16.33 22.45 -5.25
C PRO B 185 16.13 21.58 -6.50
N PRO B 186 16.94 20.50 -6.67
CA PRO B 186 16.65 19.57 -7.79
C PRO B 186 15.23 19.01 -7.66
N SER B 187 14.64 18.53 -8.77
CA SER B 187 13.30 17.94 -8.68
C SER B 187 13.26 16.71 -7.79
N SER B 188 14.40 16.02 -7.61
CA SER B 188 14.48 14.85 -6.72
C SER B 188 14.14 15.27 -5.27
N ILE B 189 14.40 16.53 -4.88
CA ILE B 189 14.04 17.04 -3.56
C ILE B 189 12.66 17.73 -3.60
N GLY B 190 12.49 18.69 -4.54
CA GLY B 190 11.30 19.50 -4.69
C GLY B 190 10.03 18.72 -4.96
N LYS B 191 10.20 17.55 -5.58
CA LYS B 191 9.09 16.69 -5.91
C LYS B 191 9.48 15.24 -5.60
N PHE B 192 10.16 15.00 -4.46
CA PHE B 192 10.62 13.66 -4.05
C PHE B 192 9.57 12.56 -4.20
N GLY B 193 8.41 12.72 -3.57
CA GLY B 193 7.39 11.67 -3.68
C GLY B 193 6.87 11.48 -5.09
N ALA B 194 6.95 12.57 -5.89
CA ALA B 194 6.48 12.74 -7.26
C ALA B 194 4.94 12.45 -7.22
N ASP B 195 4.33 11.63 -8.11
CA ASP B 195 2.90 11.39 -8.02
C ASP B 195 2.54 10.36 -6.98
N THR B 196 3.44 9.39 -6.66
CA THR B 196 3.16 8.34 -5.66
C THR B 196 2.81 8.89 -4.28
N ASP B 197 3.52 9.94 -3.82
CA ASP B 197 3.26 10.52 -2.51
C ASP B 197 2.32 11.72 -2.53
N ASN B 198 1.65 12.01 -3.68
CA ASN B 198 0.69 13.12 -3.74
C ASN B 198 -0.48 12.83 -2.80
N TRP B 199 -0.86 13.82 -1.97
CA TRP B 199 -1.90 13.70 -0.93
C TRP B 199 -1.47 12.74 0.18
N ILE B 200 -0.17 12.39 0.29
CA ILE B 200 0.25 11.39 1.30
C ILE B 200 0.97 12.00 2.48
N TRP B 201 0.57 11.59 3.66
CA TRP B 201 1.27 11.79 4.92
C TRP B 201 1.49 10.39 5.47
N PRO B 202 2.70 10.00 5.94
CA PRO B 202 3.95 10.77 6.04
C PRO B 202 4.48 11.24 4.68
N ARG B 203 5.11 12.42 4.65
CA ARG B 203 5.65 13.00 3.41
C ARG B 203 7.09 13.45 3.62
N HIS B 204 7.93 13.27 2.61
CA HIS B 204 9.37 13.56 2.69
C HIS B 204 9.87 14.46 1.57
N THR B 205 9.00 15.34 1.11
CA THR B 205 9.28 16.22 -0.03
C THR B 205 9.70 17.62 0.41
N GLY B 206 10.84 18.09 -0.11
CA GLY B 206 11.33 19.44 0.15
C GLY B 206 10.75 20.42 -0.85
N ASP B 207 9.42 20.56 -0.80
CA ASP B 207 8.64 21.38 -1.72
C ASP B 207 8.77 22.87 -1.52
N PHE B 208 9.87 23.44 -2.02
CA PHE B 208 10.13 24.88 -1.97
C PHE B 208 10.89 25.38 -3.22
N SER B 209 10.76 26.67 -3.51
CA SER B 209 11.48 27.42 -4.52
C SER B 209 11.59 28.87 -4.03
N ILE B 210 12.55 29.61 -4.57
CA ILE B 210 12.89 30.95 -4.09
C ILE B 210 12.87 31.95 -5.24
N PHE B 211 12.20 33.06 -5.00
CA PHE B 211 12.07 34.14 -5.97
C PHE B 211 12.46 35.47 -5.31
N ARG B 212 12.51 36.55 -6.08
CA ARG B 212 12.78 37.87 -5.54
C ARG B 212 11.93 38.87 -6.29
N ILE B 213 11.26 39.75 -5.55
CA ILE B 213 10.46 40.80 -6.11
C ILE B 213 11.37 41.97 -6.45
N TYR B 214 11.30 42.43 -7.69
CA TYR B 214 12.03 43.60 -8.15
C TYR B 214 11.01 44.71 -8.43
N ALA B 215 11.44 45.96 -8.32
CA ALA B 215 10.59 47.14 -8.48
C ALA B 215 11.44 48.35 -9.04
N ASP B 216 10.83 49.55 -9.25
CA ASP B 216 11.60 50.71 -9.65
C ASP B 216 12.40 51.24 -8.43
N LYS B 217 13.17 52.33 -8.60
CA LYS B 217 13.99 52.94 -7.55
C LYS B 217 13.22 53.30 -6.28
N ASN B 218 11.91 53.58 -6.38
CA ASN B 218 11.11 53.93 -5.20
C ASN B 218 10.30 52.77 -4.62
N GLY B 219 10.61 51.54 -5.02
CA GLY B 219 9.87 50.38 -4.53
C GLY B 219 8.49 50.24 -5.11
N ASN B 220 8.17 51.01 -6.18
CA ASN B 220 6.88 50.94 -6.84
C ASN B 220 6.90 49.86 -7.90
N PRO B 221 5.77 49.18 -8.12
CA PRO B 221 5.72 48.13 -9.15
C PRO B 221 6.15 48.60 -10.54
N ALA B 222 6.85 47.73 -11.25
CA ALA B 222 7.30 48.05 -12.59
C ALA B 222 7.50 46.76 -13.35
N PRO B 223 7.10 46.72 -14.63
CA PRO B 223 7.38 45.52 -15.44
C PRO B 223 8.90 45.29 -15.55
N TYR B 224 9.31 44.07 -15.96
CA TYR B 224 10.74 43.77 -16.09
C TYR B 224 11.54 44.86 -16.86
N SER B 225 12.64 45.29 -16.23
CA SER B 225 13.58 46.25 -16.75
C SER B 225 14.93 45.92 -16.12
N GLU B 226 16.01 45.96 -16.93
CA GLU B 226 17.36 45.73 -16.40
C GLU B 226 17.72 46.77 -15.32
N ASP B 227 17.03 47.93 -15.28
CA ASP B 227 17.23 48.99 -14.29
C ASP B 227 16.48 48.73 -12.97
N ASN B 228 15.66 47.67 -12.89
CA ASN B 228 14.91 47.35 -11.67
C ASN B 228 15.81 46.88 -10.54
N VAL B 229 15.43 47.22 -9.32
CA VAL B 229 16.17 46.99 -8.10
C VAL B 229 15.30 46.14 -7.13
N PRO B 230 15.91 45.28 -6.29
CA PRO B 230 15.10 44.49 -5.34
C PRO B 230 14.18 45.35 -4.48
N LEU B 231 12.97 44.86 -4.22
CA LEU B 231 12.01 45.60 -3.42
C LEU B 231 12.41 45.54 -1.97
N LYS B 232 12.37 46.68 -1.27
CA LYS B 232 12.60 46.70 0.16
C LYS B 232 11.19 46.71 0.76
N PRO B 233 10.69 45.57 1.25
CA PRO B 233 9.30 45.54 1.74
C PRO B 233 9.15 46.15 3.13
N LYS B 234 7.92 46.56 3.46
CA LYS B 234 7.65 47.11 4.79
C LYS B 234 7.63 46.01 5.89
N ARG B 235 7.52 44.74 5.50
CA ARG B 235 7.49 43.64 6.44
C ARG B 235 7.99 42.34 5.78
N PHE B 236 8.72 41.56 6.54
CA PHE B 236 9.18 40.24 6.11
C PHE B 236 9.17 39.30 7.32
N PHE B 237 9.14 38.00 7.05
CA PHE B 237 9.12 37.01 8.12
C PHE B 237 10.51 36.76 8.67
N ASN B 238 10.62 36.61 9.98
CA ASN B 238 11.87 36.14 10.57
C ASN B 238 11.78 34.61 10.47
N ILE B 239 12.91 33.95 10.24
CA ILE B 239 12.97 32.51 10.17
C ILE B 239 13.25 31.97 11.55
N SER B 240 12.49 30.96 12.02
CA SER B 240 12.80 30.33 13.29
C SER B 240 13.64 29.06 13.06
N LEU B 241 14.68 28.90 13.87
CA LEU B 241 15.42 27.63 13.88
C LEU B 241 15.10 26.78 15.15
N GLY B 242 14.12 27.23 15.95
CA GLY B 242 13.68 26.54 17.17
C GLY B 242 12.89 25.27 16.90
N GLY B 243 12.37 25.13 15.69
CA GLY B 243 11.65 23.94 15.29
C GLY B 243 10.25 23.81 15.84
N VAL B 244 9.70 22.59 15.75
CA VAL B 244 8.36 22.29 16.25
C VAL B 244 8.38 21.09 17.17
N GLN B 245 7.39 21.02 18.05
CA GLN B 245 7.14 19.92 18.96
C GLN B 245 5.68 19.55 18.82
N GLU B 246 5.30 18.32 19.20
CA GLU B 246 3.91 17.89 19.19
C GLU B 246 3.07 18.85 20.09
N ASN B 247 1.92 19.27 19.58
CA ASN B 247 0.97 20.17 20.24
C ASN B 247 1.33 21.64 20.14
N ASP B 248 2.44 22.01 19.48
CA ASP B 248 2.79 23.43 19.32
C ASP B 248 1.72 24.15 18.55
N TYR B 249 1.44 25.39 18.93
CA TYR B 249 0.53 26.23 18.20
C TYR B 249 1.15 26.54 16.84
N ALA B 250 0.33 26.48 15.79
CA ALA B 250 0.76 26.86 14.45
C ALA B 250 -0.36 27.62 13.75
N MET B 251 0.00 28.54 12.89
CA MET B 251 -0.98 29.29 12.14
C MET B 251 -0.48 29.57 10.74
N ILE B 252 -1.41 29.75 9.83
CA ILE B 252 -1.13 30.00 8.43
C ILE B 252 -1.95 31.17 7.93
N MET B 253 -1.38 31.91 6.99
CA MET B 253 -2.09 32.90 6.21
C MET B 253 -1.91 32.52 4.74
N GLY B 254 -2.96 32.70 3.95
CA GLY B 254 -2.88 32.35 2.54
C GLY B 254 -4.16 32.57 1.78
N PHE B 255 -4.24 32.00 0.57
CA PHE B 255 -5.37 32.25 -0.31
C PHE B 255 -6.12 30.98 -0.70
N PRO B 256 -6.86 30.37 0.24
CA PRO B 256 -7.63 29.16 -0.13
C PRO B 256 -8.64 29.48 -1.21
N GLY B 257 -8.68 28.62 -2.22
CA GLY B 257 -9.50 28.84 -3.40
C GLY B 257 -10.97 28.65 -3.24
N THR B 258 -11.43 27.41 -2.96
CA THR B 258 -12.86 27.13 -2.87
C THR B 258 -13.17 26.10 -1.78
N THR B 259 -14.32 26.25 -1.15
CA THR B 259 -14.85 25.26 -0.21
C THR B 259 -16.36 25.20 -0.47
N HIS B 260 -17.05 24.22 0.11
CA HIS B 260 -18.48 24.06 -0.03
C HIS B 260 -19.03 23.66 1.33
N ARG B 261 -18.74 24.51 2.34
CA ARG B 261 -19.14 24.30 3.73
C ARG B 261 -20.65 24.43 3.95
N TYR B 262 -21.38 25.07 3.02
CA TYR B 262 -22.81 25.25 3.18
C TYR B 262 -23.62 24.41 2.20
N PHE B 263 -23.04 23.30 1.69
CA PHE B 263 -23.72 22.33 0.84
C PHE B 263 -24.92 21.77 1.61
N THR B 264 -26.03 21.53 0.92
CA THR B 264 -27.15 20.84 1.55
C THR B 264 -26.79 19.34 1.52
N ALA B 265 -27.54 18.49 2.25
CA ALA B 265 -27.35 17.06 2.21
C ALA B 265 -27.57 16.54 0.76
N SER B 266 -28.55 17.13 0.02
CA SER B 266 -28.81 16.74 -1.37
C SER B 266 -27.64 17.05 -2.31
N GLU B 267 -26.90 18.13 -2.04
CA GLU B 267 -25.71 18.49 -2.82
C GLU B 267 -24.56 17.53 -2.48
N VAL B 268 -24.44 17.07 -1.22
CA VAL B 268 -23.43 16.07 -0.85
C VAL B 268 -23.76 14.75 -1.62
N ASP B 269 -25.03 14.33 -1.67
CA ASP B 269 -25.44 13.09 -2.37
C ASP B 269 -25.14 13.19 -3.86
N GLU B 270 -25.41 14.36 -4.44
CA GLU B 270 -25.14 14.62 -5.85
C GLU B 270 -23.64 14.58 -6.13
N TRP B 271 -22.82 15.21 -5.28
CA TRP B 271 -21.37 15.22 -5.43
C TRP B 271 -20.81 13.78 -5.40
N LYS B 272 -21.34 12.95 -4.50
CA LYS B 272 -20.93 11.55 -4.39
C LYS B 272 -21.40 10.72 -5.61
N SER B 273 -22.73 10.66 -5.84
CA SER B 273 -23.38 9.76 -6.78
C SER B 273 -23.22 10.12 -8.23
N ILE B 274 -22.97 11.40 -8.54
CA ILE B 274 -22.78 11.81 -9.92
C ILE B 274 -21.31 12.15 -10.15
N ASP B 275 -20.85 13.34 -9.68
CA ASP B 275 -19.53 13.85 -9.90
C ASP B 275 -18.44 12.87 -9.57
N ASN B 276 -18.41 12.37 -8.32
CA ASN B 276 -17.33 11.52 -7.89
C ASN B 276 -17.42 10.10 -8.47
N ASP B 277 -18.58 9.43 -8.38
CA ASP B 277 -18.72 8.07 -8.89
C ASP B 277 -18.45 7.97 -10.38
N ILE B 278 -18.85 8.99 -11.17
CA ILE B 278 -18.61 8.95 -12.62
C ILE B 278 -17.12 9.16 -12.92
N ARG B 279 -16.48 10.17 -12.29
CA ARG B 279 -15.07 10.44 -12.44
C ARG B 279 -14.24 9.19 -12.03
N ILE B 280 -14.60 8.55 -10.91
CA ILE B 280 -13.91 7.35 -10.44
C ILE B 280 -14.07 6.22 -11.46
N ARG B 281 -15.32 5.91 -11.82
CA ARG B 281 -15.58 4.82 -12.77
C ARG B 281 -14.88 5.02 -14.13
N MET B 282 -15.07 6.19 -14.74
CA MET B 282 -14.49 6.48 -16.06
C MET B 282 -12.97 6.55 -16.05
N ARG B 283 -12.39 7.17 -15.01
CA ARG B 283 -10.93 7.26 -14.94
C ARG B 283 -10.30 5.92 -14.65
N ASP B 284 -10.96 5.06 -13.87
CA ASP B 284 -10.43 3.71 -13.63
C ASP B 284 -10.37 2.92 -14.96
N ILE B 285 -11.39 3.04 -15.82
CA ILE B 285 -11.37 2.38 -17.13
C ILE B 285 -10.24 2.92 -17.99
N ARG B 286 -10.14 4.24 -18.12
CA ARG B 286 -9.13 4.91 -18.93
C ARG B 286 -7.70 4.58 -18.50
N GLN B 287 -7.42 4.73 -17.21
CA GLN B 287 -6.14 4.47 -16.57
C GLN B 287 -5.76 3.00 -16.67
N GLY B 288 -6.74 2.09 -16.53
CA GLY B 288 -6.48 0.66 -16.65
C GLY B 288 -5.97 0.30 -18.03
N VAL B 289 -6.58 0.85 -19.09
CA VAL B 289 -6.13 0.57 -20.45
C VAL B 289 -4.75 1.19 -20.67
N MET B 290 -4.57 2.46 -20.29
CA MET B 290 -3.29 3.15 -20.42
C MET B 290 -2.15 2.42 -19.71
N LEU B 291 -2.37 1.97 -18.46
CA LEU B 291 -1.38 1.24 -17.68
C LEU B 291 -0.97 -0.06 -18.35
N ARG B 292 -1.94 -0.88 -18.83
CA ARG B 292 -1.66 -2.11 -19.57
C ARG B 292 -0.73 -1.82 -20.77
N GLU B 293 -1.02 -0.74 -21.53
CA GLU B 293 -0.24 -0.41 -22.71
C GLU B 293 1.14 0.14 -22.38
N MET B 294 1.23 0.92 -21.30
CA MET B 294 2.51 1.50 -20.88
C MET B 294 3.42 0.40 -20.36
N LEU B 295 2.88 -0.57 -19.60
CA LEU B 295 3.64 -1.70 -19.07
C LEU B 295 4.14 -2.65 -20.17
N ALA B 296 3.39 -2.75 -21.27
CA ALA B 296 3.75 -3.66 -22.35
C ALA B 296 4.76 -3.08 -23.35
N ASP B 297 4.89 -1.75 -23.43
CA ASP B 297 5.75 -1.10 -24.40
C ASP B 297 6.45 0.09 -23.75
N PRO B 298 7.80 0.03 -23.65
CA PRO B 298 8.55 1.14 -23.04
C PRO B 298 8.34 2.49 -23.72
N GLN B 299 8.11 2.47 -25.03
CA GLN B 299 7.87 3.69 -25.79
C GLN B 299 6.48 4.25 -25.45
N ILE B 300 5.48 3.38 -25.21
CA ILE B 300 4.14 3.83 -24.81
C ILE B 300 4.18 4.45 -23.41
N LYS B 301 5.01 3.89 -22.51
CA LYS B 301 5.20 4.44 -21.18
C LYS B 301 5.74 5.86 -21.25
N ILE B 302 6.72 6.11 -22.12
CA ILE B 302 7.29 7.45 -22.29
C ILE B 302 6.23 8.42 -22.81
N MET B 303 5.50 8.01 -23.84
CA MET B 303 4.50 8.85 -24.45
C MET B 303 3.28 9.15 -23.57
N TYR B 304 2.86 8.20 -22.72
CA TYR B 304 1.62 8.35 -21.95
C TYR B 304 1.79 8.62 -20.46
N SER B 305 3.04 8.69 -19.96
CA SER B 305 3.29 8.91 -18.53
C SER B 305 2.67 10.18 -17.98
N ALA B 306 2.84 11.31 -18.64
CA ALA B 306 2.26 12.57 -18.17
C ALA B 306 0.71 12.55 -18.24
N LYS B 307 0.13 12.02 -19.35
CA LYS B 307 -1.33 11.92 -19.50
C LYS B 307 -1.94 11.02 -18.42
N TYR B 308 -1.24 9.93 -18.09
CA TYR B 308 -1.69 9.02 -17.05
C TYR B 308 -1.64 9.70 -15.67
N ALA B 309 -0.55 10.40 -15.38
CA ALA B 309 -0.40 11.11 -14.12
C ALA B 309 -1.44 12.24 -13.97
N ALA B 310 -1.69 13.00 -15.04
CA ALA B 310 -2.70 14.06 -15.01
C ALA B 310 -4.09 13.49 -14.68
N SER B 311 -4.45 12.34 -15.27
CA SER B 311 -5.76 11.73 -15.03
C SER B 311 -5.90 11.28 -13.56
N GLN B 312 -4.81 10.73 -13.01
CA GLN B 312 -4.72 10.26 -11.64
C GLN B 312 -4.95 11.31 -10.57
N ASN B 313 -4.57 12.58 -10.81
CA ASN B 313 -4.73 13.64 -9.79
C ASN B 313 -6.16 13.76 -9.25
N ALA B 314 -7.14 14.06 -10.13
CA ALA B 314 -8.53 14.24 -9.70
C ALA B 314 -9.20 12.92 -9.38
N TYR B 315 -8.71 11.80 -9.94
CA TYR B 315 -9.17 10.46 -9.62
C TYR B 315 -8.90 10.20 -8.12
N LYS B 316 -7.67 10.46 -7.65
CA LYS B 316 -7.29 10.28 -6.25
C LYS B 316 -8.10 11.20 -5.33
N ARG B 317 -8.31 12.44 -5.76
CA ARG B 317 -9.08 13.40 -4.99
C ARG B 317 -10.52 12.89 -4.79
N ALA B 318 -11.15 12.36 -5.85
CA ALA B 318 -12.53 11.84 -5.81
C ALA B 318 -12.63 10.61 -4.89
N ILE B 319 -11.62 9.73 -4.89
CA ILE B 319 -11.59 8.57 -3.99
C ILE B 319 -11.51 9.07 -2.54
N GLY B 320 -10.65 10.06 -2.30
CA GLY B 320 -10.52 10.66 -0.96
C GLY B 320 -11.81 11.32 -0.50
N ALA B 321 -12.48 12.05 -1.40
CA ALA B 321 -13.73 12.71 -1.09
C ALA B 321 -14.83 11.70 -0.77
N ASN B 322 -14.95 10.64 -1.59
CA ASN B 322 -15.97 9.60 -1.36
C ASN B 322 -15.71 8.82 -0.08
N TRP B 323 -14.42 8.67 0.31
CA TRP B 323 -14.12 8.01 1.59
C TRP B 323 -14.69 8.85 2.75
N ALA B 324 -14.58 10.18 2.69
CA ALA B 324 -15.11 11.05 3.76
C ALA B 324 -16.63 10.98 3.79
N ILE B 325 -17.28 11.00 2.62
CA ILE B 325 -18.75 10.93 2.55
C ILE B 325 -19.25 9.62 3.16
N LYS B 326 -18.57 8.52 2.85
CA LYS B 326 -18.95 7.21 3.39
C LYS B 326 -18.66 7.04 4.88
N THR B 327 -17.50 7.52 5.35
CA THR B 327 -17.05 7.21 6.70
C THR B 327 -17.18 8.34 7.73
N ARG B 328 -17.27 9.60 7.30
CA ARG B 328 -17.27 10.71 8.26
C ARG B 328 -18.62 11.40 8.44
N GLY B 329 -19.69 10.82 7.90
CA GLY B 329 -21.04 11.33 8.07
C GLY B 329 -21.26 12.71 7.50
N LEU B 330 -20.64 13.02 6.35
CA LEU B 330 -20.78 14.36 5.75
C LEU B 330 -22.22 14.70 5.40
N ARG B 331 -22.94 13.77 4.78
CA ARG B 331 -24.33 13.99 4.38
C ARG B 331 -25.22 14.25 5.59
N GLN B 332 -25.06 13.42 6.61
CA GLN B 332 -25.82 13.47 7.85
C GLN B 332 -25.58 14.77 8.59
N ASN B 333 -24.34 15.26 8.60
CA ASN B 333 -24.02 16.52 9.28
C ASN B 333 -24.64 17.72 8.57
N LYS B 334 -24.68 17.71 7.22
CA LYS B 334 -25.34 18.80 6.50
C LYS B 334 -26.86 18.73 6.77
N GLN B 335 -27.41 17.51 6.85
CA GLN B 335 -28.82 17.28 7.11
C GLN B 335 -29.20 17.83 8.48
N ALA B 336 -28.37 17.58 9.51
CA ALA B 336 -28.61 18.10 10.86
C ALA B 336 -28.52 19.64 10.89
N MET B 337 -27.59 20.22 10.11
CA MET B 337 -27.43 21.68 10.04
C MET B 337 -28.70 22.31 9.45
N GLN B 338 -29.19 21.77 8.34
CA GLN B 338 -30.38 22.33 7.69
C GLN B 338 -31.66 22.06 8.52
N ASP B 339 -31.76 20.92 9.23
CA ASP B 339 -32.93 20.61 10.08
C ASP B 339 -33.00 21.56 11.28
N ARG B 340 -31.84 21.90 11.85
CA ARG B 340 -31.75 22.82 12.96
C ARG B 340 -32.19 24.24 12.53
N LEU B 341 -31.79 24.67 11.29
CA LEU B 341 -32.22 25.97 10.79
C LEU B 341 -33.74 25.99 10.52
N ILE B 342 -34.28 24.89 10.00
CA ILE B 342 -35.70 24.75 9.69
C ILE B 342 -36.55 24.82 10.97
N ALA B 343 -36.09 24.17 12.05
CA ALA B 343 -36.77 24.18 13.36
C ALA B 343 -36.74 25.58 13.96
N TRP B 344 -35.62 26.28 13.82
CA TRP B 344 -35.45 27.64 14.32
C TRP B 344 -36.30 28.63 13.52
N GLY B 345 -36.39 28.44 12.21
CA GLY B 345 -37.22 29.26 11.33
C GLY B 345 -38.70 29.08 11.63
N ALA B 346 -39.11 27.85 11.99
CA ALA B 346 -40.50 27.56 12.34
C ALA B 346 -40.89 28.23 13.68
N LYS B 347 -39.93 28.30 14.62
CA LYS B 347 -40.15 28.93 15.91
C LYS B 347 -40.21 30.47 15.79
N GLN B 348 -39.40 31.07 14.91
CA GLN B 348 -39.43 32.52 14.73
C GLN B 348 -40.58 33.01 13.80
N GLY B 349 -41.29 32.08 13.16
CA GLY B 349 -42.35 32.40 12.23
C GLY B 349 -41.87 32.84 10.85
N THR B 350 -40.63 32.48 10.49
CA THR B 350 -40.05 32.86 9.19
C THR B 350 -39.82 31.61 8.31
N PRO B 351 -40.72 31.35 7.35
CA PRO B 351 -40.55 30.14 6.51
C PRO B 351 -39.55 30.23 5.36
N ARG B 352 -38.94 31.39 5.10
CA ARG B 352 -38.01 31.55 3.97
C ARG B 352 -36.77 30.63 4.01
N TYR B 353 -36.32 30.19 5.19
CA TYR B 353 -35.13 29.35 5.30
C TYR B 353 -35.43 27.92 4.83
N GLU B 354 -36.56 27.37 5.28
CA GLU B 354 -37.02 26.06 4.86
C GLU B 354 -37.35 26.08 3.36
N GLU B 355 -37.94 27.18 2.88
CA GLU B 355 -38.28 27.36 1.46
C GLU B 355 -37.00 27.36 0.62
N ALA B 356 -35.93 28.01 1.11
CA ALA B 356 -34.64 28.06 0.44
C ALA B 356 -33.96 26.68 0.36
N VAL B 357 -34.01 25.88 1.44
CA VAL B 357 -33.46 24.53 1.43
C VAL B 357 -34.27 23.67 0.45
N HIS B 358 -35.61 23.82 0.46
CA HIS B 358 -36.49 23.11 -0.46
C HIS B 358 -36.13 23.44 -1.92
N GLU B 359 -35.87 24.72 -2.26
CA GLU B 359 -35.51 25.11 -3.63
C GLU B 359 -34.19 24.47 -4.06
N ILE B 360 -33.21 24.38 -3.15
CA ILE B 360 -31.94 23.74 -3.48
C ILE B 360 -32.18 22.25 -3.74
N ASP B 361 -32.90 21.55 -2.85
CA ASP B 361 -33.20 20.12 -3.05
C ASP B 361 -33.96 19.88 -4.37
N ALA B 362 -34.97 20.70 -4.66
CA ALA B 362 -35.76 20.53 -5.88
C ALA B 362 -34.92 20.79 -7.12
N THR B 363 -34.04 21.78 -7.07
CA THR B 363 -33.17 22.08 -8.21
C THR B 363 -32.19 20.94 -8.43
N VAL B 364 -31.61 20.42 -7.35
CA VAL B 364 -30.68 19.28 -7.44
C VAL B 364 -31.38 18.06 -8.05
N ALA B 365 -32.59 17.76 -7.57
CA ALA B 365 -33.35 16.60 -8.06
C ALA B 365 -33.71 16.77 -9.53
N LYS B 366 -34.12 17.98 -9.93
CA LYS B 366 -34.51 18.27 -11.29
C LYS B 366 -33.38 18.09 -12.31
N ARG B 367 -32.17 18.59 -11.98
CA ARG B 367 -31.03 18.49 -12.90
C ARG B 367 -30.29 17.16 -12.88
N ALA B 368 -30.68 16.19 -12.04
CA ALA B 368 -29.96 14.91 -11.88
C ALA B 368 -29.61 14.18 -13.18
N ASP B 369 -30.59 13.95 -14.07
CA ASP B 369 -30.34 13.21 -15.31
C ASP B 369 -29.39 13.98 -16.24
N LEU B 370 -29.61 15.30 -16.39
CA LEU B 370 -28.76 16.15 -17.22
C LEU B 370 -27.30 16.18 -16.70
N ARG B 371 -27.11 16.35 -15.38
CA ARG B 371 -25.80 16.38 -14.76
C ARG B 371 -25.08 15.04 -14.92
N ARG B 372 -25.82 13.91 -14.77
CA ARG B 372 -25.27 12.59 -15.00
C ARG B 372 -24.79 12.47 -16.47
N ARG B 373 -25.61 12.92 -17.41
CA ARG B 373 -25.23 12.92 -18.84
C ARG B 373 -24.00 13.80 -19.11
N TYR B 374 -23.90 14.95 -18.46
CA TYR B 374 -22.77 15.86 -18.64
C TYR B 374 -21.46 15.25 -18.13
N TRP B 375 -21.46 14.71 -16.91
CA TRP B 375 -20.28 14.10 -16.34
C TRP B 375 -19.90 12.84 -17.13
N MET B 376 -20.89 12.08 -17.61
CA MET B 376 -20.61 10.87 -18.40
C MET B 376 -19.87 11.23 -19.69
N ILE B 377 -20.33 12.29 -20.39
CA ILE B 377 -19.68 12.68 -21.64
C ILE B 377 -18.33 13.36 -21.39
N GLU B 378 -18.23 14.20 -20.36
CA GLU B 378 -16.99 14.90 -20.05
C GLU B 378 -15.89 13.93 -19.60
N GLU B 379 -16.21 13.01 -18.67
CA GLU B 379 -15.22 12.05 -18.20
C GLU B 379 -14.99 10.94 -19.23
N GLY B 380 -16.08 10.47 -19.82
CA GLY B 380 -16.03 9.35 -20.75
C GLY B 380 -15.44 9.64 -22.10
N ILE B 381 -15.71 10.84 -22.66
CA ILE B 381 -15.30 11.15 -24.03
C ILE B 381 -14.43 12.41 -24.15
N ILE B 382 -14.92 13.57 -23.64
CA ILE B 382 -14.19 14.85 -23.75
C ILE B 382 -12.76 14.72 -23.18
N ARG B 383 -12.60 14.21 -21.94
CA ARG B 383 -11.23 13.93 -21.46
C ARG B 383 -10.82 12.46 -21.64
N GLY B 384 -11.79 11.54 -21.76
CA GLY B 384 -11.47 10.12 -21.90
C GLY B 384 -10.86 9.67 -23.22
N ILE B 385 -11.29 10.24 -24.35
CA ILE B 385 -10.85 9.80 -25.66
C ILE B 385 -10.07 10.91 -26.40
N GLU B 386 -8.79 10.68 -26.68
CA GLU B 386 -7.97 11.69 -27.36
C GLU B 386 -8.51 12.15 -28.72
N PHE B 387 -9.09 11.24 -29.54
CA PHE B 387 -9.59 11.66 -30.85
C PHE B 387 -10.88 12.49 -30.76
N ALA B 388 -11.43 12.72 -29.54
CA ALA B 388 -12.53 13.66 -29.39
C ALA B 388 -11.98 15.09 -29.67
N ARG B 389 -10.69 15.34 -29.33
CA ARG B 389 -10.06 16.64 -29.57
C ARG B 389 -9.24 16.66 -30.88
N SER B 390 -9.67 15.87 -31.87
CA SER B 390 -9.03 15.86 -33.17
C SER B 390 -9.53 17.13 -33.94
N PRO B 391 -8.89 17.51 -35.07
CA PRO B 391 -9.29 18.75 -35.74
C PRO B 391 -10.70 18.78 -36.34
N ILE B 392 -11.37 19.91 -36.15
CA ILE B 392 -12.68 20.16 -36.72
C ILE B 392 -12.52 21.39 -37.60
N PRO B 393 -12.73 21.26 -38.90
CA PRO B 393 -12.55 22.41 -39.80
C PRO B 393 -13.43 23.61 -39.44
N THR B 394 -12.82 24.80 -39.31
CA THR B 394 -13.53 26.05 -39.00
C THR B 394 -14.44 26.50 -40.17
N GLU B 395 -15.31 27.49 -39.96
CA GLU B 395 -16.18 28.01 -41.03
C GLU B 395 -15.35 28.69 -42.13
N ASP B 396 -14.27 29.40 -41.74
CA ASP B 396 -13.38 30.05 -42.69
C ASP B 396 -12.54 29.04 -43.48
N GLU B 397 -12.25 27.87 -42.89
CA GLU B 397 -11.47 26.83 -43.55
C GLU B 397 -12.32 26.11 -44.60
N THR B 398 -13.59 25.81 -44.28
CA THR B 398 -14.47 25.19 -45.27
C THR B 398 -14.81 26.22 -46.39
N LYS B 399 -14.96 27.50 -46.01
CA LYS B 399 -15.18 28.56 -46.98
C LYS B 399 -13.79 29.11 -47.36
N ALA B 400 -12.99 28.25 -48.01
CA ALA B 400 -11.64 28.46 -48.52
C ALA B 400 -11.27 27.26 -49.41
N LEU B 401 -11.62 26.04 -48.97
CA LEU B 401 -11.39 24.83 -49.75
C LEU B 401 -12.42 24.75 -50.89
N GLN B 402 -13.66 25.20 -50.64
CA GLN B 402 -14.75 25.22 -51.63
C GLN B 402 -15.89 26.11 -51.14
N ALA B 406 -10.44 31.28 -54.23
CA ALA B 406 -9.08 31.81 -54.15
C ALA B 406 -8.07 30.72 -53.83
N SER B 407 -6.80 30.93 -54.21
CA SER B 407 -5.75 29.93 -53.93
C SER B 407 -5.31 29.89 -52.47
N ALA B 408 -6.17 30.35 -51.55
CA ALA B 408 -5.93 30.29 -50.11
C ALA B 408 -6.38 28.91 -49.53
N ARG B 409 -6.56 27.91 -50.41
CA ARG B 409 -6.81 26.52 -50.09
C ARG B 409 -5.58 25.98 -49.35
N LYS B 410 -4.36 26.39 -49.79
CA LYS B 410 -3.09 26.02 -49.19
C LYS B 410 -2.95 26.59 -47.76
N GLU B 411 -3.48 27.80 -47.52
CA GLU B 411 -3.43 28.43 -46.20
C GLU B 411 -4.33 27.65 -45.21
N ALA B 412 -5.54 27.26 -45.67
CA ALA B 412 -6.46 26.49 -44.88
C ALA B 412 -5.84 25.12 -44.55
N ILE B 413 -5.29 24.42 -45.56
CA ILE B 413 -4.64 23.14 -45.37
C ILE B 413 -3.47 23.24 -44.41
N ASP B 414 -2.72 24.35 -44.43
CA ASP B 414 -1.59 24.54 -43.52
C ASP B 414 -2.06 24.70 -42.07
N LYS B 415 -3.21 25.34 -41.86
CA LYS B 415 -3.78 25.53 -40.53
C LYS B 415 -4.38 24.21 -40.02
N ILE B 416 -5.05 23.44 -40.90
CA ILE B 416 -5.59 22.12 -40.54
C ILE B 416 -4.43 21.15 -40.24
N ARG B 417 -3.34 21.23 -41.02
CA ARG B 417 -2.15 20.39 -40.81
C ARG B 417 -1.48 20.71 -39.46
N THR B 418 -1.43 22.01 -39.09
CA THR B 418 -0.83 22.41 -37.81
C THR B 418 -1.62 21.79 -36.64
N ARG B 419 -2.96 21.78 -36.73
CA ARG B 419 -3.83 21.20 -35.71
C ARG B 419 -3.74 19.68 -35.72
N TYR B 420 -3.59 19.06 -36.90
CA TYR B 420 -3.45 17.61 -37.00
C TYR B 420 -2.13 17.19 -36.34
N SER B 421 -1.04 17.92 -36.59
CA SER B 421 0.27 17.60 -36.01
C SER B 421 0.30 17.82 -34.48
N LYS B 422 -0.57 18.70 -33.96
CA LYS B 422 -0.68 18.95 -32.53
C LYS B 422 -1.48 17.78 -31.88
N PHE B 423 -2.51 17.27 -32.56
CA PHE B 423 -3.31 16.14 -32.08
C PHE B 423 -2.46 14.85 -32.15
N ALA B 424 -1.94 14.52 -33.35
CA ALA B 424 -1.11 13.35 -33.56
C ALA B 424 0.36 13.70 -33.33
N ASN B 425 0.72 14.15 -32.12
CA ASN B 425 2.09 14.55 -31.82
C ASN B 425 3.01 13.36 -31.44
N LYS B 426 4.24 13.63 -30.96
CA LYS B 426 5.20 12.60 -30.57
C LYS B 426 4.71 11.70 -29.43
N ASP B 427 3.73 12.18 -28.64
CA ASP B 427 3.17 11.42 -27.52
C ASP B 427 1.82 10.73 -27.83
N TYR B 428 1.32 10.87 -29.07
CA TYR B 428 0.04 10.28 -29.43
C TYR B 428 0.19 8.93 -30.10
N SER B 429 -0.52 7.92 -29.60
CA SER B 429 -0.56 6.61 -30.24
C SER B 429 -2.01 6.33 -30.65
N ALA B 430 -2.27 6.17 -31.96
CA ALA B 430 -3.61 5.87 -32.48
C ALA B 430 -4.07 4.48 -31.97
N GLU B 431 -3.14 3.51 -31.83
CA GLU B 431 -3.49 2.18 -31.33
C GLU B 431 -3.91 2.25 -29.86
N VAL B 432 -3.19 3.03 -29.05
CA VAL B 432 -3.53 3.19 -27.64
C VAL B 432 -4.87 3.90 -27.53
N ASP B 433 -5.06 4.97 -28.33
CA ASP B 433 -6.32 5.70 -28.35
C ASP B 433 -7.52 4.86 -28.78
N LYS B 434 -7.36 3.99 -29.77
CA LYS B 434 -8.43 3.07 -30.19
C LYS B 434 -8.80 2.13 -29.05
N LYS B 435 -7.80 1.59 -28.34
CA LYS B 435 -8.06 0.69 -27.21
C LYS B 435 -8.77 1.42 -26.09
N VAL B 436 -8.33 2.64 -25.77
CA VAL B 436 -8.98 3.43 -24.72
C VAL B 436 -10.43 3.75 -25.14
N ALA B 437 -10.62 4.19 -26.39
CA ALA B 437 -11.95 4.55 -26.89
C ALA B 437 -12.90 3.38 -26.86
N VAL B 438 -12.45 2.17 -27.25
CA VAL B 438 -13.33 1.00 -27.22
C VAL B 438 -13.84 0.72 -25.79
N ALA B 439 -12.96 0.78 -24.78
CA ALA B 439 -13.38 0.53 -23.38
C ALA B 439 -14.28 1.68 -22.86
N MET B 440 -13.89 2.94 -23.12
CA MET B 440 -14.66 4.11 -22.68
C MET B 440 -16.05 4.17 -23.34
N LEU B 441 -16.12 3.96 -24.65
CA LEU B 441 -17.39 3.99 -25.36
C LEU B 441 -18.29 2.85 -24.94
N THR B 442 -17.74 1.64 -24.69
CA THR B 442 -18.53 0.49 -24.22
C THR B 442 -19.26 0.85 -22.92
N GLU B 443 -18.56 1.51 -21.98
CA GLU B 443 -19.17 1.96 -20.74
C GLU B 443 -20.18 3.09 -20.98
N TYR B 444 -19.82 4.07 -21.83
CA TYR B 444 -20.69 5.20 -22.12
C TYR B 444 -22.00 4.74 -22.77
N LEU B 445 -21.92 3.82 -23.73
CA LEU B 445 -23.07 3.27 -24.44
C LEU B 445 -24.00 2.43 -23.54
N LYS B 446 -23.43 1.81 -22.52
CA LYS B 446 -24.19 1.07 -21.51
C LYS B 446 -24.96 2.06 -20.57
N GLU B 447 -24.39 3.27 -20.35
CA GLU B 447 -24.99 4.22 -19.43
C GLU B 447 -25.89 5.26 -20.03
N ILE B 448 -25.68 5.61 -21.31
CA ILE B 448 -26.47 6.63 -21.95
C ILE B 448 -27.36 5.98 -23.00
N PRO B 449 -28.69 6.08 -22.86
CA PRO B 449 -29.58 5.45 -23.87
C PRO B 449 -29.47 6.08 -25.24
N TYR B 450 -29.83 5.32 -26.27
CA TYR B 450 -29.83 5.73 -27.69
C TYR B 450 -30.33 7.17 -27.93
N GLU B 451 -31.49 7.53 -27.35
CA GLU B 451 -32.10 8.85 -27.54
C GLU B 451 -31.31 10.01 -26.94
N ASN B 452 -30.39 9.71 -26.00
CA ASN B 452 -29.55 10.73 -25.38
C ASN B 452 -28.10 10.75 -25.93
N LEU B 453 -27.78 9.86 -26.87
CA LEU B 453 -26.44 9.76 -27.42
C LEU B 453 -26.10 10.91 -28.30
N PRO B 454 -24.82 11.32 -28.37
CA PRO B 454 -24.42 12.26 -29.41
C PRO B 454 -24.69 11.58 -30.77
N LEU B 455 -25.21 12.37 -31.73
CA LEU B 455 -25.67 11.90 -33.03
C LEU B 455 -24.80 10.81 -33.69
N HIS B 456 -23.48 11.02 -33.78
CA HIS B 456 -22.60 10.04 -34.41
C HIS B 456 -22.52 8.69 -33.70
N LEU B 457 -22.67 8.68 -32.37
CA LEU B 457 -22.63 7.44 -31.60
C LEU B 457 -23.84 6.53 -31.84
N ARG B 458 -24.93 7.07 -32.40
CA ARG B 458 -26.09 6.27 -32.80
C ARG B 458 -25.68 5.24 -33.88
N LEU B 459 -24.60 5.52 -34.66
CA LEU B 459 -24.09 4.62 -35.69
C LEU B 459 -23.59 3.30 -35.11
N VAL B 460 -23.24 3.25 -33.79
CA VAL B 460 -22.79 1.99 -33.19
C VAL B 460 -23.88 0.93 -33.31
N LYS B 461 -25.11 1.28 -32.92
CA LYS B 461 -26.25 0.37 -33.01
C LYS B 461 -26.80 0.27 -34.44
N ASP B 462 -27.00 1.41 -35.11
CA ASP B 462 -27.61 1.49 -36.44
C ASP B 462 -26.80 0.93 -37.59
N ARG B 463 -25.50 1.20 -37.65
CA ARG B 463 -24.63 0.82 -38.75
C ARG B 463 -23.68 -0.33 -38.44
N PHE B 464 -23.16 -0.39 -37.21
CA PHE B 464 -22.16 -1.39 -36.86
C PHE B 464 -22.67 -2.55 -36.01
N ALA B 465 -23.99 -2.71 -35.91
CA ALA B 465 -24.64 -3.78 -35.14
C ALA B 465 -24.13 -3.93 -33.69
N GLY B 466 -23.92 -2.80 -33.02
CA GLY B 466 -23.44 -2.76 -31.64
C GLY B 466 -21.97 -3.06 -31.42
N ASP B 467 -21.20 -3.24 -32.52
CA ASP B 467 -19.76 -3.55 -32.43
C ASP B 467 -18.98 -2.23 -32.29
N VAL B 468 -18.56 -1.92 -31.06
CA VAL B 468 -17.83 -0.70 -30.73
C VAL B 468 -16.45 -0.73 -31.38
N GLN B 469 -15.78 -1.89 -31.35
CA GLN B 469 -14.48 -2.07 -31.96
C GLN B 469 -14.52 -1.74 -33.47
N ALA B 470 -15.55 -2.21 -34.18
CA ALA B 470 -15.71 -1.94 -35.63
C ALA B 470 -15.99 -0.48 -35.91
N TYR B 471 -16.77 0.18 -35.05
CA TYR B 471 -17.10 1.58 -35.22
C TYR B 471 -15.82 2.42 -35.05
N VAL B 472 -15.01 2.11 -34.02
CA VAL B 472 -13.75 2.81 -33.77
C VAL B 472 -12.73 2.52 -34.89
N ASP B 473 -12.62 1.24 -35.33
CA ASP B 473 -11.72 0.88 -36.44
C ASP B 473 -12.08 1.64 -37.70
N ASP B 474 -13.39 1.75 -38.00
CA ASP B 474 -13.85 2.46 -39.19
C ASP B 474 -13.52 3.97 -39.15
N ILE B 475 -13.57 4.59 -37.95
CA ILE B 475 -13.22 6.01 -37.79
C ILE B 475 -11.78 6.24 -38.22
N PHE B 476 -10.85 5.39 -37.75
CA PHE B 476 -9.44 5.53 -38.11
C PHE B 476 -9.13 5.09 -39.51
N ALA B 477 -9.79 4.03 -40.00
CA ALA B 477 -9.54 3.51 -41.35
C ALA B 477 -9.95 4.49 -42.44
N ARG B 478 -11.06 5.20 -42.24
CA ARG B 478 -11.58 6.11 -43.24
C ARG B 478 -11.29 7.59 -43.01
N SER B 479 -10.85 7.97 -41.81
CA SER B 479 -10.61 9.37 -41.54
C SER B 479 -9.34 9.95 -42.12
N VAL B 480 -9.42 11.21 -42.55
CA VAL B 480 -8.25 11.96 -42.99
C VAL B 480 -7.28 12.23 -41.81
N PHE B 481 -7.75 12.10 -40.54
CA PHE B 481 -6.85 12.23 -39.38
C PHE B 481 -6.49 10.86 -38.74
N GLY B 482 -6.80 9.77 -39.43
CA GLY B 482 -6.52 8.42 -38.94
C GLY B 482 -5.05 8.02 -39.03
N SER B 483 -4.28 8.70 -39.87
CA SER B 483 -2.83 8.45 -40.03
C SER B 483 -2.20 9.59 -40.84
N GLU B 484 -0.86 9.71 -40.80
CA GLU B 484 -0.17 10.73 -41.57
C GLU B 484 -0.40 10.56 -43.07
N ALA B 485 -0.34 9.31 -43.56
CA ALA B 485 -0.54 9.00 -44.99
C ALA B 485 -1.96 9.35 -45.45
N GLN B 486 -2.95 9.14 -44.57
CA GLN B 486 -4.35 9.47 -44.90
C GLN B 486 -4.56 11.00 -44.93
N PHE B 487 -3.87 11.73 -44.04
CA PHE B 487 -3.95 13.19 -44.05
C PHE B 487 -3.29 13.76 -45.28
N ASP B 488 -2.09 13.27 -45.63
CA ASP B 488 -1.38 13.73 -46.82
C ASP B 488 -2.16 13.49 -48.12
N ALA B 489 -2.89 12.36 -48.21
CA ALA B 489 -3.72 12.09 -49.39
C ALA B 489 -4.87 13.11 -49.46
N PHE B 490 -5.41 13.51 -48.31
CA PHE B 490 -6.45 14.52 -48.25
C PHE B 490 -5.85 15.89 -48.67
N ALA B 491 -4.71 16.29 -48.07
CA ALA B 491 -4.02 17.55 -48.33
C ALA B 491 -3.63 17.75 -49.78
N ALA B 492 -3.39 16.67 -50.53
CA ALA B 492 -3.07 16.77 -51.95
C ALA B 492 -4.33 17.07 -52.78
N VAL B 493 -5.48 16.44 -52.45
CA VAL B 493 -6.73 16.65 -53.17
C VAL B 493 -7.85 17.00 -52.17
N PRO B 494 -7.79 18.18 -51.51
CA PRO B 494 -8.79 18.48 -50.49
C PRO B 494 -10.15 18.93 -51.01
N SER B 495 -11.19 18.40 -50.40
CA SER B 495 -12.54 18.79 -50.72
C SER B 495 -13.37 18.96 -49.46
N VAL B 496 -14.32 19.90 -49.48
CA VAL B 496 -15.20 20.11 -48.34
C VAL B 496 -16.12 18.90 -48.11
N GLU B 497 -16.50 18.20 -49.19
CA GLU B 497 -17.34 17.01 -49.19
C GLU B 497 -16.68 15.90 -48.38
N LYS B 498 -15.33 15.76 -48.50
CA LYS B 498 -14.57 14.77 -47.77
C LYS B 498 -14.59 15.08 -46.27
N LEU B 499 -14.37 16.34 -45.90
CA LEU B 499 -14.35 16.78 -44.51
C LEU B 499 -15.73 16.67 -43.85
N ALA B 500 -16.79 17.05 -44.57
CA ALA B 500 -18.17 16.99 -44.08
C ALA B 500 -18.66 15.57 -43.80
N GLU B 501 -18.05 14.55 -44.43
CA GLU B 501 -18.42 13.16 -44.19
C GLU B 501 -17.35 12.37 -43.40
N ASP B 502 -16.26 13.04 -42.97
CA ASP B 502 -15.19 12.39 -42.23
C ASP B 502 -15.69 11.81 -40.91
N PRO B 503 -15.51 10.50 -40.69
CA PRO B 503 -16.04 9.87 -39.46
C PRO B 503 -15.43 10.40 -38.17
N MET B 504 -14.14 10.79 -38.19
CA MET B 504 -13.53 11.39 -37.01
C MET B 504 -14.05 12.80 -36.78
N VAL B 505 -14.20 13.61 -37.86
CA VAL B 505 -14.72 14.98 -37.74
C VAL B 505 -16.17 14.94 -37.20
N LEU B 506 -17.00 14.05 -37.72
CA LEU B 506 -18.38 13.89 -37.31
C LEU B 506 -18.46 13.43 -35.86
N PHE B 507 -17.58 12.49 -35.43
CA PHE B 507 -17.53 12.05 -34.03
C PHE B 507 -17.21 13.25 -33.13
N ALA B 508 -16.10 13.95 -33.42
CA ALA B 508 -15.62 15.07 -32.63
C ALA B 508 -16.66 16.16 -32.56
N SER B 509 -17.31 16.46 -33.69
CA SER B 509 -18.34 17.49 -33.76
C SER B 509 -19.54 17.12 -32.92
N SER B 510 -20.09 15.91 -33.12
CA SER B 510 -21.31 15.54 -32.41
C SER B 510 -21.08 15.35 -30.88
N VAL B 511 -19.90 14.89 -30.45
CA VAL B 511 -19.64 14.74 -29.00
C VAL B 511 -19.47 16.15 -28.38
N PHE B 512 -18.84 17.09 -29.11
CA PHE B 512 -18.71 18.46 -28.60
C PHE B 512 -20.06 19.20 -28.66
N ASP B 513 -20.91 18.88 -29.62
CA ASP B 513 -22.26 19.47 -29.72
C ASP B 513 -23.08 19.06 -28.50
N GLU B 514 -23.03 17.76 -28.13
CA GLU B 514 -23.78 17.24 -27.01
C GLU B 514 -23.25 17.80 -25.69
N TYR B 515 -21.95 17.92 -25.57
CA TYR B 515 -21.27 18.47 -24.40
C TYR B 515 -21.71 19.94 -24.18
N ARG B 516 -21.79 20.74 -25.27
CA ARG B 516 -22.22 22.13 -25.17
C ARG B 516 -23.70 22.27 -24.90
N LYS B 517 -24.52 21.44 -25.55
CA LYS B 517 -25.97 21.44 -25.35
C LYS B 517 -26.31 21.11 -23.88
N LEU B 518 -25.57 20.16 -23.27
CA LEU B 518 -25.77 19.77 -21.88
C LEU B 518 -25.37 20.89 -20.94
N TYR B 519 -24.23 21.53 -21.23
CA TYR B 519 -23.73 22.66 -20.46
C TYR B 519 -24.75 23.80 -20.46
N ASN B 520 -25.33 24.08 -21.64
CA ASN B 520 -26.32 25.14 -21.82
C ASN B 520 -27.61 24.85 -21.09
N GLU B 521 -28.07 23.59 -21.09
CA GLU B 521 -29.29 23.21 -20.37
C GLU B 521 -29.04 23.21 -18.86
N LEU B 522 -27.81 22.93 -18.39
CA LEU B 522 -27.52 22.86 -16.97
C LEU B 522 -27.26 24.22 -16.31
N ARG B 523 -26.67 25.17 -17.06
CA ARG B 523 -26.37 26.52 -16.57
C ARG B 523 -27.55 27.21 -15.86
N PRO B 524 -28.79 27.18 -16.37
CA PRO B 524 -29.91 27.84 -15.64
C PRO B 524 -30.18 27.32 -14.23
N TYR B 525 -29.75 26.10 -13.91
CA TYR B 525 -29.98 25.54 -12.57
C TYR B 525 -29.05 26.12 -11.50
N ASP B 526 -27.93 26.75 -11.90
CA ASP B 526 -27.00 27.33 -10.94
C ASP B 526 -27.58 28.50 -10.14
N ASP B 527 -28.29 29.42 -10.82
CA ASP B 527 -28.84 30.65 -10.23
C ASP B 527 -29.87 30.41 -9.14
N PRO B 528 -30.90 29.55 -9.28
CA PRO B 528 -31.83 29.34 -8.15
C PRO B 528 -31.12 28.80 -6.92
N ILE B 529 -30.08 27.96 -7.10
CA ILE B 529 -29.31 27.45 -5.97
C ILE B 529 -28.52 28.58 -5.32
N LEU B 530 -27.85 29.41 -6.13
CA LEU B 530 -27.09 30.55 -5.60
C LEU B 530 -28.01 31.51 -4.81
N ARG B 531 -29.18 31.87 -5.38
CA ARG B 531 -30.12 32.77 -4.70
C ARG B 531 -30.64 32.16 -3.41
N ALA B 532 -30.97 30.84 -3.42
CA ALA B 532 -31.46 30.18 -2.21
C ALA B 532 -30.34 30.08 -1.16
N GLN B 533 -29.07 29.94 -1.60
CA GLN B 533 -27.91 29.90 -0.69
C GLN B 533 -27.70 31.21 0.02
N ARG B 534 -28.01 32.33 -0.65
CA ARG B 534 -27.92 33.65 -0.01
C ARG B 534 -28.87 33.68 1.21
N THR B 535 -30.11 33.18 1.04
CA THR B 535 -31.10 33.12 2.13
C THR B 535 -30.70 32.08 3.19
N TYR B 536 -30.24 30.89 2.74
CA TYR B 536 -29.81 29.80 3.63
C TYR B 536 -28.69 30.24 4.58
N ILE B 537 -27.58 30.79 4.03
CA ILE B 537 -26.46 31.24 4.84
C ILE B 537 -26.84 32.42 5.71
N ALA B 538 -27.71 33.33 5.21
CA ALA B 538 -28.19 34.45 6.05
C ALA B 538 -28.88 33.93 7.33
N GLY B 539 -29.67 32.87 7.18
CA GLY B 539 -30.35 32.23 8.31
C GLY B 539 -29.41 31.54 9.26
N LEU B 540 -28.43 30.80 8.74
CA LEU B 540 -27.42 30.14 9.56
C LEU B 540 -26.63 31.18 10.37
N LEU B 541 -26.26 32.30 9.76
CA LEU B 541 -25.55 33.40 10.40
C LEU B 541 -26.43 34.08 11.45
N GLU B 542 -27.72 34.31 11.15
CA GLU B 542 -28.64 34.92 12.10
C GLU B 542 -28.90 33.98 13.29
N MET B 543 -28.99 32.67 13.02
CA MET B 543 -29.23 31.67 14.05
C MET B 543 -28.03 31.42 14.97
N ASP B 544 -26.86 31.06 14.41
CA ASP B 544 -25.71 30.69 15.23
C ASP B 544 -24.57 31.70 15.27
N GLY B 545 -24.64 32.75 14.47
CA GLY B 545 -23.60 33.76 14.42
C GLY B 545 -22.38 33.38 13.58
N ASP B 546 -21.56 34.40 13.24
CA ASP B 546 -20.33 34.28 12.45
C ASP B 546 -19.11 34.35 13.38
N GLN B 547 -18.90 33.26 14.14
CA GLN B 547 -17.79 33.11 15.07
C GLN B 547 -17.66 31.63 15.44
N ASP B 548 -17.70 30.77 14.41
CA ASP B 548 -17.65 29.30 14.36
C ASP B 548 -18.10 28.79 12.95
N GLN B 549 -18.66 29.69 12.10
CA GLN B 549 -19.14 29.41 10.76
C GLN B 549 -18.39 30.40 9.86
N PHE B 550 -17.27 29.97 9.26
CA PHE B 550 -16.41 30.80 8.40
C PHE B 550 -17.02 30.94 6.98
N PRO B 551 -16.73 32.01 6.19
CA PRO B 551 -17.27 32.05 4.83
C PRO B 551 -16.50 31.11 3.92
N ASP B 552 -17.16 30.55 2.89
CA ASP B 552 -16.48 29.69 1.94
C ASP B 552 -15.25 30.37 1.33
N ALA B 553 -14.18 29.60 1.10
CA ALA B 553 -12.97 30.12 0.46
C ALA B 553 -13.31 30.67 -0.92
N ASN B 554 -12.67 31.77 -1.34
CA ASN B 554 -12.95 32.39 -2.64
C ASN B 554 -11.72 33.12 -3.18
N LEU B 555 -10.54 32.52 -2.98
CA LEU B 555 -9.22 33.02 -3.39
C LEU B 555 -8.88 34.36 -2.73
N THR B 556 -9.33 34.56 -1.49
CA THR B 556 -9.01 35.75 -0.73
C THR B 556 -8.21 35.39 0.50
N LEU B 557 -7.49 36.39 1.05
CA LEU B 557 -6.61 36.19 2.19
C LEU B 557 -7.38 35.71 3.43
N ARG B 558 -6.94 34.60 4.00
CA ARG B 558 -7.52 34.02 5.20
C ARG B 558 -6.44 33.55 6.15
N PHE B 559 -6.80 33.45 7.42
CA PHE B 559 -5.94 32.85 8.40
C PHE B 559 -6.64 31.60 8.99
N THR B 560 -5.84 30.65 9.41
CA THR B 560 -6.26 29.42 10.07
C THR B 560 -5.19 29.12 11.10
N TYR B 561 -5.59 28.51 12.18
CA TYR B 561 -4.70 28.16 13.26
C TYR B 561 -5.04 26.77 13.76
N GLY B 562 -4.08 26.14 14.38
CA GLY B 562 -4.25 24.82 14.96
C GLY B 562 -2.99 24.40 15.67
N GLN B 563 -2.71 23.09 15.70
CA GLN B 563 -1.53 22.58 16.35
C GLN B 563 -0.75 21.62 15.47
N VAL B 564 0.54 21.46 15.75
CA VAL B 564 1.39 20.48 15.09
C VAL B 564 0.98 19.14 15.72
N LYS B 565 0.32 18.27 14.94
CA LYS B 565 -0.24 17.05 15.50
C LYS B 565 -0.40 16.02 14.41
N GLY B 566 -0.04 14.78 14.70
CA GLY B 566 -0.29 13.68 13.78
C GLY B 566 -1.72 13.18 13.95
N TYR B 567 -1.98 11.91 13.53
CA TYR B 567 -3.32 11.35 13.62
C TYR B 567 -3.27 9.85 13.39
N SER B 568 -4.36 9.18 13.71
CA SER B 568 -4.47 7.74 13.49
C SER B 568 -5.30 7.50 12.22
N PRO B 569 -4.68 7.07 11.09
CA PRO B 569 -5.47 6.87 9.87
C PRO B 569 -6.44 5.71 9.90
N ARG B 570 -6.13 4.70 10.71
CA ARG B 570 -6.93 3.49 10.80
C ARG B 570 -6.54 2.74 12.08
N ASP B 571 -7.29 1.71 12.43
CA ASP B 571 -7.10 0.94 13.65
C ASP B 571 -5.65 0.53 13.88
N ASN B 572 -5.08 0.91 15.04
CA ASN B 572 -3.73 0.52 15.47
C ASN B 572 -2.57 1.14 14.67
N VAL B 573 -2.85 2.18 13.90
CA VAL B 573 -1.80 2.84 13.11
C VAL B 573 -1.75 4.32 13.49
N TYR B 574 -0.56 4.82 13.80
CA TYR B 574 -0.40 6.23 14.12
C TYR B 574 0.66 6.84 13.25
N TYR B 575 0.35 8.01 12.69
CA TYR B 575 1.32 8.76 11.92
C TYR B 575 1.64 9.95 12.82
N GLY B 576 2.92 10.12 13.14
CA GLY B 576 3.34 11.22 13.99
C GLY B 576 3.29 12.57 13.29
N HIS B 577 3.65 13.60 14.02
CA HIS B 577 3.59 14.96 13.54
C HIS B 577 4.80 15.37 12.68
N GLN B 578 5.90 14.59 12.64
CA GLN B 578 7.12 15.03 11.95
C GLN B 578 7.85 13.90 11.21
N THR B 579 8.28 14.18 9.96
CA THR B 579 9.12 13.23 9.21
C THR B 579 10.58 13.73 9.26
N THR B 580 11.53 12.82 9.00
CA THR B 580 12.95 13.10 9.04
C THR B 580 13.69 12.67 7.76
N LEU B 581 14.95 13.12 7.61
CA LEU B 581 15.80 12.80 6.45
C LEU B 581 16.02 11.29 6.34
N ASP B 582 16.00 10.58 7.47
CA ASP B 582 16.08 9.13 7.55
C ASP B 582 14.92 8.49 6.72
N GLY B 583 13.75 9.14 6.70
CA GLY B 583 12.59 8.70 5.93
C GLY B 583 12.75 8.84 4.42
N VAL B 584 13.53 9.83 3.98
CA VAL B 584 13.89 10.01 2.57
C VAL B 584 14.80 8.83 2.15
N MET B 585 15.79 8.51 3.00
CA MET B 585 16.74 7.44 2.72
C MET B 585 16.08 6.08 2.69
N GLU B 586 15.05 5.86 3.53
CA GLU B 586 14.27 4.62 3.54
C GLU B 586 13.54 4.42 2.22
N LYS B 587 13.06 5.51 1.62
CA LYS B 587 12.31 5.48 0.37
C LYS B 587 13.18 5.46 -0.89
N GLU B 588 14.49 5.64 -0.77
CA GLU B 588 15.36 5.64 -1.94
C GLU B 588 15.25 4.37 -2.79
N ASP B 589 15.05 4.55 -4.10
CA ASP B 589 14.97 3.49 -5.08
C ASP B 589 15.68 4.04 -6.29
N PRO B 590 16.96 3.69 -6.51
CA PRO B 590 17.70 4.27 -7.64
C PRO B 590 17.09 4.03 -9.01
N ASP B 591 16.40 2.89 -9.20
CA ASP B 591 15.81 2.59 -10.51
C ASP B 591 14.34 3.01 -10.64
N ASN B 592 13.85 3.88 -9.74
CA ASN B 592 12.50 4.44 -9.78
C ASN B 592 12.69 5.94 -9.72
N TRP B 593 12.54 6.64 -10.87
CA TRP B 593 12.75 8.09 -11.04
C TRP B 593 12.07 8.96 -9.98
N GLU B 594 10.94 8.51 -9.44
CA GLU B 594 10.21 9.26 -8.42
C GLU B 594 10.96 9.29 -7.10
N PHE B 595 11.67 8.21 -6.77
CA PHE B 595 12.33 8.09 -5.50
C PHE B 595 13.84 8.06 -5.56
N VAL B 596 14.43 8.75 -6.56
CA VAL B 596 15.88 8.89 -6.62
C VAL B 596 16.28 9.97 -5.60
N VAL B 597 17.42 9.78 -4.95
CA VAL B 597 17.90 10.70 -3.94
C VAL B 597 19.13 11.43 -4.45
N ASP B 598 19.12 12.76 -4.30
CA ASP B 598 20.21 13.63 -4.71
C ASP B 598 21.51 13.23 -4.00
N PRO B 599 22.60 13.02 -4.78
CA PRO B 599 23.86 12.59 -4.16
C PRO B 599 24.39 13.53 -3.08
N LYS B 600 24.24 14.85 -3.25
CA LYS B 600 24.69 15.81 -2.24
C LYS B 600 23.88 15.66 -0.95
N LEU B 601 22.56 15.42 -1.07
CA LEU B 601 21.67 15.23 0.07
C LEU B 601 22.00 13.91 0.78
N LYS B 602 22.24 12.85 0.01
CA LYS B 602 22.61 11.55 0.60
C LYS B 602 23.94 11.66 1.39
N ALA B 603 24.89 12.46 0.86
CA ALA B 603 26.19 12.68 1.51
C ALA B 603 25.99 13.46 2.82
N VAL B 604 25.14 14.49 2.80
CA VAL B 604 24.80 15.28 4.01
C VAL B 604 24.23 14.35 5.10
N TYR B 605 23.33 13.45 4.72
CA TYR B 605 22.74 12.48 5.64
C TYR B 605 23.82 11.53 6.21
N GLU B 606 24.68 10.95 5.36
CA GLU B 606 25.71 10.02 5.82
C GLU B 606 26.72 10.65 6.75
N ARG B 607 27.15 11.87 6.45
CA ARG B 607 28.11 12.58 7.31
C ARG B 607 27.43 13.38 8.44
N LYS B 608 26.07 13.36 8.55
CA LYS B 608 25.30 14.08 9.57
C LYS B 608 25.66 15.56 9.59
N ASP B 609 25.91 16.13 8.40
CA ASP B 609 26.32 17.52 8.24
C ASP B 609 25.06 18.38 8.27
N PHE B 610 24.40 18.40 9.42
CA PHE B 610 23.14 19.12 9.62
C PHE B 610 23.27 20.50 10.25
N GLY B 611 24.44 20.82 10.80
CA GLY B 611 24.71 22.09 11.46
C GLY B 611 23.68 22.49 12.48
N ARG B 612 23.18 23.71 12.33
CA ARG B 612 22.17 24.30 13.22
C ARG B 612 20.73 23.89 12.86
N TYR B 613 20.53 23.03 11.83
CA TYR B 613 19.18 22.68 11.36
C TYR B 613 18.60 21.40 11.95
N ALA B 614 19.44 20.51 12.51
CA ALA B 614 18.98 19.28 13.13
C ALA B 614 18.22 19.57 14.43
N ASP B 615 17.32 18.66 14.83
CA ASP B 615 16.59 18.81 16.07
C ASP B 615 17.48 18.50 17.31
N ARG B 616 16.92 18.57 18.53
CA ARG B 616 17.67 18.34 19.77
C ARG B 616 18.31 16.94 19.85
N SER B 617 17.74 15.95 19.16
CA SER B 617 18.29 14.59 19.20
C SER B 617 19.31 14.25 18.10
N GLY B 618 19.65 15.21 17.24
CA GLY B 618 20.57 14.96 16.15
C GLY B 618 19.92 14.48 14.86
N ARG B 619 18.58 14.37 14.85
CA ARG B 619 17.86 13.95 13.65
C ARG B 619 17.46 15.14 12.81
N MET B 620 17.54 14.98 11.50
CA MET B 620 17.25 16.08 10.58
C MET B 620 15.77 16.10 10.18
N PRO B 621 15.00 17.13 10.57
CA PRO B 621 13.58 17.18 10.20
C PRO B 621 13.38 17.47 8.70
N VAL B 622 12.29 16.99 8.14
CA VAL B 622 11.96 17.25 6.74
C VAL B 622 10.63 17.97 6.64
N ALA B 623 9.58 17.39 7.22
CA ALA B 623 8.25 17.94 7.10
C ALA B 623 7.47 17.72 8.40
N PHE B 624 6.40 18.48 8.58
CA PHE B 624 5.51 18.29 9.71
C PHE B 624 4.06 18.50 9.28
N CYS B 625 3.10 18.08 10.09
CA CYS B 625 1.69 18.24 9.77
C CYS B 625 0.97 18.96 10.90
N ALA B 626 -0.10 19.67 10.55
CA ALA B 626 -0.84 20.47 11.52
C ALA B 626 -2.35 20.40 11.30
N THR B 627 -3.12 20.71 12.35
CA THR B 627 -4.59 20.69 12.30
C THR B 627 -5.18 21.99 11.73
N THR B 628 -4.37 22.80 11.03
CA THR B 628 -4.83 23.97 10.34
C THR B 628 -5.77 23.52 9.20
N HIS B 629 -6.68 24.42 8.82
CA HIS B 629 -7.65 24.14 7.79
C HIS B 629 -7.24 24.81 6.49
N THR B 630 -6.71 24.01 5.55
CA THR B 630 -6.22 24.52 4.28
C THR B 630 -6.84 23.77 3.10
N THR B 631 -6.72 24.35 1.90
CA THR B 631 -7.19 23.75 0.66
C THR B 631 -6.31 24.25 -0.50
N GLY B 632 -6.57 23.81 -1.74
CA GLY B 632 -5.89 24.32 -2.94
C GLY B 632 -5.94 25.86 -2.98
N GLY B 633 -4.80 26.46 -3.18
CA GLY B 633 -4.60 27.90 -3.09
C GLY B 633 -3.68 28.23 -1.93
N ASN B 634 -3.62 27.33 -0.90
CA ASN B 634 -2.74 27.45 0.26
C ASN B 634 -1.34 26.91 0.00
N SER B 635 -1.04 26.39 -1.23
CA SER B 635 0.32 25.96 -1.59
C SER B 635 1.28 27.12 -1.42
N GLY B 636 2.31 26.92 -0.65
CA GLY B 636 3.35 27.93 -0.40
C GLY B 636 3.07 28.84 0.78
N SER B 637 1.97 28.62 1.48
CA SER B 637 1.58 29.50 2.60
C SER B 637 2.61 29.46 3.72
N PRO B 638 2.90 30.63 4.29
CA PRO B 638 3.79 30.64 5.46
C PRO B 638 3.11 29.99 6.67
N VAL B 639 3.87 29.15 7.38
CA VAL B 639 3.40 28.54 8.61
C VAL B 639 4.18 29.25 9.73
N MET B 640 3.45 29.81 10.68
CA MET B 640 4.03 30.56 11.77
C MET B 640 3.89 29.86 13.09
N ASN B 641 4.87 30.12 13.96
CA ASN B 641 5.03 29.89 15.39
C ASN B 641 3.99 30.69 16.18
N ALA B 642 3.94 30.48 17.53
CA ALA B 642 3.17 31.32 18.44
C ALA B 642 3.68 32.79 18.42
N ASN B 643 4.96 32.99 18.06
CA ASN B 643 5.57 34.31 17.94
C ASN B 643 5.51 34.91 16.52
N GLY B 644 4.88 34.21 15.58
CA GLY B 644 4.78 34.69 14.21
C GLY B 644 6.01 34.45 13.36
N GLU B 645 6.97 33.66 13.86
CA GLU B 645 8.17 33.35 13.11
C GLU B 645 7.89 32.21 12.15
N LEU B 646 8.56 32.20 11.00
CA LEU B 646 8.38 31.18 9.98
C LEU B 646 8.97 29.85 10.43
N ILE B 647 8.12 28.82 10.52
CA ILE B 647 8.56 27.46 10.86
C ILE B 647 8.41 26.46 9.69
N GLY B 648 7.74 26.86 8.62
CA GLY B 648 7.56 26.00 7.47
C GLY B 648 6.71 26.61 6.37
N LEU B 649 6.51 25.84 5.30
CA LEU B 649 5.66 26.23 4.17
C LEU B 649 4.66 25.14 3.96
N ASN B 650 3.38 25.49 3.87
CA ASN B 650 2.36 24.49 3.54
C ASN B 650 2.57 24.07 2.06
N PHE B 651 2.38 22.79 1.73
CA PHE B 651 2.53 22.35 0.34
C PHE B 651 1.49 21.32 -0.08
N ASP B 652 0.79 20.70 0.87
CA ASP B 652 -0.21 19.70 0.53
C ASP B 652 -1.19 19.50 1.69
N ARG B 653 -2.11 18.60 1.52
CA ARG B 653 -3.06 18.15 2.52
C ARG B 653 -3.19 16.62 2.29
N ASN B 654 -3.39 15.82 3.36
CA ASN B 654 -3.54 14.36 3.19
C ASN B 654 -4.86 14.04 2.49
N TRP B 655 -4.93 12.89 1.81
CA TRP B 655 -6.14 12.50 1.08
C TRP B 655 -7.33 12.36 2.00
N GLU B 656 -7.10 11.94 3.26
CA GLU B 656 -8.17 11.81 4.24
C GLU B 656 -8.85 13.16 4.52
N GLY B 657 -8.16 14.26 4.25
CA GLY B 657 -8.69 15.61 4.45
C GLY B 657 -9.28 16.27 3.21
N VAL B 658 -9.40 15.55 2.02
CA VAL B 658 -9.99 16.23 0.85
C VAL B 658 -11.49 16.58 1.13
N GLY B 659 -12.18 15.76 1.94
CA GLY B 659 -13.55 16.01 2.37
C GLY B 659 -13.70 17.28 3.22
N GLY B 660 -12.58 17.79 3.73
CA GLY B 660 -12.47 19.01 4.52
C GLY B 660 -12.99 20.23 3.80
N ASP B 661 -13.06 20.23 2.44
CA ASP B 661 -13.66 21.37 1.73
C ASP B 661 -15.17 21.46 2.00
N ILE B 662 -15.81 20.35 2.42
CA ILE B 662 -17.24 20.35 2.74
C ILE B 662 -17.39 20.34 4.26
N GLN B 663 -16.58 19.56 4.97
CA GLN B 663 -16.64 19.49 6.41
C GLN B 663 -15.24 19.23 6.96
N TYR B 664 -14.68 20.16 7.77
CA TYR B 664 -13.36 19.97 8.38
C TYR B 664 -13.35 18.67 9.21
N LEU B 665 -12.29 17.86 9.07
CA LEU B 665 -12.22 16.57 9.77
C LEU B 665 -11.13 16.60 10.82
N ALA B 666 -11.47 16.99 12.06
CA ALA B 666 -10.50 17.17 13.14
C ALA B 666 -9.55 15.98 13.40
N ASP B 667 -10.03 14.76 13.26
CA ASP B 667 -9.22 13.58 13.55
C ASP B 667 -8.45 13.02 12.37
N TYR B 668 -8.61 13.60 11.16
CA TYR B 668 -7.96 13.06 9.97
C TYR B 668 -7.28 14.12 9.13
N GLN B 669 -7.93 15.27 8.93
CA GLN B 669 -7.39 16.30 8.06
C GLN B 669 -6.16 17.01 8.61
N ARG B 670 -5.10 17.03 7.80
CA ARG B 670 -3.88 17.71 8.18
C ARG B 670 -3.26 18.46 6.99
N SER B 671 -2.73 19.67 7.27
CA SER B 671 -1.93 20.43 6.33
C SER B 671 -0.54 19.76 6.36
N ILE B 672 0.08 19.53 5.20
CA ILE B 672 1.40 18.90 5.04
C ILE B 672 2.37 20.02 4.74
N ILE B 673 3.35 20.19 5.62
CA ILE B 673 4.23 21.36 5.62
C ILE B 673 5.70 21.01 5.55
N VAL B 674 6.49 21.68 4.69
CA VAL B 674 7.92 21.44 4.64
C VAL B 674 8.54 22.24 5.78
N ASP B 675 9.34 21.60 6.62
CA ASP B 675 9.98 22.23 7.76
C ASP B 675 10.98 23.26 7.23
N ILE B 676 10.97 24.50 7.79
CA ILE B 676 11.88 25.56 7.34
C ILE B 676 13.34 25.21 7.62
N ARG B 677 13.62 24.33 8.60
CA ARG B 677 14.96 23.87 8.90
C ARG B 677 15.52 23.03 7.73
N TYR B 678 14.63 22.23 7.09
CA TYR B 678 14.98 21.44 5.93
C TYR B 678 15.19 22.35 4.69
N VAL B 679 14.40 23.42 4.56
CA VAL B 679 14.56 24.41 3.48
C VAL B 679 15.97 25.03 3.57
N LEU B 680 16.36 25.48 4.78
CA LEU B 680 17.68 26.08 4.98
C LEU B 680 18.82 25.08 4.82
N LEU B 681 18.63 23.84 5.27
CA LEU B 681 19.62 22.79 5.07
C LEU B 681 19.86 22.58 3.55
N VAL B 682 18.79 22.59 2.73
CA VAL B 682 18.94 22.39 1.30
C VAL B 682 19.63 23.60 0.63
N ILE B 683 19.20 24.83 0.95
CA ILE B 683 19.83 26.07 0.43
C ILE B 683 21.34 26.05 0.75
N ASP B 684 21.70 25.74 2.00
CA ASP B 684 23.06 25.71 2.53
C ASP B 684 23.92 24.54 2.00
N LYS B 685 23.57 23.30 2.33
CA LYS B 685 24.38 22.13 2.01
C LYS B 685 24.19 21.55 0.62
N VAL B 686 23.10 21.87 -0.06
CA VAL B 686 22.86 21.34 -1.40
C VAL B 686 23.12 22.43 -2.45
N GLY B 687 22.55 23.61 -2.22
CA GLY B 687 22.71 24.73 -3.13
C GLY B 687 23.98 25.53 -2.93
N GLY B 688 24.50 25.53 -1.70
CA GLY B 688 25.69 26.30 -1.34
C GLY B 688 25.47 27.80 -1.48
N CYS B 689 24.21 28.25 -1.39
CA CYS B 689 23.85 29.64 -1.58
C CYS B 689 23.77 30.44 -0.28
N GLN B 690 24.94 30.65 0.34
CA GLN B 690 25.11 31.35 1.61
C GLN B 690 24.51 32.76 1.65
N ARG B 691 24.55 33.49 0.53
CA ARG B 691 24.01 34.85 0.48
C ARG B 691 22.51 34.90 0.81
N LEU B 692 21.78 33.81 0.53
CA LEU B 692 20.34 33.78 0.82
C LEU B 692 20.11 33.61 2.32
N LEU B 693 20.94 32.80 2.97
CA LEU B 693 20.89 32.59 4.40
C LEU B 693 21.25 33.91 5.11
N ASP B 694 22.32 34.58 4.64
CA ASP B 694 22.79 35.85 5.19
C ASP B 694 21.77 36.99 5.09
N GLU B 695 20.97 37.05 4.00
CA GLU B 695 19.98 38.11 3.88
C GLU B 695 18.70 37.87 4.68
N MET B 696 18.47 36.61 5.12
CA MET B 696 17.33 36.30 5.96
C MET B 696 17.64 36.69 7.41
N ASN B 697 16.59 36.93 8.21
CA ASN B 697 16.76 37.19 9.63
C ASN B 697 16.42 35.92 10.38
N ILE B 698 17.44 35.14 10.72
CA ILE B 698 17.30 33.85 11.39
C ILE B 698 17.38 34.01 12.91
N VAL B 699 16.32 33.59 13.62
CA VAL B 699 16.27 33.67 15.08
C VAL B 699 16.68 32.33 15.69
N PRO B 700 17.60 32.35 16.67
CA PRO B 700 18.09 31.10 17.27
C PRO B 700 17.02 30.17 17.88
CAH 2L1 C . 5.58 -4.57 2.31
CAG 2L1 C . 4.52 -5.58 1.93
CAN 2L1 C . 5.00 -6.99 2.20
CAD 2L1 C . 4.15 -7.99 2.68
CAB 2L1 C . 4.64 -9.27 2.88
CAC 2L1 C . 5.94 -9.56 2.56
CAE 2L1 C . 6.79 -8.57 2.09
CAO 2L1 C . 6.32 -7.28 1.91
CAI 2L1 C . 7.12 -6.20 1.26
NAQ 2L1 C . 6.95 -4.86 1.85
CAJ 2L1 C . 7.47 -3.76 1.03
CAP 2L1 C . 8.62 -4.03 0.10
NAL 2L1 C . 8.41 -4.16 -1.27
CAF 2L1 C . 9.61 -4.34 -1.80
NAK 2L1 C . 10.57 -4.31 -0.84
CAM 2L1 C . 9.95 -4.11 0.36
CAA 2L1 C . 10.73 -4.00 1.64
CL CL D . 41.94 -27.76 17.85
CL CL E . 15.97 -4.95 15.09
CAH 2L1 F . -7.61 6.79 -0.78
CAG 2L1 F . -7.47 7.88 -1.81
CAN 2L1 F . -6.04 8.30 -1.99
CAD 2L1 F . -5.73 9.46 -2.69
CAB 2L1 F . -4.42 9.87 -2.85
CAC 2L1 F . -3.41 9.07 -2.37
CAE 2L1 F . -3.69 7.90 -1.71
CAO 2L1 F . -5.00 7.50 -1.51
CAI 2L1 F . -5.29 6.21 -0.77
NAQ 2L1 F . -6.64 5.71 -1.04
CAJ 2L1 F . -6.99 4.51 -0.26
CAP 2L1 F . -8.22 3.91 -0.87
NAL 2L1 F . -8.15 3.10 -1.99
CAF 2L1 F . -9.40 2.79 -2.29
NAK 2L1 F . -10.27 3.35 -1.43
CAM 2L1 F . -9.54 4.06 -0.51
CAA 2L1 F . -10.19 4.82 0.61
CL CL G . 5.52 45.93 0.43
#